data_8FX4
#
_entry.id   8FX4
#
_cell.length_a   1.00
_cell.length_b   1.00
_cell.length_c   1.00
_cell.angle_alpha   90.00
_cell.angle_beta   90.00
_cell.angle_gamma   90.00
#
_symmetry.space_group_name_H-M   'P 1'
#
loop_
_entity.id
_entity.type
_entity.pdbx_description
1 polymer 'Heat shock protein HSP 90-beta'
2 polymer 'Hsp90 co-chaperone Cdc37'
3 polymer 'Guanylyl cyclase C'
4 non-polymer "ADENOSINE-5'-TRIPHOSPHATE"
#
loop_
_entity_poly.entity_id
_entity_poly.type
_entity_poly.pdbx_seq_one_letter_code
_entity_poly.pdbx_strand_id
1 'polypeptide(L)'
;MPEEVHHGEEEVETFAFQAEIAQLMSLIINTFYSNKEIFLRELISNASDALDKIRYESLTDPSKLDSGKELKIDIIPNPQ
ERTLTLVDTGIGMTKADLINNLGTIAKSGTKAFMEALQAGADISMIGQFGVGFYSAYLVAEKVVVITKHNDDEQYAWESS
AGGSFTVRADHGEPIGRGTKVILHLKEDQTEYLEERRVKEVVKKHSQFIGYPITLYLEKEREKEISDDEAEEEKGEKEEE
DKDDEEKPKIEDVGSDEEDDSGKDKKKKTKKIKEKYIDQEELNKTKPIWTRNPDDITQEEYGEFYKSLTNDWEDHLAVKH
FSVEGQLEFRALLFIPRRAPFDLFENKKKKNNIKLYVRRVFIMDSCDELIPEYLNFIRGVVDSEDLPLNISREMLQQSKI
LKVIRKNIVKKCLELFSELAEDKENYKKFYEAFSKNLKLGIHEDSTNRRRLSELLRYHTSQSGDEMTSLSEYVSRMKETQ
KSIYYITGESKEQVANSAFVERVRKRGFEVVYMTEPIDEYCVQQLKEFDGKSLVSVTKEGLELPEDEEEKKKMEESKAKF
ENLCKLMKEILDKKVEKVTISNRLVSSPCCIVTSTYGWTANMERIMKAQALRDNSTMGYMMAKKHLEINPDHPIVETLRQ
KAEADKNDKAVKDLVVLLFETALLSSGFSLEDPQTHSNRIYRMIKLGLGIDEDEVTAEEPSAAVPDEIPPLEGDEDASRM
EEVD
;
A,B
2 'polypeptide(L)'
;MVDYSVWDHIEVSDDEDETHPNIDTASLFRWRHQARVERMEQFQKEKEELDRGCRECKRKVAECQRKLRELEVAEGGGQV
ELERLRAEAQQLRKEERSWEQKLEDMRKKEKSMPWNVDTLSKDGFSKSIVNIKPEKAEEDSEEAREQKHKTFVEKYEKQI
KHFGMLHRWDDSQKYLSDNVHLVCEETANYLVIWCIDLEVEEKCALMEQVAHQTMVMQFILELAKSLKVDPRACFRQFFT
KIKTADQQYMEGFKYELEAFKERVRGRAKLRIEKAMKEYEEEERKKRLGPGGLDPVEVYESLPEELQKCFDVKDVQMLQD
AISKMDPTDAKFHMQRCIDSGLWVPNSKSGEAKEGEEAGPGDPLLEAVPKAGNEKDVSA
;
C
3 'polypeptide(L)'
;DYKDDDDKGSLEVLFQGPGRMKQLEDKVEELLSKNYHLENEVARLKKLVGERKLPNDITGRGPQILMIAVFTLTGAVVLL
LLVALLMLRKYRKDYELRQKKWSHIPPENIFPLETNETNHVSLKIDDDKRRDTIQRLRQCKYDKKRVILKDLKHNDGNFT
EKQKIELNKLLQIDYYNLTKFYGTVKLDTMIFGVIEYCERGSLREVLNDTISYPDGTFMDWEFKISVLYDIAKGMSYLHS
SKTEVHGRLKSTNCVVDSRMVVKITDFGCNSILPPKKDLWTAPEHLRQANISQKGDVYSYGIIAQEIILRKETFYTLSCR
DRNEKIFRVENSNGMKPFRPDLFLETAEEKELEVYLLVKNCWEEDPEKRPDFKKIETTLAKIFGLFHDQKNESYMDTLIR
RLQLYSRNLEHLVEERTQLYKAERDRADRLNFMLLPRLVVKSLKEKGFVEPELYEEVTIYFSDIVGFTTICKYSTPMEVV
DMLNDIYKSFDHIVDHHDVYKVETIGDAYMVASGLPKRNGNRHAIDIAKMALEILSFMGTFELEHLPGLPIWIRIGVHSG
PCAAGVVGIKMPRYCLFGDTVNTASRMESTGLPLRIHVSGSTIAILKRTECQFLYEVRGETYLKGRGNETTYWLTGMKDQ
KFNLPTPPTVENQQRLQAEFSDMIANSLQKRQAAGIRSQKPRRVASYKKGTLEYLQLNTTDKESTYFAAALEVLFQGPGA
AEDQVDPRLIDGKHHHHHHHH
;
D
#
# COMPACT_ATOMS: atom_id res chain seq x y z
N GLU A 11 23.28 20.11 59.80
CA GLU A 11 24.28 20.32 58.76
C GLU A 11 23.84 19.69 57.44
N VAL A 12 24.24 20.30 56.33
CA VAL A 12 23.87 19.83 55.00
C VAL A 12 24.79 20.46 53.97
N GLU A 13 25.02 19.77 52.86
CA GLU A 13 25.91 20.23 51.81
C GLU A 13 25.14 20.39 50.50
N THR A 14 25.74 21.11 49.56
CA THR A 14 25.13 21.35 48.25
C THR A 14 26.24 21.31 47.20
N PHE A 15 26.30 20.21 46.46
CA PHE A 15 27.30 20.03 45.41
C PHE A 15 26.71 20.42 44.06
N ALA A 16 27.47 20.12 43.00
CA ALA A 16 27.03 20.33 41.63
C ALA A 16 27.18 19.03 40.84
N PHE A 17 26.46 18.95 39.73
CA PHE A 17 26.48 17.75 38.91
C PHE A 17 27.83 17.55 38.25
N GLN A 18 28.11 16.30 37.86
CA GLN A 18 29.31 15.96 37.12
C GLN A 18 28.93 15.00 35.99
N ALA A 19 29.75 14.97 34.96
CA ALA A 19 29.47 14.18 33.77
C ALA A 19 30.71 13.39 33.35
N GLU A 20 30.48 12.19 32.82
CA GLU A 20 31.53 11.38 32.24
C GLU A 20 31.71 11.74 30.78
N ILE A 21 32.93 11.55 30.27
CA ILE A 21 33.27 12.04 28.93
C ILE A 21 33.20 10.93 27.89
N ALA A 22 33.83 9.78 28.16
CA ALA A 22 33.95 8.74 27.15
C ALA A 22 32.59 8.18 26.75
N GLN A 23 31.76 7.82 27.72
CA GLN A 23 30.45 7.27 27.40
C GLN A 23 29.55 8.32 26.76
N LEU A 24 29.68 9.59 27.17
CA LEU A 24 28.91 10.65 26.54
C LEU A 24 29.28 10.78 25.06
N MET A 25 30.58 10.74 24.75
CA MET A 25 30.99 10.81 23.35
C MET A 25 30.51 9.60 22.57
N SER A 26 30.61 8.40 23.16
CA SER A 26 30.14 7.20 22.47
C SER A 26 28.65 7.29 22.19
N LEU A 27 27.87 7.78 23.14
CA LEU A 27 26.44 7.96 22.94
C LEU A 27 26.17 8.96 21.83
N ILE A 28 26.90 10.09 21.82
CA ILE A 28 26.60 11.12 20.85
C ILE A 28 27.04 10.71 19.44
N ILE A 29 27.96 9.76 19.30
CA ILE A 29 28.36 9.36 17.95
C ILE A 29 27.53 8.17 17.46
N ASN A 30 27.40 7.11 18.26
CA ASN A 30 27.02 5.81 17.72
C ASN A 30 25.53 5.49 17.82
N THR A 31 24.74 6.25 18.58
CA THR A 31 23.35 5.83 18.80
C THR A 31 22.38 7.00 18.77
N PHE A 32 22.63 8.01 17.93
CA PHE A 32 21.78 9.19 17.88
C PHE A 32 21.03 9.37 16.56
N TYR A 33 21.59 8.93 15.44
CA TYR A 33 21.02 9.22 14.14
C TYR A 33 20.50 7.96 13.45
N SER A 34 19.68 8.17 12.42
CA SER A 34 19.00 7.09 11.73
C SER A 34 19.54 6.83 10.33
N ASN A 35 20.61 7.51 9.93
CA ASN A 35 21.21 7.32 8.62
C ASN A 35 22.62 7.89 8.65
N LYS A 36 23.29 7.85 7.49
CA LYS A 36 24.68 8.29 7.39
C LYS A 36 24.88 9.37 6.34
N GLU A 37 23.82 9.90 5.75
CA GLU A 37 23.93 10.96 4.76
C GLU A 37 23.90 12.37 5.37
N ILE A 38 23.69 12.46 6.69
CA ILE A 38 23.53 13.77 7.33
C ILE A 38 24.85 14.54 7.39
N PHE A 39 25.98 13.84 7.37
CA PHE A 39 27.26 14.47 7.69
C PHE A 39 27.65 15.56 6.70
N LEU A 40 27.33 15.38 5.41
CA LEU A 40 27.48 16.48 4.47
C LEU A 40 26.57 17.65 4.81
N ARG A 41 25.32 17.35 5.15
CA ARG A 41 24.33 18.41 5.40
C ARG A 41 24.76 19.28 6.59
N GLU A 42 25.29 18.65 7.63
CA GLU A 42 25.67 19.41 8.83
C GLU A 42 26.74 20.45 8.50
N LEU A 43 27.80 20.05 7.81
CA LEU A 43 28.87 20.98 7.49
C LEU A 43 28.42 22.03 6.48
N ILE A 44 27.61 21.62 5.48
CA ILE A 44 27.13 22.58 4.50
C ILE A 44 26.30 23.66 5.18
N SER A 45 25.45 23.26 6.13
CA SER A 45 24.69 24.24 6.91
C SER A 45 25.62 25.12 7.76
N ASN A 46 26.60 24.49 8.42
CA ASN A 46 27.43 25.14 9.43
C ASN A 46 28.49 26.05 8.78
N ALA A 47 28.59 26.05 7.45
CA ALA A 47 29.36 27.10 6.78
C ALA A 47 28.57 28.40 6.57
N SER A 48 27.28 28.27 6.22
CA SER A 48 26.49 29.45 5.85
C SER A 48 26.31 30.41 7.02
N ASP A 49 26.20 29.89 8.25
CA ASP A 49 26.03 30.78 9.39
C ASP A 49 27.25 31.68 9.56
N ALA A 50 28.45 31.11 9.44
CA ALA A 50 29.66 31.91 9.53
C ALA A 50 29.74 32.91 8.38
N LEU A 51 29.28 32.51 7.19
CA LEU A 51 29.18 33.47 6.09
C LEU A 51 28.30 34.65 6.47
N ASP A 52 27.16 34.37 7.10
CA ASP A 52 26.25 35.42 7.52
C ASP A 52 26.88 36.32 8.56
N LYS A 53 27.63 35.73 9.51
CA LYS A 53 28.33 36.56 10.49
C LYS A 53 29.34 37.48 9.81
N ILE A 54 30.06 36.97 8.82
CA ILE A 54 30.99 37.82 8.07
C ILE A 54 30.24 38.99 7.46
N ARG A 55 29.14 38.70 6.76
CA ARG A 55 28.42 39.77 6.07
C ARG A 55 27.89 40.80 7.06
N TYR A 56 27.29 40.35 8.16
CA TYR A 56 26.70 41.28 9.12
C TYR A 56 27.77 42.14 9.78
N GLU A 57 28.91 41.54 10.16
CA GLU A 57 29.98 42.34 10.76
C GLU A 57 30.57 43.31 9.75
N SER A 58 30.62 42.93 8.47
CA SER A 58 31.11 43.83 7.45
C SER A 58 30.12 44.93 7.10
N LEU A 59 28.84 44.77 7.49
CA LEU A 59 27.85 45.78 7.18
C LEU A 59 28.20 47.14 7.78
N THR A 60 28.89 47.16 8.93
CA THR A 60 29.22 48.40 9.60
C THR A 60 30.64 48.88 9.33
N ASP A 61 31.59 47.96 9.13
CA ASP A 61 32.99 48.34 8.97
C ASP A 61 33.42 48.15 7.51
N PRO A 62 33.57 49.23 6.74
CA PRO A 62 34.07 49.09 5.36
C PRO A 62 35.51 48.61 5.28
N SER A 63 36.32 48.84 6.31
CA SER A 63 37.73 48.48 6.26
C SER A 63 37.95 46.99 6.13
N LYS A 64 36.94 46.18 6.43
CA LYS A 64 37.04 44.73 6.22
C LYS A 64 36.90 44.34 4.76
N LEU A 65 36.90 45.31 3.86
CA LEU A 65 36.83 45.07 2.42
C LEU A 65 38.19 44.88 1.78
N ASP A 66 39.26 44.89 2.57
CA ASP A 66 40.63 44.82 2.04
C ASP A 66 41.29 43.48 2.32
N SER A 67 40.51 42.45 2.66
CA SER A 67 41.04 41.13 2.90
C SER A 67 40.39 40.04 2.05
N GLY A 68 39.45 40.41 1.18
CA GLY A 68 38.77 39.43 0.35
C GLY A 68 37.38 39.88 -0.05
N LYS A 69 36.99 39.60 -1.29
CA LYS A 69 35.70 40.01 -1.82
C LYS A 69 34.83 38.84 -2.24
N GLU A 70 35.33 37.61 -2.16
CA GLU A 70 34.59 36.43 -2.57
C GLU A 70 34.14 35.65 -1.34
N LEU A 71 32.89 35.18 -1.37
CA LEU A 71 32.28 34.51 -0.21
C LEU A 71 31.54 33.29 -0.74
N LYS A 72 32.23 32.15 -0.79
CA LYS A 72 31.67 30.93 -1.38
C LYS A 72 32.04 29.75 -0.48
N ILE A 73 31.85 28.55 -1.01
CA ILE A 73 32.22 27.30 -0.32
C ILE A 73 32.54 26.26 -1.38
N ASP A 74 33.69 25.61 -1.26
CA ASP A 74 34.16 24.65 -2.25
C ASP A 74 34.37 23.28 -1.62
N ILE A 75 34.16 22.24 -2.42
CA ILE A 75 34.31 20.85 -2.01
C ILE A 75 35.26 20.16 -2.98
N ILE A 76 36.31 19.55 -2.46
CA ILE A 76 37.31 18.87 -3.28
C ILE A 76 37.46 17.43 -2.80
N PRO A 77 37.13 16.43 -3.60
CA PRO A 77 37.49 15.05 -3.26
C PRO A 77 38.85 14.65 -3.83
N ASN A 78 39.40 13.57 -3.27
CA ASN A 78 40.65 13.06 -3.80
C ASN A 78 40.79 11.55 -3.58
N PRO A 79 40.78 10.75 -4.65
CA PRO A 79 40.96 9.33 -4.51
C PRO A 79 42.35 8.67 -4.57
N GLN A 80 43.41 9.33 -5.05
CA GLN A 80 44.75 8.80 -4.82
C GLN A 80 45.08 8.74 -3.34
N GLU A 81 44.85 9.83 -2.62
CA GLU A 81 45.18 9.91 -1.20
C GLU A 81 43.98 9.66 -0.29
N ARG A 82 42.79 9.45 -0.85
CA ARG A 82 41.58 9.14 -0.08
C ARG A 82 41.29 10.24 0.96
N THR A 83 41.07 11.45 0.46
CA THR A 83 40.82 12.60 1.32
C THR A 83 39.60 13.37 0.83
N LEU A 84 38.96 14.09 1.75
CA LEU A 84 37.91 15.03 1.40
C LEU A 84 38.23 16.38 2.00
N THR A 85 38.02 17.46 1.24
CA THR A 85 38.30 18.80 1.73
C THR A 85 37.08 19.68 1.53
N LEU A 86 36.68 20.39 2.59
CA LEU A 86 35.66 21.42 2.52
C LEU A 86 36.33 22.74 2.86
N VAL A 87 36.44 23.64 1.88
CA VAL A 87 37.13 24.90 2.03
C VAL A 87 36.08 26.00 2.06
N ASP A 88 36.13 26.83 3.10
CA ASP A 88 35.21 27.95 3.23
C ASP A 88 36.03 29.20 3.53
N THR A 89 35.40 30.36 3.32
CA THR A 89 36.03 31.64 3.58
C THR A 89 35.33 32.33 4.76
N GLY A 90 35.05 31.56 5.81
CA GLY A 90 34.33 32.05 6.96
C GLY A 90 35.18 32.93 7.86
N ILE A 91 34.52 33.43 8.92
CA ILE A 91 35.17 34.39 9.81
C ILE A 91 36.31 33.73 10.57
N GLY A 92 36.15 32.46 10.92
CA GLY A 92 37.19 31.74 11.62
C GLY A 92 37.21 32.03 13.11
N MET A 93 38.19 31.44 13.79
CA MET A 93 38.33 31.55 15.23
C MET A 93 39.79 31.84 15.58
N THR A 94 39.99 32.34 16.78
CA THR A 94 41.32 32.56 17.33
C THR A 94 41.67 31.41 18.28
N LYS A 95 42.78 31.57 19.00
CA LYS A 95 43.24 30.52 19.91
C LYS A 95 42.21 30.24 20.99
N ALA A 96 41.63 31.31 21.57
CA ALA A 96 40.70 31.14 22.67
C ALA A 96 39.47 30.34 22.25
N ASP A 97 38.85 30.72 21.12
CA ASP A 97 37.65 30.02 20.68
C ASP A 97 37.97 28.59 20.25
N LEU A 98 39.09 28.40 19.55
CA LEU A 98 39.44 27.05 19.10
C LEU A 98 39.68 26.12 20.30
N ILE A 99 40.35 26.63 21.33
CA ILE A 99 40.57 25.82 22.54
C ILE A 99 39.36 25.79 23.45
N ASN A 100 38.34 26.62 23.18
CA ASN A 100 37.20 26.77 24.05
C ASN A 100 35.91 26.24 23.42
N ASN A 101 35.57 26.72 22.22
CA ASN A 101 34.26 26.40 21.65
C ASN A 101 34.23 24.98 21.08
N LEU A 102 35.20 24.66 20.22
CA LEU A 102 35.18 23.37 19.53
C LEU A 102 35.55 22.22 20.46
N GLY A 103 36.41 22.47 21.44
CA GLY A 103 36.93 21.42 22.29
C GLY A 103 36.01 20.95 23.41
N THR A 104 34.83 21.54 23.56
CA THR A 104 33.90 21.17 24.61
C THR A 104 32.55 20.81 24.02
N ILE A 105 31.77 20.06 24.78
CA ILE A 105 30.47 19.55 24.34
C ILE A 105 29.38 20.52 24.77
N ALA A 106 28.49 20.86 23.83
CA ALA A 106 27.29 21.64 24.11
C ALA A 106 27.63 23.05 24.62
N LYS A 107 28.43 23.76 23.84
CA LYS A 107 28.70 25.18 24.08
C LYS A 107 28.71 25.85 22.71
N SER A 108 27.57 26.43 22.33
CA SER A 108 27.37 26.96 21.00
C SER A 108 27.68 28.45 20.97
N GLY A 109 28.61 28.85 20.09
CA GLY A 109 28.88 30.26 19.90
C GLY A 109 27.80 30.99 19.12
N THR A 110 26.99 30.25 18.35
CA THR A 110 25.93 30.90 17.59
C THR A 110 24.92 31.56 18.50
N LYS A 111 24.47 30.84 19.54
CA LYS A 111 23.50 31.40 20.47
C LYS A 111 24.08 32.61 21.21
N ALA A 112 25.34 32.51 21.63
CA ALA A 112 25.97 33.64 22.32
C ALA A 112 26.07 34.86 21.42
N PHE A 113 26.46 34.65 20.16
CA PHE A 113 26.53 35.77 19.23
C PHE A 113 25.15 36.37 18.96
N MET A 114 24.12 35.52 18.87
CA MET A 114 22.76 36.02 18.66
C MET A 114 22.28 36.83 19.84
N GLU A 115 22.57 36.37 21.07
CA GLU A 115 22.05 37.04 22.25
C GLU A 115 22.82 38.32 22.56
N ALA A 116 24.13 38.32 22.33
CA ALA A 116 24.94 39.47 22.71
C ALA A 116 24.51 40.73 21.97
N LEU A 117 24.04 40.59 20.73
CA LEU A 117 23.63 41.72 19.90
C LEU A 117 22.15 41.55 19.55
N GLN A 118 21.37 42.60 19.81
CA GLN A 118 19.91 42.51 19.66
C GLN A 118 19.28 43.86 19.35
N ALA A 119 17.96 43.97 19.55
CA ALA A 119 17.19 45.19 19.38
C ALA A 119 17.20 45.67 17.94
N GLY A 120 16.76 44.83 17.01
CA GLY A 120 16.64 45.22 15.62
C GLY A 120 17.64 44.56 14.69
N ALA A 121 17.98 43.30 14.98
CA ALA A 121 18.85 42.55 14.09
C ALA A 121 18.02 41.68 13.16
N ASP A 122 18.63 41.14 12.11
CA ASP A 122 17.90 40.26 11.20
C ASP A 122 18.79 39.16 10.64
N ILE A 123 18.82 38.02 11.36
CA ILE A 123 19.56 36.82 10.99
C ILE A 123 19.02 35.68 11.83
N SER A 124 18.93 34.49 11.24
CA SER A 124 18.51 33.29 11.97
C SER A 124 19.53 32.19 11.67
N MET A 125 20.59 32.16 12.47
CA MET A 125 21.62 31.14 12.29
C MET A 125 21.10 29.76 12.65
N ILE A 126 21.55 28.77 11.89
CA ILE A 126 21.04 27.41 12.01
C ILE A 126 21.78 26.69 13.13
N GLY A 127 21.02 26.13 14.07
CA GLY A 127 21.63 25.30 15.11
C GLY A 127 21.74 25.98 16.46
N GLN A 128 21.24 25.32 17.50
CA GLN A 128 21.36 25.82 18.87
C GLN A 128 21.83 24.78 19.87
N PHE A 129 21.74 23.49 19.55
CA PHE A 129 22.15 22.45 20.50
C PHE A 129 23.65 22.53 20.77
N GLY A 130 24.45 22.61 19.71
CA GLY A 130 25.90 22.63 19.85
C GLY A 130 26.57 21.29 19.87
N VAL A 131 25.90 20.23 19.40
CA VAL A 131 26.45 18.88 19.42
C VAL A 131 26.42 18.28 18.03
N GLY A 132 26.54 19.13 17.00
CA GLY A 132 26.40 18.68 15.63
C GLY A 132 27.68 18.38 14.88
N PHE A 133 28.73 19.16 15.12
CA PHE A 133 29.96 19.03 14.34
C PHE A 133 30.56 17.64 14.46
N TYR A 134 30.44 17.02 15.63
CA TYR A 134 31.01 15.70 15.85
C TYR A 134 30.41 14.63 14.94
N SER A 135 29.32 14.95 14.24
CA SER A 135 28.78 14.02 13.25
C SER A 135 29.77 13.74 12.14
N ALA A 136 30.81 14.57 12.00
CA ALA A 136 31.87 14.27 11.04
C ALA A 136 32.56 12.95 11.35
N TYR A 137 32.45 12.46 12.58
CA TYR A 137 33.01 11.16 12.94
C TYR A 137 32.12 10.00 12.54
N LEU A 138 31.02 10.26 11.84
CA LEU A 138 30.11 9.18 11.45
C LEU A 138 30.74 8.30 10.37
N VAL A 139 31.47 8.89 9.44
CA VAL A 139 31.97 8.18 8.26
C VAL A 139 33.48 8.15 8.17
N ALA A 140 34.20 8.87 9.01
CA ALA A 140 35.64 9.06 8.84
C ALA A 140 36.41 8.53 10.05
N GLU A 141 37.72 8.76 10.03
CA GLU A 141 38.63 8.24 11.05
C GLU A 141 39.52 9.32 11.64
N LYS A 142 39.89 10.34 10.87
CA LYS A 142 40.64 11.49 11.39
C LYS A 142 40.06 12.79 10.83
N VAL A 143 39.99 13.80 11.70
CA VAL A 143 39.50 15.13 11.33
C VAL A 143 40.63 16.13 11.58
N VAL A 144 40.78 17.09 10.66
CA VAL A 144 41.71 18.18 10.88
C VAL A 144 41.09 19.48 10.39
N VAL A 145 41.32 20.56 11.14
CA VAL A 145 40.75 21.87 10.85
C VAL A 145 41.89 22.88 10.80
N ILE A 146 41.92 23.68 9.73
CA ILE A 146 42.90 24.74 9.56
C ILE A 146 42.16 26.07 9.61
N THR A 147 42.62 26.98 10.48
CA THR A 147 41.89 28.20 10.75
C THR A 147 42.84 29.38 10.92
N LYS A 148 42.49 30.51 10.30
CA LYS A 148 43.21 31.77 10.48
C LYS A 148 42.16 32.87 10.37
N HIS A 149 41.80 33.46 11.52
CA HIS A 149 40.60 34.31 11.53
C HIS A 149 40.89 35.73 11.07
N ASN A 150 41.57 36.56 11.89
CA ASN A 150 42.07 37.82 11.36
C ASN A 150 43.29 38.38 12.06
N ASP A 151 43.83 37.75 13.11
CA ASP A 151 44.81 38.42 13.95
C ASP A 151 46.17 37.75 13.95
N ASP A 152 46.25 36.47 14.31
CA ASP A 152 47.52 35.78 14.47
C ASP A 152 47.74 34.82 13.30
N GLU A 153 48.83 34.06 13.39
CA GLU A 153 49.12 33.07 12.36
C GLU A 153 48.04 32.00 12.34
N GLN A 154 48.12 31.13 11.34
CA GLN A 154 47.16 30.04 11.24
C GLN A 154 47.41 29.01 12.32
N TYR A 155 46.35 28.28 12.67
CA TYR A 155 46.42 27.19 13.63
C TYR A 155 45.75 25.95 13.05
N ALA A 156 46.23 24.80 13.48
CA ALA A 156 45.71 23.51 13.05
C ALA A 156 45.22 22.72 14.25
N TRP A 157 44.13 21.98 14.06
CA TRP A 157 43.52 21.17 15.10
C TRP A 157 43.28 19.78 14.55
N GLU A 158 43.92 18.78 15.17
CA GLU A 158 43.86 17.41 14.70
C GLU A 158 43.24 16.53 15.78
N SER A 159 42.32 15.66 15.36
CA SER A 159 41.65 14.79 16.31
C SER A 159 41.24 13.49 15.64
N SER A 160 41.05 12.46 16.48
CA SER A 160 40.58 11.16 16.02
C SER A 160 39.58 10.54 16.97
N ALA A 161 38.90 11.35 17.79
CA ALA A 161 37.88 10.87 18.73
C ALA A 161 38.43 9.80 19.65
N GLY A 162 39.65 10.01 20.15
CA GLY A 162 40.28 9.04 21.02
C GLY A 162 40.17 9.38 22.50
N GLY A 163 40.27 10.66 22.83
CA GLY A 163 40.25 11.09 24.20
C GLY A 163 41.22 12.23 24.46
N SER A 164 42.00 12.58 23.45
CA SER A 164 42.92 13.70 23.53
C SER A 164 43.12 14.27 22.13
N PHE A 165 42.95 15.57 21.99
CA PHE A 165 43.10 16.26 20.71
C PHE A 165 44.44 17.01 20.70
N THR A 166 44.86 17.40 19.49
CA THR A 166 46.14 18.07 19.30
C THR A 166 45.93 19.42 18.63
N VAL A 167 46.64 20.43 19.13
CA VAL A 167 46.65 21.77 18.56
C VAL A 167 48.07 22.09 18.11
N ARG A 168 48.20 22.66 16.92
CA ARG A 168 49.50 22.87 16.30
C ARG A 168 49.56 24.27 15.70
N ALA A 169 50.77 24.82 15.66
CA ALA A 169 51.01 26.16 15.15
C ALA A 169 51.03 26.16 13.62
N ASP A 170 51.51 27.24 13.03
CA ASP A 170 51.50 27.41 11.58
C ASP A 170 52.23 26.27 10.87
N HIS A 171 51.60 25.76 9.80
CA HIS A 171 52.17 24.71 8.98
C HIS A 171 52.91 25.23 7.76
N GLY A 172 52.98 26.54 7.58
CA GLY A 172 53.69 27.11 6.45
C GLY A 172 52.89 27.23 5.17
N GLU A 173 51.59 26.95 5.20
CA GLU A 173 50.75 27.10 4.02
C GLU A 173 50.19 28.52 3.98
N PRO A 174 50.47 29.31 2.94
CA PRO A 174 50.03 30.71 2.94
C PRO A 174 48.55 30.81 2.60
N ILE A 175 47.77 31.38 3.52
CA ILE A 175 46.33 31.48 3.39
C ILE A 175 45.88 32.87 3.81
N GLY A 176 44.89 33.41 3.10
CA GLY A 176 44.37 34.73 3.41
C GLY A 176 43.36 34.74 4.54
N ARG A 177 42.33 33.89 4.46
CA ARG A 177 41.27 33.85 5.45
C ARG A 177 40.46 32.58 5.24
N GLY A 178 39.47 32.38 6.11
CA GLY A 178 38.58 31.24 5.99
C GLY A 178 39.00 30.05 6.83
N THR A 179 38.27 28.96 6.64
CA THR A 179 38.47 27.75 7.42
C THR A 179 38.39 26.53 6.51
N LYS A 180 39.32 25.60 6.69
CA LYS A 180 39.33 24.35 5.94
C LYS A 180 39.08 23.18 6.88
N VAL A 181 38.19 22.28 6.47
CA VAL A 181 37.92 21.05 7.19
C VAL A 181 38.32 19.89 6.29
N ILE A 182 39.28 19.09 6.74
CA ILE A 182 39.82 17.98 5.96
C ILE A 182 39.49 16.69 6.67
N LEU A 183 38.91 15.76 5.93
CA LEU A 183 38.36 14.51 6.45
C LEU A 183 39.14 13.35 5.85
N HIS A 184 39.60 12.43 6.71
CA HIS A 184 40.27 11.21 6.27
C HIS A 184 39.25 10.08 6.25
N LEU A 185 38.88 9.65 5.05
CA LEU A 185 37.82 8.68 4.86
C LEU A 185 38.26 7.29 5.35
N LYS A 186 37.27 6.47 5.72
CA LYS A 186 37.50 5.12 6.19
C LYS A 186 37.92 4.23 5.02
N GLU A 187 37.95 2.91 5.25
CA GLU A 187 38.43 2.00 4.22
C GLU A 187 37.31 1.58 3.26
N ASP A 188 36.10 1.37 3.76
CA ASP A 188 35.02 0.81 2.95
C ASP A 188 34.03 1.85 2.43
N GLN A 189 34.02 3.06 2.98
CA GLN A 189 33.03 4.07 2.61
C GLN A 189 33.38 4.81 1.32
N THR A 190 34.26 4.25 0.48
CA THR A 190 34.61 4.89 -0.78
C THR A 190 33.40 5.10 -1.68
N GLU A 191 32.25 4.52 -1.36
CA GLU A 191 31.03 4.79 -2.10
C GLU A 191 30.63 6.26 -2.01
N TYR A 192 31.15 6.99 -1.02
CA TYR A 192 30.95 8.43 -0.94
C TYR A 192 32.00 9.22 -1.71
N LEU A 193 32.66 8.58 -2.68
CA LEU A 193 33.69 9.23 -3.47
C LEU A 193 33.34 9.41 -4.94
N GLU A 194 32.52 8.55 -5.52
CA GLU A 194 32.24 8.70 -6.94
C GLU A 194 31.23 9.82 -7.16
N GLU A 195 31.05 10.18 -8.42
CA GLU A 195 30.43 11.48 -8.75
C GLU A 195 28.93 11.49 -8.51
N ARG A 196 28.27 10.34 -8.61
CA ARG A 196 26.80 10.31 -8.62
C ARG A 196 26.21 10.72 -7.27
N ARG A 197 26.66 10.08 -6.19
CA ARG A 197 26.03 10.28 -4.90
C ARG A 197 26.19 11.71 -4.41
N VAL A 198 27.21 12.42 -4.89
CA VAL A 198 27.39 13.81 -4.47
C VAL A 198 26.18 14.65 -4.89
N LYS A 199 25.82 14.62 -6.18
CA LYS A 199 24.65 15.41 -6.57
C LYS A 199 23.38 14.78 -6.04
N GLU A 200 23.36 13.46 -5.87
CA GLU A 200 22.15 12.83 -5.35
C GLU A 200 21.83 13.35 -3.96
N VAL A 201 22.85 13.43 -3.09
CA VAL A 201 22.65 13.91 -1.73
C VAL A 201 22.35 15.40 -1.71
N VAL A 202 23.17 16.20 -2.41
CA VAL A 202 22.95 17.64 -2.37
C VAL A 202 21.70 18.06 -3.13
N LYS A 203 21.06 17.14 -3.85
CA LYS A 203 19.84 17.45 -4.59
C LYS A 203 18.63 17.54 -3.67
N LYS A 204 18.72 16.96 -2.47
CA LYS A 204 17.56 16.84 -1.58
C LYS A 204 17.55 17.87 -0.46
N HIS A 205 18.67 18.02 0.26
CA HIS A 205 18.67 18.71 1.54
C HIS A 205 18.93 20.21 1.40
N SER A 206 20.07 20.59 0.82
CA SER A 206 20.60 21.94 0.94
C SER A 206 20.54 22.69 -0.39
N GLN A 207 19.43 22.56 -1.11
CA GLN A 207 19.28 23.28 -2.37
C GLN A 207 19.05 24.77 -2.14
N PHE A 208 18.20 25.12 -1.19
CA PHE A 208 17.80 26.52 -0.99
C PHE A 208 18.68 27.14 0.08
N ILE A 209 19.86 27.59 -0.34
CA ILE A 209 20.79 28.29 0.54
C ILE A 209 21.30 29.52 -0.21
N GLY A 210 21.48 30.61 0.53
CA GLY A 210 21.77 31.90 -0.07
C GLY A 210 23.22 32.15 -0.41
N TYR A 211 23.94 31.12 -0.84
CA TYR A 211 25.32 31.28 -1.28
C TYR A 211 25.61 30.28 -2.39
N PRO A 212 26.39 30.65 -3.39
CA PRO A 212 26.70 29.71 -4.47
C PRO A 212 27.57 28.56 -3.99
N ILE A 213 27.44 27.42 -4.66
CA ILE A 213 28.19 26.22 -4.36
C ILE A 213 28.76 25.66 -5.65
N THR A 214 30.05 25.33 -5.65
CA THR A 214 30.73 24.74 -6.79
C THR A 214 31.19 23.33 -6.46
N LEU A 215 31.78 22.67 -7.46
CA LEU A 215 32.25 21.30 -7.31
C LEU A 215 33.29 21.03 -8.39
N TYR A 216 34.50 20.71 -7.97
CA TYR A 216 35.60 20.43 -8.89
C TYR A 216 35.78 18.92 -9.06
N LEU A 217 35.96 18.50 -10.31
CA LEU A 217 36.26 17.10 -10.57
C LEU A 217 37.59 16.91 -11.29
N GLU A 218 37.79 17.59 -12.41
CA GLU A 218 38.93 17.29 -13.26
C GLU A 218 39.19 18.35 -14.33
N LYS A 219 40.09 18.02 -15.26
CA LYS A 219 40.41 18.84 -16.42
C LYS A 219 40.02 18.08 -17.68
N GLU A 220 40.45 18.56 -18.84
CA GLU A 220 40.22 17.84 -20.10
C GLU A 220 40.64 16.37 -19.99
N ASP A 278 36.13 25.18 -13.86
CA ASP A 278 34.99 24.95 -12.97
C ASP A 278 33.93 24.11 -13.67
N GLN A 279 33.13 23.40 -12.88
CA GLN A 279 32.08 22.55 -13.41
C GLN A 279 30.76 22.84 -12.72
N GLU A 280 29.78 21.96 -12.91
CA GLU A 280 28.40 22.14 -12.49
C GLU A 280 28.25 22.83 -11.12
N GLU A 281 27.52 23.94 -11.09
CA GLU A 281 27.18 24.61 -9.84
C GLU A 281 25.79 24.18 -9.40
N LEU A 282 25.74 23.36 -8.36
CA LEU A 282 24.48 22.77 -7.95
C LEU A 282 23.58 23.75 -7.21
N ASN A 283 23.22 24.85 -7.88
CA ASN A 283 22.23 25.82 -7.41
C ASN A 283 22.04 26.87 -8.51
N LYS A 284 20.79 27.17 -8.88
CA LYS A 284 20.54 28.23 -9.84
C LYS A 284 19.34 29.09 -9.46
N THR A 285 18.42 28.52 -8.69
CA THR A 285 17.11 29.12 -8.47
C THR A 285 17.05 29.74 -7.07
N LYS A 286 17.01 31.06 -7.02
CA LYS A 286 16.76 31.75 -5.76
C LYS A 286 15.27 31.67 -5.42
N PRO A 287 14.92 31.19 -4.22
CA PRO A 287 13.50 31.07 -3.87
C PRO A 287 12.79 32.41 -3.87
N ILE A 288 11.51 32.39 -4.27
CA ILE A 288 10.73 33.62 -4.40
C ILE A 288 9.71 33.82 -3.29
N TRP A 289 9.39 32.79 -2.51
CA TRP A 289 8.35 32.92 -1.50
C TRP A 289 8.73 33.93 -0.42
N THR A 290 10.02 34.22 -0.26
CA THR A 290 10.46 35.21 0.73
C THR A 290 10.12 36.64 0.31
N ARG A 291 9.68 36.85 -0.93
CA ARG A 291 9.42 38.19 -1.42
C ARG A 291 7.95 38.57 -1.25
N ASN A 292 7.67 39.84 -1.47
CA ASN A 292 6.30 40.36 -1.36
C ASN A 292 5.49 39.94 -2.58
N PRO A 293 4.37 39.25 -2.39
CA PRO A 293 3.56 38.81 -3.55
C PRO A 293 2.74 39.93 -4.16
N ASP A 294 3.43 40.99 -4.59
CA ASP A 294 2.76 42.13 -5.18
C ASP A 294 3.38 42.69 -6.46
N ASP A 295 4.62 42.35 -6.81
CA ASP A 295 5.18 42.65 -8.13
C ASP A 295 5.60 41.41 -8.91
N ILE A 296 5.11 40.23 -8.52
CA ILE A 296 5.42 39.01 -9.27
C ILE A 296 4.77 39.08 -10.66
N THR A 297 5.33 38.33 -11.60
CA THR A 297 4.79 38.22 -12.94
C THR A 297 4.67 36.75 -13.34
N GLN A 298 3.93 36.50 -14.41
CA GLN A 298 3.57 35.13 -14.76
C GLN A 298 4.79 34.33 -15.21
N GLU A 299 5.69 34.92 -15.99
CA GLU A 299 6.78 34.17 -16.57
C GLU A 299 7.76 33.66 -15.51
N GLU A 300 8.14 34.52 -14.56
CA GLU A 300 9.06 34.07 -13.52
C GLU A 300 8.41 32.99 -12.65
N TYR A 301 7.13 33.17 -12.33
CA TYR A 301 6.43 32.17 -11.55
C TYR A 301 6.40 30.84 -12.30
N GLY A 302 6.21 30.91 -13.62
CA GLY A 302 6.21 29.71 -14.42
C GLY A 302 7.56 29.00 -14.47
N GLU A 303 8.65 29.76 -14.60
CA GLU A 303 9.93 29.06 -14.69
C GLU A 303 10.33 28.50 -13.34
N PHE A 304 9.94 29.17 -12.25
CA PHE A 304 10.12 28.59 -10.92
C PHE A 304 9.32 27.30 -10.78
N TYR A 305 8.08 27.29 -11.28
CA TYR A 305 7.29 26.05 -11.30
C TYR A 305 8.04 24.96 -12.03
N LYS A 306 8.53 25.26 -13.23
CA LYS A 306 9.24 24.26 -14.03
C LYS A 306 10.47 23.75 -13.29
N SER A 307 11.18 24.63 -12.60
CA SER A 307 12.35 24.20 -11.85
C SER A 307 11.96 23.31 -10.68
N LEU A 308 10.85 23.62 -10.00
CA LEU A 308 10.51 22.90 -8.77
C LEU A 308 10.15 21.44 -9.03
N THR A 309 9.49 21.14 -10.14
CA THR A 309 9.05 19.79 -10.42
C THR A 309 9.40 19.41 -11.85
N ASN A 310 9.55 18.11 -12.08
CA ASN A 310 9.96 17.59 -13.38
C ASN A 310 8.75 17.48 -14.29
N ASP A 311 8.62 18.40 -15.24
CA ASP A 311 7.54 18.40 -16.21
C ASP A 311 7.96 19.28 -17.38
N TRP A 312 7.01 19.54 -18.29
CA TRP A 312 7.29 20.40 -19.44
C TRP A 312 6.15 21.35 -19.76
N GLU A 313 5.17 21.49 -18.88
CA GLU A 313 4.02 22.36 -19.12
C GLU A 313 4.01 23.52 -18.12
N ASP A 314 3.29 24.57 -18.49
CA ASP A 314 3.12 25.73 -17.63
C ASP A 314 2.06 25.47 -16.57
N HIS A 315 1.97 26.37 -15.61
CA HIS A 315 1.05 26.20 -14.49
C HIS A 315 -0.38 26.52 -14.92
N LEU A 316 -1.32 26.20 -14.02
CA LEU A 316 -2.74 26.48 -14.23
C LEU A 316 -3.23 27.61 -13.33
N ALA A 317 -3.04 27.48 -12.01
CA ALA A 317 -3.29 28.58 -11.09
C ALA A 317 -2.50 28.33 -9.81
N VAL A 318 -2.19 29.44 -9.13
CA VAL A 318 -1.34 29.45 -7.94
C VAL A 318 -2.02 30.27 -6.86
N LYS A 319 -1.55 30.08 -5.63
CA LYS A 319 -2.03 30.85 -4.48
C LYS A 319 -0.88 31.09 -3.52
N HIS A 320 -0.78 32.34 -3.06
CA HIS A 320 0.21 32.76 -2.09
C HIS A 320 -0.48 33.00 -0.75
N PHE A 321 0.12 32.45 0.31
CA PHE A 321 -0.55 32.40 1.60
C PHE A 321 0.44 32.83 2.69
N SER A 322 -0.04 33.61 3.66
CA SER A 322 0.81 34.07 4.74
C SER A 322 -0.04 34.38 5.95
N VAL A 323 0.33 33.83 7.11
CA VAL A 323 -0.32 34.11 8.38
C VAL A 323 0.70 34.64 9.36
N GLU A 324 0.40 35.79 9.94
CA GLU A 324 1.21 36.41 10.99
C GLU A 324 0.37 36.56 12.24
N GLY A 325 0.97 36.27 13.39
CA GLY A 325 0.26 36.31 14.65
C GLY A 325 0.94 35.47 15.71
N GLN A 326 0.19 34.57 16.35
CA GLN A 326 0.81 33.64 17.29
C GLN A 326 1.78 32.71 16.57
N LEU A 327 1.42 32.26 15.37
CA LEU A 327 2.28 31.44 14.53
C LEU A 327 2.41 32.10 13.17
N GLU A 328 3.64 32.43 12.78
CA GLU A 328 3.93 32.97 11.45
C GLU A 328 4.30 31.82 10.52
N PHE A 329 3.61 31.74 9.39
CA PHE A 329 3.99 30.75 8.38
C PHE A 329 3.45 31.16 7.01
N ARG A 330 4.24 30.87 5.99
CA ARG A 330 3.92 31.25 4.61
C ARG A 330 3.87 30.00 3.75
N ALA A 331 3.26 30.13 2.57
CA ALA A 331 3.05 28.97 1.72
C ALA A 331 2.79 29.39 0.28
N LEU A 332 3.22 28.54 -0.64
CA LEU A 332 2.88 28.61 -2.05
C LEU A 332 2.18 27.32 -2.45
N LEU A 333 1.06 27.44 -3.17
CA LEU A 333 0.31 26.28 -3.60
C LEU A 333 -0.03 26.39 -5.08
N PHE A 334 0.08 25.28 -5.80
CA PHE A 334 -0.17 25.22 -7.24
C PHE A 334 -1.20 24.13 -7.50
N ILE A 335 -2.05 24.35 -8.50
CA ILE A 335 -2.83 23.24 -9.02
C ILE A 335 -2.12 22.71 -10.27
N PRO A 336 -2.11 21.39 -10.49
CA PRO A 336 -1.41 20.85 -11.67
C PRO A 336 -2.18 21.08 -12.95
N ARG A 337 -1.67 20.57 -14.06
CA ARG A 337 -2.26 20.81 -15.37
C ARG A 337 -2.81 19.54 -16.01
N ARG A 338 -1.95 18.55 -16.28
CA ARG A 338 -2.34 17.18 -16.58
C ARG A 338 -2.38 16.35 -15.30
N ALA A 339 -3.47 15.63 -15.11
CA ALA A 339 -3.60 14.75 -13.96
C ALA A 339 -2.62 13.59 -14.08
N PRO A 340 -1.97 13.19 -12.98
CA PRO A 340 -1.07 12.03 -13.06
C PRO A 340 -1.86 10.74 -13.27
N PHE A 341 -1.18 9.75 -13.85
CA PHE A 341 -1.79 8.45 -14.15
C PHE A 341 -1.76 7.50 -12.96
N ASP A 342 -1.18 7.91 -11.84
CA ASP A 342 -1.10 7.08 -10.65
C ASP A 342 -1.63 7.84 -9.44
N LEU A 343 -2.68 8.63 -9.65
CA LEU A 343 -3.19 9.51 -8.61
C LEU A 343 -3.88 8.69 -7.52
N PHE A 344 -4.20 7.44 -7.81
CA PHE A 344 -4.85 6.57 -6.83
C PHE A 344 -4.09 5.25 -6.68
N GLU A 345 -2.88 5.19 -7.22
CA GLU A 345 -2.03 4.02 -7.03
C GLU A 345 -1.64 3.88 -5.56
N ASN A 346 -1.36 2.65 -5.13
CA ASN A 346 -1.05 2.39 -3.73
C ASN A 346 0.34 2.90 -3.39
N LYS A 347 0.71 2.78 -2.11
CA LYS A 347 2.02 3.19 -1.60
C LYS A 347 2.27 4.69 -1.77
N LYS A 348 3.37 5.17 -1.18
CA LYS A 348 3.84 6.54 -1.28
C LYS A 348 2.90 7.54 -0.61
N LYS A 349 1.73 7.06 -0.16
CA LYS A 349 0.71 7.87 0.51
C LYS A 349 0.44 9.20 -0.20
N LYS A 350 0.05 10.21 0.56
CA LYS A 350 -0.46 11.48 0.06
C LYS A 350 0.65 12.41 -0.47
N ASN A 351 1.88 11.89 -0.58
CA ASN A 351 3.05 12.78 -0.65
C ASN A 351 3.07 13.70 -1.86
N ASN A 352 2.78 14.98 -1.62
CA ASN A 352 3.01 16.01 -2.64
C ASN A 352 3.46 17.33 -2.01
N ILE A 353 3.90 17.30 -0.76
CA ILE A 353 4.16 18.52 -0.01
C ILE A 353 5.45 18.33 0.77
N LYS A 354 6.25 19.40 0.84
CA LYS A 354 7.53 19.39 1.55
C LYS A 354 7.46 20.37 2.72
N LEU A 355 8.16 20.03 3.80
CA LEU A 355 8.18 20.83 5.02
C LEU A 355 9.56 21.44 5.22
N TYR A 356 9.60 22.77 5.33
CA TYR A 356 10.84 23.52 5.46
C TYR A 356 10.81 24.32 6.75
N VAL A 357 11.90 24.29 7.51
CA VAL A 357 12.10 25.20 8.63
C VAL A 357 13.48 25.84 8.49
N ARG A 358 13.55 27.15 8.63
CA ARG A 358 14.80 27.91 8.53
C ARG A 358 15.55 27.52 7.26
N ARG A 359 14.80 27.39 6.16
CA ARG A 359 15.35 27.06 4.83
C ARG A 359 16.05 25.71 4.81
N VAL A 360 15.52 24.72 5.55
CA VAL A 360 16.01 23.35 5.50
C VAL A 360 14.83 22.40 5.45
N PHE A 361 14.94 21.38 4.58
CA PHE A 361 13.94 20.33 4.49
C PHE A 361 14.00 19.42 5.71
N ILE A 362 12.84 19.13 6.29
CA ILE A 362 12.72 18.18 7.40
C ILE A 362 12.15 16.86 6.94
N MET A 363 10.92 16.86 6.45
CA MET A 363 10.18 15.63 6.23
C MET A 363 9.01 15.89 5.30
N ASP A 364 8.47 14.80 4.75
CA ASP A 364 7.33 14.86 3.85
C ASP A 364 6.46 13.64 4.04
N SER A 365 5.28 13.65 3.40
CA SER A 365 4.37 12.52 3.42
C SER A 365 3.91 12.16 4.83
N CYS A 366 3.30 13.12 5.52
CA CYS A 366 2.63 12.87 6.80
C CYS A 366 1.14 13.11 6.58
N ASP A 367 0.32 12.13 6.97
CA ASP A 367 -1.10 12.14 6.63
C ASP A 367 -1.84 13.31 7.28
N GLU A 368 -1.47 13.66 8.51
CA GLU A 368 -2.18 14.70 9.25
C GLU A 368 -1.72 16.09 8.83
N LEU A 369 -1.73 16.35 7.53
CA LEU A 369 -1.42 17.69 7.04
C LEU A 369 -2.50 18.22 6.10
N ILE A 370 -2.99 17.38 5.19
CA ILE A 370 -3.99 17.78 4.21
C ILE A 370 -5.06 16.70 4.17
N PRO A 371 -6.33 17.06 3.93
CA PRO A 371 -7.37 16.03 3.77
C PRO A 371 -7.09 15.10 2.60
N GLU A 372 -7.60 13.86 2.68
CA GLU A 372 -7.25 12.84 1.70
C GLU A 372 -7.71 13.21 0.30
N TYR A 373 -8.90 13.80 0.16
CA TYR A 373 -9.44 14.04 -1.17
C TYR A 373 -8.67 15.12 -1.94
N LEU A 374 -7.57 15.64 -1.39
CA LEU A 374 -6.69 16.57 -2.10
C LEU A 374 -5.33 15.91 -2.23
N ASN A 375 -5.05 15.34 -3.40
CA ASN A 375 -3.78 14.67 -3.67
C ASN A 375 -3.14 15.20 -4.94
N PHE A 376 -3.44 16.44 -5.32
CA PHE A 376 -2.85 17.05 -6.50
C PHE A 376 -2.27 18.43 -6.28
N ILE A 377 -2.68 19.16 -5.23
CA ILE A 377 -2.06 20.45 -4.95
C ILE A 377 -0.60 20.25 -4.63
N ARG A 378 0.25 21.09 -5.21
CA ARG A 378 1.70 20.95 -5.05
C ARG A 378 2.31 22.28 -4.69
N GLY A 379 3.14 22.30 -3.65
CA GLY A 379 3.75 23.54 -3.22
C GLY A 379 4.67 23.37 -2.04
N VAL A 380 4.74 24.39 -1.18
CA VAL A 380 5.63 24.34 -0.03
C VAL A 380 5.14 25.33 1.02
N VAL A 381 5.26 24.95 2.28
CA VAL A 381 4.93 25.80 3.42
C VAL A 381 6.17 25.92 4.30
N ASP A 382 6.55 27.14 4.63
CA ASP A 382 7.78 27.41 5.37
C ASP A 382 7.50 28.40 6.50
N SER A 383 8.24 28.22 7.59
CA SER A 383 8.09 29.05 8.78
C SER A 383 9.39 28.98 9.59
N GLU A 384 9.36 29.58 10.78
CA GLU A 384 10.48 29.53 11.71
C GLU A 384 9.92 29.42 13.13
N ASP A 385 10.83 29.26 14.08
CA ASP A 385 10.49 29.17 15.51
C ASP A 385 9.54 28.00 15.78
N LEU A 386 10.04 26.79 15.51
CA LEU A 386 9.31 25.56 15.75
C LEU A 386 10.13 24.63 16.61
N PRO A 387 9.49 23.90 17.52
CA PRO A 387 10.22 22.96 18.38
C PRO A 387 10.46 21.64 17.65
N LEU A 388 11.72 21.35 17.37
CA LEU A 388 12.10 20.15 16.64
C LEU A 388 13.19 19.42 17.41
N ASN A 389 13.21 18.10 17.28
CA ASN A 389 14.03 17.24 18.14
C ASN A 389 15.45 17.13 17.59
N ILE A 390 16.25 16.26 18.22
CA ILE A 390 17.67 16.15 17.88
C ILE A 390 17.85 15.52 16.51
N SER A 391 17.11 14.45 16.21
CA SER A 391 17.36 13.67 15.01
C SER A 391 17.08 14.45 13.73
N ARG A 392 16.40 15.59 13.83
CA ARG A 392 16.08 16.42 12.67
C ARG A 392 15.28 15.63 11.63
N GLU A 393 14.30 14.87 12.10
CA GLU A 393 13.43 14.10 11.22
C GLU A 393 11.95 14.17 11.58
N MET A 394 11.59 14.84 12.66
CA MET A 394 10.18 14.95 13.05
C MET A 394 10.01 16.16 13.96
N LEU A 395 8.80 16.29 14.52
CA LEU A 395 8.42 17.41 15.36
C LEU A 395 7.66 16.87 16.56
N GLN A 396 8.17 17.14 17.76
CA GLN A 396 7.50 16.68 18.97
C GLN A 396 6.30 17.58 19.28
N GLN A 397 5.44 17.10 20.17
CA GLN A 397 4.21 17.78 20.57
C GLN A 397 3.33 18.02 19.32
N SER A 398 2.83 16.89 18.82
CA SER A 398 2.10 16.80 17.55
C SER A 398 0.85 17.67 17.50
N LYS A 399 0.49 18.28 18.64
CA LYS A 399 -0.71 19.13 18.66
C LYS A 399 -0.60 20.28 17.68
N ILE A 400 0.59 20.89 17.57
CA ILE A 400 0.76 22.06 16.73
C ILE A 400 0.53 21.73 15.25
N LEU A 401 0.86 20.51 14.83
CA LEU A 401 0.72 20.15 13.42
C LEU A 401 -0.73 20.18 12.98
N LYS A 402 -1.66 19.93 13.90
CA LYS A 402 -3.07 19.81 13.53
C LYS A 402 -3.68 21.14 13.13
N VAL A 403 -3.09 22.26 13.54
CA VAL A 403 -3.74 23.56 13.35
C VAL A 403 -3.60 24.06 11.91
N ILE A 404 -2.55 23.64 11.20
CA ILE A 404 -2.25 24.21 9.88
C ILE A 404 -3.29 23.81 8.85
N ARG A 405 -3.80 22.58 8.92
CA ARG A 405 -4.70 22.07 7.90
C ARG A 405 -5.99 22.88 7.84
N LYS A 406 -6.48 23.37 8.98
CA LYS A 406 -7.71 24.13 9.00
C LYS A 406 -7.60 25.44 8.23
N ASN A 407 -6.40 25.97 8.05
CA ASN A 407 -6.19 27.14 7.21
C ASN A 407 -5.88 26.75 5.77
N ILE A 408 -5.10 25.69 5.59
CA ILE A 408 -4.72 25.28 4.23
C ILE A 408 -5.95 24.88 3.43
N VAL A 409 -6.86 24.12 4.04
CA VAL A 409 -8.05 23.69 3.31
C VAL A 409 -8.94 24.89 2.97
N LYS A 410 -9.02 25.87 3.87
CA LYS A 410 -9.81 27.07 3.57
C LYS A 410 -9.22 27.83 2.40
N LYS A 411 -7.89 27.97 2.36
CA LYS A 411 -7.29 28.67 1.22
C LYS A 411 -7.45 27.88 -0.08
N CYS A 412 -7.40 26.55 -0.02
CA CYS A 412 -7.64 25.76 -1.21
C CYS A 412 -9.07 25.96 -1.74
N LEU A 413 -10.04 25.96 -0.82
CA LEU A 413 -11.42 26.20 -1.23
C LEU A 413 -11.58 27.61 -1.79
N GLU A 414 -10.86 28.59 -1.23
CA GLU A 414 -10.90 29.94 -1.76
C GLU A 414 -10.35 29.98 -3.19
N LEU A 415 -9.25 29.25 -3.43
CA LEU A 415 -8.70 29.19 -4.79
C LEU A 415 -9.70 28.57 -5.76
N PHE A 416 -10.36 27.49 -5.34
CA PHE A 416 -11.37 26.88 -6.20
C PHE A 416 -12.51 27.85 -6.50
N SER A 417 -12.98 28.55 -5.47
CA SER A 417 -14.08 29.49 -5.66
C SER A 417 -13.68 30.63 -6.60
N GLU A 418 -12.44 31.10 -6.49
CA GLU A 418 -11.99 32.14 -7.42
C GLU A 418 -11.88 31.60 -8.83
N LEU A 419 -11.40 30.37 -8.99
CA LEU A 419 -11.36 29.75 -10.31
C LEU A 419 -12.76 29.60 -10.90
N ALA A 420 -13.78 29.50 -10.04
CA ALA A 420 -15.14 29.25 -10.51
C ALA A 420 -15.67 30.31 -11.46
N GLU A 421 -14.94 31.41 -11.68
CA GLU A 421 -15.40 32.47 -12.58
C GLU A 421 -14.99 32.26 -14.03
N ASP A 422 -14.11 31.31 -14.32
CA ASP A 422 -13.61 31.09 -15.67
C ASP A 422 -14.34 29.93 -16.33
N LYS A 423 -14.53 30.04 -17.66
CA LYS A 423 -15.35 29.06 -18.39
C LYS A 423 -14.57 27.81 -18.79
N GLU A 424 -13.61 27.93 -19.70
CA GLU A 424 -12.97 26.73 -20.21
C GLU A 424 -11.88 26.21 -19.29
N ASN A 425 -11.29 27.09 -18.47
CA ASN A 425 -10.42 26.61 -17.40
C ASN A 425 -11.20 25.70 -16.45
N TYR A 426 -12.42 26.10 -16.06
CA TYR A 426 -13.24 25.24 -15.24
C TYR A 426 -13.66 23.99 -16.00
N LYS A 427 -13.92 24.11 -17.31
CA LYS A 427 -14.21 22.90 -18.08
C LYS A 427 -13.09 21.88 -17.94
N LYS A 428 -11.85 22.31 -18.17
CA LYS A 428 -10.71 21.40 -18.06
C LYS A 428 -10.54 20.89 -16.63
N PHE A 429 -10.68 21.77 -15.65
CA PHE A 429 -10.50 21.39 -14.24
C PHE A 429 -11.53 20.33 -13.84
N TYR A 430 -12.79 20.52 -14.23
CA TYR A 430 -13.83 19.55 -13.89
C TYR A 430 -13.55 18.23 -14.58
N GLU A 431 -13.27 18.27 -15.90
CA GLU A 431 -12.97 17.04 -16.62
C GLU A 431 -11.81 16.30 -15.97
N ALA A 432 -10.87 17.03 -15.37
CA ALA A 432 -9.73 16.37 -14.73
C ALA A 432 -10.11 15.75 -13.39
N PHE A 433 -10.77 16.51 -12.50
CA PHE A 433 -10.90 16.10 -11.11
C PHE A 433 -12.34 16.05 -10.60
N SER A 434 -13.28 15.66 -11.48
CA SER A 434 -14.65 15.40 -11.04
C SER A 434 -14.68 14.39 -9.90
N LYS A 435 -13.93 13.30 -10.06
CA LYS A 435 -13.97 12.22 -9.07
C LYS A 435 -13.44 12.68 -7.72
N ASN A 436 -12.34 13.43 -7.72
CA ASN A 436 -11.80 13.95 -6.46
C ASN A 436 -12.77 14.92 -5.80
N LEU A 437 -13.42 15.78 -6.60
CA LEU A 437 -14.38 16.71 -6.01
C LEU A 437 -15.54 15.95 -5.37
N LYS A 438 -16.06 14.92 -6.05
CA LYS A 438 -17.18 14.18 -5.50
C LYS A 438 -16.78 13.35 -4.28
N LEU A 439 -15.56 12.82 -4.28
CA LEU A 439 -15.06 12.11 -3.10
C LEU A 439 -14.95 13.06 -1.92
N GLY A 440 -14.49 14.29 -2.16
CA GLY A 440 -14.49 15.29 -1.10
C GLY A 440 -15.88 15.62 -0.63
N ILE A 441 -16.86 15.63 -1.54
CA ILE A 441 -18.25 15.83 -1.16
C ILE A 441 -18.70 14.73 -0.21
N HIS A 442 -18.36 13.48 -0.53
CA HIS A 442 -18.86 12.37 0.27
C HIS A 442 -18.17 12.27 1.63
N GLU A 443 -16.84 12.47 1.65
CA GLU A 443 -16.08 12.17 2.86
C GLU A 443 -16.32 13.18 3.97
N ASP A 444 -16.00 14.45 3.72
CA ASP A 444 -16.10 15.46 4.76
C ASP A 444 -17.54 15.67 5.19
N SER A 445 -17.73 15.96 6.48
CA SER A 445 -19.04 16.22 7.05
C SER A 445 -19.18 17.65 7.56
N THR A 446 -18.41 18.58 7.01
CA THR A 446 -18.43 19.96 7.46
C THR A 446 -18.58 20.99 6.35
N ASN A 447 -18.10 20.72 5.14
CA ASN A 447 -18.07 21.70 4.07
C ASN A 447 -18.99 21.34 2.92
N ARG A 448 -20.10 20.64 3.22
CA ARG A 448 -21.07 20.33 2.17
C ARG A 448 -21.68 21.60 1.59
N ARG A 449 -22.00 22.57 2.45
CA ARG A 449 -22.62 23.81 1.99
C ARG A 449 -21.79 24.52 0.94
N ARG A 450 -20.46 24.44 1.05
CA ARG A 450 -19.58 25.13 0.11
C ARG A 450 -19.21 24.25 -1.08
N LEU A 451 -18.94 22.97 -0.85
CA LEU A 451 -18.57 22.08 -1.94
C LEU A 451 -19.76 21.70 -2.82
N SER A 452 -20.98 22.02 -2.41
CA SER A 452 -22.14 21.75 -3.26
C SER A 452 -22.15 22.63 -4.50
N GLU A 453 -21.72 23.89 -4.35
CA GLU A 453 -21.80 24.87 -5.43
C GLU A 453 -20.85 24.56 -6.58
N LEU A 454 -19.92 23.64 -6.41
CA LEU A 454 -18.90 23.36 -7.42
C LEU A 454 -19.22 22.15 -8.29
N LEU A 455 -20.44 21.65 -8.24
CA LEU A 455 -20.83 20.46 -9.00
C LEU A 455 -21.56 20.86 -10.28
N ARG A 456 -21.28 20.13 -11.36
CA ARG A 456 -21.93 20.35 -12.64
C ARG A 456 -22.42 19.02 -13.19
N TYR A 457 -23.44 19.06 -14.03
CA TYR A 457 -24.12 17.85 -14.47
C TYR A 457 -24.63 18.01 -15.90
N HIS A 458 -25.05 16.88 -16.47
CA HIS A 458 -25.84 16.85 -17.69
C HIS A 458 -27.29 17.24 -17.38
N THR A 459 -28.09 17.37 -18.43
CA THR A 459 -29.50 17.74 -18.27
C THR A 459 -30.25 17.35 -19.54
N SER A 460 -31.55 17.71 -19.59
CA SER A 460 -32.38 17.48 -20.78
C SER A 460 -33.14 18.78 -21.05
N GLN A 461 -32.47 19.67 -21.79
CA GLN A 461 -32.96 20.99 -22.21
C GLN A 461 -31.78 21.81 -22.68
N SER A 462 -30.57 21.25 -22.54
CA SER A 462 -29.36 21.92 -22.97
C SER A 462 -28.52 20.98 -23.84
N GLY A 463 -28.62 19.69 -23.58
CA GLY A 463 -27.94 18.71 -24.40
C GLY A 463 -26.45 18.63 -24.10
N ASP A 464 -25.65 19.04 -25.08
CA ASP A 464 -24.20 18.92 -25.01
C ASP A 464 -23.59 19.72 -23.86
N GLU A 465 -24.06 20.96 -23.67
CA GLU A 465 -23.45 21.87 -22.70
C GLU A 465 -23.85 21.52 -21.28
N MET A 466 -23.01 21.86 -20.30
CA MET A 466 -23.18 21.43 -18.91
C MET A 466 -24.17 22.32 -18.18
N THR A 467 -24.44 22.01 -16.91
CA THR A 467 -25.29 22.90 -16.11
C THR A 467 -24.99 22.76 -14.62
N SER A 468 -25.19 23.84 -13.87
CA SER A 468 -25.12 23.78 -12.42
C SER A 468 -26.52 23.72 -11.84
N LEU A 469 -26.61 23.22 -10.62
CA LEU A 469 -27.91 23.12 -9.95
C LEU A 469 -28.57 24.47 -9.75
N SER A 470 -27.77 25.54 -9.67
CA SER A 470 -28.35 26.87 -9.46
C SER A 470 -29.21 27.29 -10.64
N GLU A 471 -28.76 27.03 -11.87
CA GLU A 471 -29.58 27.36 -13.03
C GLU A 471 -30.88 26.58 -13.04
N TYR A 472 -30.83 25.28 -12.72
CA TYR A 472 -32.04 24.48 -12.68
C TYR A 472 -33.01 25.00 -11.63
N VAL A 473 -32.49 25.39 -10.46
CA VAL A 473 -33.35 26.00 -9.45
C VAL A 473 -33.95 27.30 -9.97
N SER A 474 -33.17 28.07 -10.74
CA SER A 474 -33.61 29.39 -11.16
C SER A 474 -34.73 29.34 -12.20
N ARG A 475 -34.94 28.22 -12.87
CA ARG A 475 -35.92 28.11 -13.94
C ARG A 475 -36.86 26.93 -13.69
N MET A 476 -37.37 26.86 -12.46
CA MET A 476 -38.35 25.86 -12.09
C MET A 476 -39.73 26.24 -12.61
N LYS A 477 -40.64 25.27 -12.62
CA LYS A 477 -42.05 25.53 -12.86
C LYS A 477 -42.71 25.88 -11.53
N GLU A 478 -43.68 26.78 -11.57
CA GLU A 478 -44.22 27.37 -10.35
C GLU A 478 -45.17 26.45 -9.59
N THR A 479 -45.26 25.13 -9.80
CA THR A 479 -46.26 24.36 -9.07
C THR A 479 -45.68 23.18 -8.29
N GLN A 480 -44.66 22.52 -8.82
CA GLN A 480 -44.15 21.32 -8.17
C GLN A 480 -43.14 21.67 -7.09
N LYS A 481 -43.04 20.80 -6.09
CA LYS A 481 -42.18 20.97 -4.92
C LYS A 481 -41.14 19.87 -4.82
N SER A 482 -40.45 19.54 -5.91
CA SER A 482 -39.48 18.45 -5.85
C SER A 482 -38.45 18.59 -6.94
N ILE A 483 -37.37 17.82 -6.80
CA ILE A 483 -36.30 17.71 -7.78
C ILE A 483 -36.16 16.24 -8.16
N TYR A 484 -35.74 16.00 -9.41
CA TYR A 484 -35.73 14.66 -9.96
C TYR A 484 -34.34 14.31 -10.48
N TYR A 485 -34.09 13.01 -10.63
CA TYR A 485 -32.81 12.50 -11.10
C TYR A 485 -32.99 11.05 -11.53
N ILE A 486 -31.97 10.51 -12.19
CA ILE A 486 -31.96 9.12 -12.61
C ILE A 486 -30.51 8.70 -12.83
N THR A 487 -30.16 7.52 -12.31
CA THR A 487 -28.80 6.99 -12.41
C THR A 487 -28.83 5.74 -13.27
N GLY A 488 -27.98 5.72 -14.30
CA GLY A 488 -27.92 4.59 -15.22
C GLY A 488 -26.51 4.20 -15.59
N GLU A 489 -26.37 3.43 -16.67
CA GLU A 489 -25.06 3.00 -17.14
C GLU A 489 -24.42 4.01 -18.09
N SER A 490 -25.14 4.40 -19.13
CA SER A 490 -24.66 5.40 -20.08
C SER A 490 -25.83 6.29 -20.48
N LYS A 491 -25.55 7.27 -21.35
CA LYS A 491 -26.58 8.23 -21.74
C LYS A 491 -27.71 7.55 -22.51
N GLU A 492 -27.38 6.65 -23.43
CA GLU A 492 -28.39 6.04 -24.27
C GLU A 492 -29.31 5.10 -23.48
N GLN A 493 -28.86 4.61 -22.33
CA GLN A 493 -29.71 3.73 -21.53
C GLN A 493 -30.94 4.45 -21.03
N VAL A 494 -30.78 5.70 -20.58
CA VAL A 494 -31.87 6.43 -19.93
C VAL A 494 -32.41 7.58 -20.77
N ALA A 495 -31.77 7.91 -21.90
CA ALA A 495 -32.33 8.94 -22.77
C ALA A 495 -33.59 8.47 -23.48
N ASN A 496 -33.82 7.16 -23.56
CA ASN A 496 -34.99 6.61 -24.23
C ASN A 496 -35.74 5.59 -23.39
N SER A 497 -35.46 5.50 -22.10
CA SER A 497 -36.08 4.47 -21.27
C SER A 497 -37.56 4.74 -21.05
N ALA A 498 -38.24 3.77 -20.45
CA ALA A 498 -39.67 3.84 -20.22
C ALA A 498 -40.04 4.60 -18.95
N PHE A 499 -39.05 5.12 -18.21
CA PHE A 499 -39.31 5.68 -16.89
C PHE A 499 -39.64 7.17 -16.90
N VAL A 500 -39.67 7.81 -18.07
CA VAL A 500 -39.73 9.27 -18.13
C VAL A 500 -40.86 9.79 -19.02
N GLU A 501 -41.60 8.93 -19.70
CA GLU A 501 -42.52 9.37 -20.75
C GLU A 501 -43.55 10.41 -20.29
N ARG A 502 -44.22 10.18 -19.17
CA ARG A 502 -45.23 11.14 -18.73
C ARG A 502 -44.58 12.45 -18.30
N VAL A 503 -43.43 12.38 -17.64
CA VAL A 503 -42.70 13.59 -17.27
C VAL A 503 -42.30 14.35 -18.53
N ARG A 504 -41.83 13.64 -19.55
CA ARG A 504 -41.49 14.27 -20.81
C ARG A 504 -42.72 14.93 -21.45
N LYS A 505 -43.86 14.26 -21.40
CA LYS A 505 -45.08 14.81 -21.98
C LYS A 505 -45.51 16.08 -21.27
N ARG A 506 -45.44 16.09 -19.94
CA ARG A 506 -45.85 17.28 -19.18
C ARG A 506 -44.92 18.46 -19.47
N GLY A 507 -43.62 18.21 -19.53
CA GLY A 507 -42.66 19.27 -19.81
C GLY A 507 -41.79 19.64 -18.64
N PHE A 508 -41.41 18.67 -17.82
CA PHE A 508 -40.54 18.88 -16.68
C PHE A 508 -39.11 18.48 -17.02
N GLU A 509 -38.20 18.84 -16.12
CA GLU A 509 -36.76 18.72 -16.38
C GLU A 509 -36.17 17.66 -15.46
N VAL A 510 -35.52 16.66 -16.05
CA VAL A 510 -34.94 15.53 -15.32
C VAL A 510 -33.44 15.51 -15.58
N VAL A 511 -32.66 15.51 -14.50
CA VAL A 511 -31.20 15.54 -14.60
C VAL A 511 -30.67 14.13 -14.75
N TYR A 512 -29.50 14.00 -15.37
CA TYR A 512 -28.90 12.71 -15.64
C TYR A 512 -27.72 12.43 -14.69
N MET A 513 -27.24 11.21 -14.76
CA MET A 513 -26.17 10.74 -13.90
C MET A 513 -25.53 9.53 -14.57
N THR A 514 -24.22 9.58 -14.80
CA THR A 514 -23.59 8.54 -15.62
C THR A 514 -22.25 8.04 -15.08
N GLU A 515 -21.90 8.30 -13.83
CA GLU A 515 -20.68 7.74 -13.29
C GLU A 515 -20.92 7.12 -11.92
N PRO A 516 -20.20 6.05 -11.58
CA PRO A 516 -20.38 5.41 -10.27
C PRO A 516 -20.09 6.31 -9.08
N ILE A 517 -19.12 7.23 -9.19
CA ILE A 517 -18.83 8.11 -8.07
C ILE A 517 -20.02 9.03 -7.79
N ASP A 518 -20.77 9.39 -8.83
CA ASP A 518 -22.01 10.12 -8.64
C ASP A 518 -23.01 9.28 -7.84
N GLU A 519 -23.05 7.98 -8.11
CA GLU A 519 -23.86 7.07 -7.31
C GLU A 519 -23.40 7.06 -5.86
N TYR A 520 -22.08 7.07 -5.63
CA TYR A 520 -21.58 7.05 -4.27
C TYR A 520 -21.94 8.33 -3.52
N CYS A 521 -21.84 9.48 -4.20
CA CYS A 521 -22.09 10.76 -3.57
C CYS A 521 -23.57 11.12 -3.48
N VAL A 522 -24.44 10.45 -4.24
CA VAL A 522 -25.86 10.82 -4.22
C VAL A 522 -26.58 10.31 -2.98
N GLN A 523 -26.06 9.26 -2.33
CA GLN A 523 -26.75 8.72 -1.17
C GLN A 523 -26.60 9.67 0.02
N GLN A 524 -25.37 10.16 0.27
CA GLN A 524 -25.13 11.00 1.42
C GLN A 524 -25.79 12.37 1.30
N LEU A 525 -26.02 12.85 0.08
CA LEU A 525 -26.73 14.11 -0.09
C LEU A 525 -28.18 13.95 0.35
N LYS A 526 -28.70 14.97 1.02
CA LYS A 526 -30.03 14.90 1.61
C LYS A 526 -31.01 15.88 1.00
N GLU A 527 -30.62 17.14 0.79
CA GLU A 527 -31.48 18.14 0.17
C GLU A 527 -30.60 19.18 -0.50
N PHE A 528 -31.24 20.25 -0.96
CA PHE A 528 -30.54 21.39 -1.53
C PHE A 528 -31.45 22.61 -1.47
N ASP A 529 -30.93 23.72 -0.95
CA ASP A 529 -31.63 24.97 -0.67
C ASP A 529 -33.07 24.73 -0.20
N GLY A 530 -33.27 23.76 0.67
CA GLY A 530 -34.59 23.48 1.21
C GLY A 530 -35.50 22.67 0.31
N LYS A 531 -34.97 22.04 -0.73
CA LYS A 531 -35.75 21.17 -1.60
C LYS A 531 -35.14 19.77 -1.60
N SER A 532 -36.00 18.77 -1.68
CA SER A 532 -35.61 17.38 -1.55
C SER A 532 -35.34 16.74 -2.91
N LEU A 533 -34.57 15.66 -2.88
CA LEU A 533 -34.26 14.87 -4.07
C LEU A 533 -35.08 13.59 -4.03
N VAL A 534 -35.88 13.38 -5.07
CA VAL A 534 -36.70 12.18 -5.17
C VAL A 534 -36.36 11.46 -6.47
N SER A 535 -36.55 10.15 -6.47
CA SER A 535 -36.19 9.31 -7.60
C SER A 535 -37.39 9.06 -8.51
N VAL A 536 -37.10 8.94 -9.81
CA VAL A 536 -38.10 8.51 -10.77
C VAL A 536 -38.19 6.99 -10.86
N THR A 537 -37.36 6.28 -10.10
CA THR A 537 -37.35 4.82 -10.09
C THR A 537 -37.74 4.27 -8.73
N LYS A 538 -38.71 4.90 -8.07
CA LYS A 538 -39.17 4.48 -6.76
C LYS A 538 -40.67 4.68 -6.65
N GLU A 539 -41.31 3.81 -5.86
CA GLU A 539 -42.74 3.91 -5.63
C GLU A 539 -43.04 5.14 -4.78
N GLY A 540 -44.11 5.85 -5.15
CA GLY A 540 -44.47 7.08 -4.50
C GLY A 540 -44.29 8.32 -5.34
N LEU A 541 -44.12 8.18 -6.65
CA LEU A 541 -43.92 9.32 -7.53
C LEU A 541 -45.27 9.81 -8.03
N GLU A 542 -45.56 11.09 -7.79
CA GLU A 542 -46.78 11.72 -8.28
C GLU A 542 -46.47 13.09 -8.85
N LEU A 543 -47.29 13.50 -9.81
CA LEU A 543 -47.23 14.84 -10.39
C LEU A 543 -48.52 15.59 -10.06
N PRO A 544 -48.45 16.90 -9.84
CA PRO A 544 -49.67 17.67 -9.55
C PRO A 544 -50.59 17.76 -10.74
N GLU A 545 -51.73 17.07 -10.68
CA GLU A 545 -52.75 17.08 -11.72
C GLU A 545 -54.10 17.35 -11.09
N ASP A 546 -55.12 17.45 -11.94
CA ASP A 546 -56.47 17.72 -11.47
C ASP A 546 -57.16 16.42 -11.04
N GLU A 547 -58.19 16.57 -10.21
CA GLU A 547 -58.88 15.43 -9.64
C GLU A 547 -59.65 14.61 -10.66
N GLU A 548 -59.84 15.11 -11.88
CA GLU A 548 -60.44 14.30 -12.93
C GLU A 548 -59.64 13.04 -13.16
N GLU A 549 -58.32 13.19 -13.31
CA GLU A 549 -57.45 12.03 -13.41
C GLU A 549 -57.56 11.15 -12.17
N LYS A 550 -57.79 11.76 -11.00
CA LYS A 550 -57.90 10.97 -9.78
C LYS A 550 -59.11 10.04 -9.82
N LYS A 551 -60.28 10.55 -10.20
CA LYS A 551 -61.41 9.63 -10.31
C LYS A 551 -61.28 8.69 -11.50
N LYS A 552 -60.50 9.07 -12.52
CA LYS A 552 -60.18 8.11 -13.56
C LYS A 552 -59.42 6.92 -13.00
N MET A 553 -58.35 7.16 -12.24
CA MET A 553 -57.67 6.05 -11.59
C MET A 553 -58.57 5.35 -10.59
N GLU A 554 -59.51 6.06 -9.98
CA GLU A 554 -60.45 5.41 -9.06
C GLU A 554 -61.29 4.35 -9.77
N GLU A 555 -61.94 4.72 -10.87
CA GLU A 555 -62.79 3.73 -11.52
C GLU A 555 -61.93 2.71 -12.28
N SER A 556 -60.67 3.05 -12.58
CA SER A 556 -59.75 2.05 -13.11
C SER A 556 -59.45 0.97 -12.08
N LYS A 557 -59.18 1.39 -10.83
CA LYS A 557 -59.04 0.43 -9.74
C LYS A 557 -60.31 -0.39 -9.56
N ALA A 558 -61.46 0.27 -9.62
CA ALA A 558 -62.73 -0.45 -9.51
C ALA A 558 -62.98 -1.35 -10.71
N LYS A 559 -62.21 -1.20 -11.79
CA LYS A 559 -62.47 -1.90 -13.05
C LYS A 559 -61.41 -2.96 -13.36
N PHE A 560 -60.32 -3.03 -12.59
CA PHE A 560 -59.21 -3.93 -12.92
C PHE A 560 -58.74 -4.80 -11.76
N GLU A 561 -59.52 -4.95 -10.69
CA GLU A 561 -59.01 -5.63 -9.49
C GLU A 561 -58.73 -7.10 -9.75
N ASN A 562 -59.63 -7.80 -10.45
CA ASN A 562 -59.43 -9.23 -10.70
C ASN A 562 -58.19 -9.48 -11.55
N LEU A 563 -57.88 -8.57 -12.47
CA LEU A 563 -56.65 -8.70 -13.24
C LEU A 563 -55.43 -8.60 -12.33
N CYS A 564 -55.48 -7.70 -11.36
CA CYS A 564 -54.38 -7.61 -10.39
C CYS A 564 -54.26 -8.89 -9.58
N LYS A 565 -55.39 -9.47 -9.17
CA LYS A 565 -55.34 -10.74 -8.44
C LYS A 565 -54.72 -11.84 -9.29
N LEU A 566 -55.10 -11.92 -10.57
CA LEU A 566 -54.53 -12.92 -11.46
C LEU A 566 -53.03 -12.71 -11.62
N MET A 567 -52.61 -11.46 -11.83
CA MET A 567 -51.19 -11.17 -12.00
C MET A 567 -50.41 -11.46 -10.73
N LYS A 568 -51.07 -11.43 -9.57
CA LYS A 568 -50.43 -11.86 -8.34
C LYS A 568 -50.34 -13.39 -8.27
N GLU A 569 -51.39 -14.08 -8.71
CA GLU A 569 -51.49 -15.50 -8.43
C GLU A 569 -50.91 -16.35 -9.56
N ILE A 570 -50.37 -15.73 -10.61
CA ILE A 570 -49.86 -16.47 -11.76
C ILE A 570 -48.80 -17.50 -11.34
N LEU A 571 -47.65 -17.02 -10.87
CA LEU A 571 -46.62 -17.90 -10.31
C LEU A 571 -46.08 -17.31 -9.02
N ASP A 572 -46.26 -15.99 -8.86
CA ASP A 572 -45.84 -15.20 -7.71
C ASP A 572 -44.42 -15.53 -7.22
N LYS A 573 -44.20 -15.41 -5.92
CA LYS A 573 -42.93 -15.63 -5.23
C LYS A 573 -41.86 -14.61 -5.63
N LYS A 574 -42.18 -13.71 -6.57
CA LYS A 574 -41.22 -12.72 -7.03
C LYS A 574 -41.72 -11.28 -6.94
N VAL A 575 -43.00 -11.05 -6.77
CA VAL A 575 -43.58 -9.71 -6.77
C VAL A 575 -44.41 -9.54 -5.51
N GLU A 576 -44.17 -8.44 -4.79
CA GLU A 576 -44.93 -8.17 -3.57
C GLU A 576 -46.35 -7.73 -3.87
N LYS A 577 -46.53 -6.84 -4.86
CA LYS A 577 -47.85 -6.35 -5.20
C LYS A 577 -47.83 -5.83 -6.63
N VAL A 578 -49.02 -5.75 -7.22
CA VAL A 578 -49.20 -5.22 -8.57
C VAL A 578 -50.11 -4.01 -8.47
N THR A 579 -49.67 -2.89 -9.03
CA THR A 579 -50.41 -1.64 -8.98
C THR A 579 -50.44 -0.98 -10.35
N ILE A 580 -51.32 -0.01 -10.50
CA ILE A 580 -51.46 0.77 -11.73
C ILE A 580 -51.27 2.24 -11.39
N SER A 581 -50.40 2.92 -12.14
CA SER A 581 -50.09 4.32 -11.91
C SER A 581 -49.98 5.02 -13.25
N ASN A 582 -49.63 6.29 -13.22
CA ASN A 582 -49.46 7.10 -14.42
C ASN A 582 -48.00 7.47 -14.65
N ARG A 583 -47.28 6.55 -15.29
CA ARG A 583 -45.94 6.84 -15.79
C ARG A 583 -45.64 6.17 -17.11
N LEU A 584 -46.58 5.45 -17.71
CA LEU A 584 -46.37 4.73 -18.95
C LEU A 584 -47.47 5.08 -19.94
N VAL A 585 -47.08 5.44 -21.16
CA VAL A 585 -48.04 5.81 -22.20
C VAL A 585 -47.74 5.03 -23.48
N SER A 586 -46.55 4.41 -23.54
CA SER A 586 -46.15 3.66 -24.72
C SER A 586 -45.45 2.36 -24.36
N SER A 587 -45.83 1.73 -23.25
CA SER A 587 -45.23 0.46 -22.86
C SER A 587 -46.22 -0.29 -21.99
N PRO A 588 -46.29 -1.62 -22.09
CA PRO A 588 -47.26 -2.38 -21.29
C PRO A 588 -46.89 -2.52 -19.82
N CYS A 589 -45.63 -2.84 -19.51
CA CYS A 589 -45.22 -3.19 -18.16
C CYS A 589 -43.91 -2.53 -17.79
N CYS A 590 -43.71 -2.34 -16.49
CA CYS A 590 -42.45 -1.80 -15.98
C CYS A 590 -42.26 -2.24 -14.54
N ILE A 591 -41.06 -2.04 -14.03
CA ILE A 591 -40.66 -2.49 -12.70
C ILE A 591 -40.28 -1.27 -11.86
N VAL A 592 -40.68 -1.29 -10.58
CA VAL A 592 -40.37 -0.20 -9.66
C VAL A 592 -39.79 -0.79 -8.37
N THR A 593 -39.07 0.05 -7.64
CA THR A 593 -38.44 -0.34 -6.38
C THR A 593 -39.28 0.14 -5.20
N SER A 594 -38.75 -0.05 -4.00
CA SER A 594 -39.43 0.31 -2.76
C SER A 594 -38.89 1.63 -2.21
N THR A 595 -39.62 2.17 -1.23
CA THR A 595 -39.28 3.48 -0.67
C THR A 595 -37.93 3.49 0.03
N TYR A 596 -37.47 2.35 0.53
CA TYR A 596 -36.15 2.24 1.14
C TYR A 596 -35.45 1.00 0.60
N GLY A 597 -34.14 1.09 0.47
CA GLY A 597 -33.33 -0.02 0.01
C GLY A 597 -32.52 0.35 -1.23
N TRP A 598 -31.86 -0.68 -1.77
CA TRP A 598 -30.98 -0.51 -2.91
C TRP A 598 -31.76 -0.53 -4.21
N THR A 599 -31.19 0.12 -5.22
CA THR A 599 -31.73 0.08 -6.57
C THR A 599 -31.05 -1.02 -7.37
N ALA A 600 -31.48 -1.21 -8.62
CA ALA A 600 -30.85 -2.21 -9.48
C ALA A 600 -29.40 -1.86 -9.76
N ASN A 601 -29.14 -0.59 -10.07
CA ASN A 601 -27.76 -0.16 -10.28
C ASN A 601 -26.92 -0.40 -9.04
N MET A 602 -27.50 -0.19 -7.86
CA MET A 602 -26.81 -0.44 -6.61
C MET A 602 -26.32 -1.89 -6.55
N GLU A 603 -27.24 -2.82 -6.79
CA GLU A 603 -26.89 -4.24 -6.74
C GLU A 603 -25.83 -4.58 -7.76
N ARG A 604 -25.97 -4.06 -8.99
CA ARG A 604 -25.00 -4.39 -10.02
C ARG A 604 -23.62 -3.89 -9.66
N ILE A 605 -23.51 -2.66 -9.14
CA ILE A 605 -22.18 -2.11 -8.87
C ILE A 605 -21.55 -2.82 -7.67
N MET A 606 -22.36 -3.12 -6.64
CA MET A 606 -21.80 -3.67 -5.40
C MET A 606 -21.69 -5.19 -5.41
N LYS A 607 -22.18 -5.86 -6.45
CA LYS A 607 -22.12 -7.32 -6.51
C LYS A 607 -20.80 -7.78 -7.14
N ALA A 608 -20.04 -6.85 -7.72
CA ALA A 608 -18.87 -7.24 -8.49
C ALA A 608 -17.55 -6.76 -7.88
N GLN A 609 -17.49 -5.51 -7.45
CA GLN A 609 -16.22 -4.93 -7.00
C GLN A 609 -15.86 -5.42 -5.61
N ALA A 610 -14.55 -5.49 -5.36
CA ALA A 610 -13.94 -5.66 -4.04
C ALA A 610 -13.90 -7.14 -3.63
N LEU A 611 -13.72 -7.40 -2.33
CA LEU A 611 -13.62 -8.75 -1.81
C LEU A 611 -14.72 -9.12 -0.84
N ARG A 612 -15.35 -8.17 -0.17
CA ARG A 612 -16.35 -8.44 0.85
C ARG A 612 -17.54 -9.18 0.26
N ASP A 613 -18.08 -10.16 1.00
CA ASP A 613 -19.22 -10.91 0.52
C ASP A 613 -20.12 -11.28 1.70
N ASN A 614 -21.18 -10.50 1.88
CA ASN A 614 -22.27 -10.87 2.79
C ASN A 614 -23.54 -10.12 2.37
N SER A 615 -24.44 -10.82 1.68
CA SER A 615 -25.58 -10.17 1.05
C SER A 615 -26.81 -10.08 1.95
N THR A 616 -26.72 -10.16 3.28
CA THR A 616 -27.91 -9.98 4.13
C THR A 616 -28.42 -8.54 4.03
N MET A 617 -27.49 -7.58 3.96
CA MET A 617 -27.89 -6.19 3.80
C MET A 617 -28.74 -6.03 2.54
N GLY A 618 -28.23 -6.53 1.40
CA GLY A 618 -29.02 -6.52 0.19
C GLY A 618 -30.30 -7.32 0.33
N TYR A 619 -30.27 -8.38 1.13
CA TYR A 619 -31.48 -9.14 1.40
C TYR A 619 -32.54 -8.27 2.05
N MET A 620 -32.14 -7.26 2.83
CA MET A 620 -33.09 -6.30 3.36
C MET A 620 -33.01 -4.93 2.65
N MET A 621 -32.21 -4.81 1.59
CA MET A 621 -32.40 -3.73 0.62
C MET A 621 -32.69 -4.25 -0.78
N ALA A 622 -33.62 -5.20 -0.92
CA ALA A 622 -34.03 -5.66 -2.24
C ALA A 622 -35.48 -6.11 -2.19
N LYS A 623 -36.34 -5.43 -2.93
CA LYS A 623 -37.74 -5.81 -3.13
C LYS A 623 -38.31 -4.95 -4.25
N LYS A 624 -39.27 -5.50 -4.99
CA LYS A 624 -39.70 -4.90 -6.24
C LYS A 624 -41.22 -4.97 -6.36
N HIS A 625 -41.75 -4.12 -7.25
CA HIS A 625 -43.16 -4.11 -7.59
C HIS A 625 -43.30 -3.99 -9.11
N LEU A 626 -44.44 -4.45 -9.60
CA LEU A 626 -44.75 -4.48 -11.03
C LEU A 626 -45.86 -3.50 -11.35
N GLU A 627 -45.71 -2.79 -12.47
CA GLU A 627 -46.68 -1.80 -12.91
C GLU A 627 -47.15 -2.13 -14.32
N ILE A 628 -48.46 -2.07 -14.52
CA ILE A 628 -49.10 -2.41 -15.80
C ILE A 628 -49.89 -1.19 -16.28
N ASN A 629 -49.74 -0.87 -17.57
CA ASN A 629 -50.41 0.27 -18.16
C ASN A 629 -51.70 -0.22 -18.80
N PRO A 630 -52.88 0.19 -18.31
CA PRO A 630 -54.16 -0.31 -18.83
C PRO A 630 -54.72 0.52 -19.98
N ASP A 631 -53.89 0.79 -20.99
CA ASP A 631 -54.34 1.55 -22.15
C ASP A 631 -54.03 0.82 -23.45
N HIS A 632 -52.96 0.03 -23.45
CA HIS A 632 -52.52 -0.65 -24.65
C HIS A 632 -53.55 -1.68 -25.10
N PRO A 633 -53.65 -1.93 -26.41
CA PRO A 633 -54.56 -2.98 -26.88
C PRO A 633 -54.19 -4.36 -26.38
N ILE A 634 -52.90 -4.64 -26.19
CA ILE A 634 -52.47 -5.97 -25.74
C ILE A 634 -53.04 -6.28 -24.36
N VAL A 635 -53.01 -5.30 -23.46
CA VAL A 635 -53.58 -5.49 -22.13
C VAL A 635 -55.08 -5.77 -22.24
N GLU A 636 -55.77 -5.05 -23.11
CA GLU A 636 -57.21 -5.27 -23.28
C GLU A 636 -57.49 -6.68 -23.79
N THR A 637 -56.72 -7.15 -24.76
CA THR A 637 -56.92 -8.51 -25.28
C THR A 637 -56.68 -9.55 -24.19
N LEU A 638 -55.56 -9.44 -23.47
CA LEU A 638 -55.29 -10.45 -22.46
C LEU A 638 -56.33 -10.39 -21.35
N ARG A 639 -56.85 -9.20 -21.04
CA ARG A 639 -57.89 -9.08 -20.02
C ARG A 639 -59.20 -9.70 -20.49
N GLN A 640 -59.55 -9.56 -21.77
CA GLN A 640 -60.82 -10.11 -22.20
C GLN A 640 -60.75 -11.64 -22.27
N LYS A 641 -59.62 -12.19 -22.75
CA LYS A 641 -59.42 -13.62 -22.61
C LYS A 641 -59.44 -14.03 -21.14
N ALA A 642 -58.93 -13.17 -20.26
CA ALA A 642 -58.90 -13.49 -18.84
C ALA A 642 -60.30 -13.63 -18.26
N GLU A 643 -61.16 -12.64 -18.49
CA GLU A 643 -62.47 -12.72 -17.82
C GLU A 643 -63.34 -13.75 -18.54
N ALA A 644 -63.03 -14.05 -19.80
CA ALA A 644 -63.67 -15.18 -20.45
C ALA A 644 -63.36 -16.48 -19.72
N ASP A 645 -62.09 -16.72 -19.41
CA ASP A 645 -61.64 -17.87 -18.64
C ASP A 645 -60.18 -17.64 -18.26
N LYS A 646 -59.76 -18.31 -17.17
CA LYS A 646 -58.40 -18.13 -16.67
C LYS A 646 -57.66 -19.45 -16.48
N ASN A 647 -58.17 -20.56 -17.00
CA ASN A 647 -57.54 -21.85 -16.84
C ASN A 647 -56.81 -22.32 -18.09
N ASP A 648 -56.62 -21.44 -19.07
CA ASP A 648 -55.91 -21.79 -20.29
C ASP A 648 -54.40 -21.68 -20.07
N LYS A 649 -53.64 -22.15 -21.07
CA LYS A 649 -52.18 -22.09 -21.02
C LYS A 649 -51.61 -20.89 -21.76
N ALA A 650 -52.34 -20.39 -22.78
CA ALA A 650 -51.85 -19.25 -23.54
C ALA A 650 -51.66 -18.03 -22.64
N VAL A 651 -52.56 -17.85 -21.66
CA VAL A 651 -52.39 -16.77 -20.71
C VAL A 651 -51.08 -16.95 -19.94
N LYS A 652 -50.78 -18.18 -19.54
CA LYS A 652 -49.51 -18.43 -18.84
C LYS A 652 -48.31 -18.09 -19.72
N ASP A 653 -48.35 -18.50 -20.99
CA ASP A 653 -47.24 -18.21 -21.89
C ASP A 653 -47.04 -16.70 -22.06
N LEU A 654 -48.13 -15.98 -22.29
CA LEU A 654 -48.00 -14.55 -22.52
C LEU A 654 -47.50 -13.85 -21.26
N VAL A 655 -47.97 -14.27 -20.08
CA VAL A 655 -47.55 -13.56 -18.88
C VAL A 655 -46.08 -13.85 -18.56
N VAL A 656 -45.62 -15.09 -18.77
CA VAL A 656 -44.21 -15.34 -18.49
C VAL A 656 -43.33 -14.59 -19.49
N LEU A 657 -43.75 -14.52 -20.75
CA LEU A 657 -42.96 -13.76 -21.73
C LEU A 657 -42.91 -12.29 -21.35
N LEU A 658 -44.04 -11.72 -20.95
CA LEU A 658 -44.07 -10.31 -20.58
C LEU A 658 -43.21 -10.04 -19.35
N PHE A 659 -43.30 -10.90 -18.33
CA PHE A 659 -42.48 -10.72 -17.14
C PHE A 659 -41.00 -10.85 -17.48
N GLU A 660 -40.65 -11.81 -18.33
CA GLU A 660 -39.25 -12.01 -18.68
C GLU A 660 -38.68 -10.80 -19.43
N THR A 661 -39.43 -10.27 -20.40
CA THR A 661 -38.92 -9.10 -21.11
C THR A 661 -38.90 -7.87 -20.22
N ALA A 662 -39.85 -7.76 -19.27
CA ALA A 662 -39.80 -6.66 -18.31
C ALA A 662 -38.56 -6.75 -17.44
N LEU A 663 -38.22 -7.95 -16.97
CA LEU A 663 -37.01 -8.12 -16.18
C LEU A 663 -35.77 -7.78 -16.99
N LEU A 664 -35.76 -8.19 -18.27
CA LEU A 664 -34.62 -7.87 -19.14
C LEU A 664 -34.47 -6.36 -19.31
N SER A 665 -35.59 -5.65 -19.51
CA SER A 665 -35.53 -4.21 -19.75
C SER A 665 -35.33 -3.40 -18.48
N SER A 666 -35.61 -3.99 -17.31
CA SER A 666 -35.58 -3.21 -16.07
C SER A 666 -34.17 -2.72 -15.75
N GLY A 667 -33.19 -3.62 -15.80
CA GLY A 667 -31.83 -3.27 -15.44
C GLY A 667 -31.17 -4.31 -14.58
N PHE A 668 -31.94 -5.28 -14.10
CA PHE A 668 -31.40 -6.38 -13.31
C PHE A 668 -30.68 -7.35 -14.24
N SER A 669 -30.26 -8.49 -13.69
CA SER A 669 -29.63 -9.54 -14.47
C SER A 669 -30.49 -10.79 -14.41
N LEU A 670 -30.78 -11.36 -15.58
CA LEU A 670 -31.56 -12.58 -15.64
C LEU A 670 -30.81 -13.73 -14.98
N GLU A 671 -31.54 -14.57 -14.25
CA GLU A 671 -30.90 -15.70 -13.59
C GLU A 671 -30.40 -16.73 -14.60
N ASP A 672 -31.04 -16.82 -15.75
CA ASP A 672 -30.58 -17.70 -16.83
C ASP A 672 -31.15 -17.21 -18.16
N PRO A 673 -30.29 -16.84 -19.12
CA PRO A 673 -30.80 -16.45 -20.44
C PRO A 673 -31.08 -17.61 -21.37
N GLN A 674 -30.66 -18.83 -21.01
CA GLN A 674 -30.85 -19.98 -21.90
C GLN A 674 -32.32 -20.29 -22.12
N THR A 675 -33.14 -20.21 -21.07
CA THR A 675 -34.57 -20.47 -21.21
C THR A 675 -35.23 -19.43 -22.11
N HIS A 676 -34.87 -18.15 -21.94
CA HIS A 676 -35.40 -17.10 -22.80
C HIS A 676 -35.00 -17.34 -24.25
N SER A 677 -33.74 -17.71 -24.48
CA SER A 677 -33.26 -17.98 -25.83
C SER A 677 -34.02 -19.16 -26.44
N ASN A 678 -34.25 -20.21 -25.66
CA ASN A 678 -35.01 -21.35 -26.16
C ASN A 678 -36.43 -20.95 -26.52
N ARG A 679 -37.05 -20.10 -25.70
CA ARG A 679 -38.41 -19.66 -26.00
C ARG A 679 -38.47 -18.89 -27.31
N ILE A 680 -37.57 -17.91 -27.48
CA ILE A 680 -37.62 -17.14 -28.72
C ILE A 680 -37.25 -18.00 -29.92
N TYR A 681 -36.33 -18.95 -29.72
CA TYR A 681 -35.96 -19.85 -30.81
C TYR A 681 -37.14 -20.71 -31.24
N ARG A 682 -37.90 -21.22 -30.27
CA ARG A 682 -39.11 -21.98 -30.60
C ARG A 682 -40.12 -21.10 -31.33
N MET A 683 -40.28 -19.86 -30.88
CA MET A 683 -41.20 -18.94 -31.56
C MET A 683 -40.80 -18.74 -33.02
N ILE A 684 -39.51 -18.51 -33.26
CA ILE A 684 -39.05 -18.29 -34.63
C ILE A 684 -39.15 -19.57 -35.45
N LYS A 685 -38.95 -20.74 -34.82
CA LYS A 685 -39.09 -22.00 -35.51
C LYS A 685 -40.52 -22.22 -35.97
N LEU A 686 -41.49 -21.91 -35.10
CA LEU A 686 -42.89 -21.99 -35.50
C LEU A 686 -43.21 -20.97 -36.58
N GLY A 687 -42.66 -19.76 -36.46
CA GLY A 687 -42.93 -18.74 -37.46
C GLY A 687 -42.44 -19.13 -38.84
N LEU A 688 -41.25 -19.74 -38.91
CA LEU A 688 -40.72 -20.17 -40.20
C LEU A 688 -41.45 -21.38 -40.77
N GLY A 689 -42.32 -22.00 -39.99
CA GLY A 689 -43.08 -23.15 -40.47
C GLY A 689 -42.27 -24.39 -40.76
N ILE A 690 -41.32 -24.73 -39.89
CA ILE A 690 -40.57 -25.98 -40.02
C ILE A 690 -41.17 -27.03 -39.11
N VAL B 12 53.09 22.84 19.92
CA VAL B 12 52.25 21.65 20.02
C VAL B 12 51.96 21.30 21.48
N GLU B 13 50.67 21.17 21.80
CA GLU B 13 50.23 20.84 23.15
C GLU B 13 49.04 19.91 23.08
N THR B 14 48.85 19.14 24.16
CA THR B 14 47.73 18.23 24.29
C THR B 14 46.84 18.68 25.45
N PHE B 15 45.53 18.68 25.21
CA PHE B 15 44.56 19.13 26.21
C PHE B 15 43.43 18.13 26.32
N ALA B 16 42.88 18.02 27.52
CA ALA B 16 41.80 17.09 27.78
C ALA B 16 40.47 17.64 27.26
N PHE B 17 39.47 16.77 27.22
CA PHE B 17 38.15 17.15 26.74
C PHE B 17 37.30 17.74 27.86
N GLN B 18 36.46 18.70 27.50
CA GLN B 18 35.56 19.36 28.43
C GLN B 18 34.12 19.17 27.99
N ALA B 19 33.20 19.43 28.92
CA ALA B 19 31.77 19.32 28.62
C ALA B 19 31.00 20.15 29.65
N GLU B 20 30.33 21.20 29.18
CA GLU B 20 29.53 22.03 30.08
C GLU B 20 28.33 21.25 30.59
N ILE B 21 28.03 21.42 31.88
CA ILE B 21 27.02 20.62 32.54
C ILE B 21 25.65 21.29 32.49
N ALA B 22 25.61 22.62 32.65
CA ALA B 22 24.34 23.32 32.83
C ALA B 22 23.42 23.16 31.62
N GLN B 23 23.93 23.42 30.42
CA GLN B 23 23.08 23.36 29.23
C GLN B 23 22.70 21.92 28.89
N LEU B 24 23.56 20.96 29.18
CA LEU B 24 23.22 19.56 28.99
C LEU B 24 22.01 19.18 29.83
N MET B 25 21.85 19.81 31.00
CA MET B 25 20.72 19.52 31.86
C MET B 25 19.40 19.80 31.17
N SER B 26 19.29 20.96 30.51
CA SER B 26 18.10 21.27 29.74
C SER B 26 18.03 20.48 28.43
N LEU B 27 19.20 20.11 27.89
CA LEU B 27 19.21 19.31 26.67
C LEU B 27 18.56 17.95 26.88
N ILE B 28 18.82 17.33 28.04
CA ILE B 28 18.31 15.98 28.28
C ILE B 28 16.80 15.99 28.46
N ILE B 29 16.25 17.00 29.13
CA ILE B 29 14.86 16.97 29.56
C ILE B 29 13.91 17.66 28.59
N ASN B 30 14.40 18.17 27.46
CA ASN B 30 13.54 18.92 26.56
C ASN B 30 13.43 18.32 25.17
N THR B 31 14.50 17.72 24.64
CA THR B 31 14.54 17.27 23.25
C THR B 31 15.16 15.89 23.14
N PHE B 32 14.79 15.00 24.04
CA PHE B 32 15.23 13.61 23.98
C PHE B 32 14.10 12.63 23.71
N TYR B 33 12.90 12.91 24.19
CA TYR B 33 11.73 12.09 23.93
C TYR B 33 10.65 12.91 23.25
N SER B 34 9.56 12.23 22.88
CA SER B 34 8.48 12.87 22.14
C SER B 34 7.12 12.79 22.83
N ASN B 35 6.95 11.89 23.80
CA ASN B 35 5.67 11.72 24.49
C ASN B 35 5.87 11.88 25.99
N LYS B 36 4.82 11.56 26.75
CA LYS B 36 4.84 11.71 28.20
C LYS B 36 4.62 10.41 28.96
N GLU B 37 4.24 9.32 28.28
CA GLU B 37 3.82 8.10 28.94
C GLU B 37 4.97 7.11 29.15
N ILE B 38 6.22 7.57 29.26
CA ILE B 38 7.36 6.67 29.37
C ILE B 38 8.05 6.73 30.73
N PHE B 39 7.86 7.80 31.51
CA PHE B 39 8.53 7.88 32.80
C PHE B 39 8.07 6.76 33.72
N LEU B 40 6.80 6.36 33.63
CA LEU B 40 6.33 5.23 34.41
C LEU B 40 7.09 3.96 34.07
N ARG B 41 7.25 3.69 32.76
CA ARG B 41 8.00 2.51 32.35
C ARG B 41 9.43 2.56 32.86
N GLU B 42 10.06 3.73 32.79
CA GLU B 42 11.42 3.87 33.29
C GLU B 42 11.50 3.55 34.77
N LEU B 43 10.57 4.08 35.56
CA LEU B 43 10.61 3.87 37.00
C LEU B 43 10.38 2.41 37.37
N ILE B 44 9.39 1.77 36.74
CA ILE B 44 9.16 0.35 37.04
C ILE B 44 10.33 -0.51 36.57
N SER B 45 10.98 -0.15 35.46
CA SER B 45 12.16 -0.90 35.05
C SER B 45 13.29 -0.75 36.06
N ASN B 46 13.47 0.45 36.60
CA ASN B 46 14.49 0.63 37.63
C ASN B 46 14.18 -0.21 38.86
N ALA B 47 12.92 -0.20 39.31
CA ALA B 47 12.55 -1.02 40.44
C ALA B 47 12.75 -2.50 40.15
N SER B 48 12.46 -2.93 38.91
CA SER B 48 12.62 -4.32 38.55
C SER B 48 14.08 -4.76 38.60
N ASP B 49 15.00 -3.92 38.08
CA ASP B 49 16.39 -4.32 38.12
C ASP B 49 16.93 -4.32 39.55
N ALA B 50 16.46 -3.40 40.39
CA ALA B 50 16.79 -3.50 41.81
C ALA B 50 16.30 -4.82 42.39
N LEU B 51 15.08 -5.22 42.00
CA LEU B 51 14.51 -6.45 42.53
C LEU B 51 15.35 -7.67 42.19
N ASP B 52 15.70 -7.84 40.91
CA ASP B 52 16.47 -9.05 40.62
C ASP B 52 17.92 -8.92 41.09
N LYS B 53 18.43 -7.69 41.28
CA LYS B 53 19.74 -7.55 41.91
C LYS B 53 19.73 -8.14 43.31
N ILE B 54 18.78 -7.73 44.14
CA ILE B 54 18.75 -8.29 45.50
C ILE B 54 18.39 -9.77 45.45
N ARG B 55 17.56 -10.18 44.49
CA ARG B 55 17.22 -11.60 44.36
C ARG B 55 18.45 -12.44 44.08
N TYR B 56 19.32 -11.98 43.18
CA TYR B 56 20.58 -12.68 42.94
C TYR B 56 21.44 -12.67 44.18
N GLU B 57 21.49 -11.54 44.88
CA GLU B 57 22.27 -11.46 46.12
C GLU B 57 21.77 -12.46 47.16
N SER B 58 20.50 -12.88 47.06
CA SER B 58 19.94 -13.73 48.10
C SER B 58 20.48 -15.16 48.09
N LEU B 59 20.69 -15.74 46.90
CA LEU B 59 20.99 -17.18 46.84
C LEU B 59 22.29 -17.52 47.56
N THR B 60 23.21 -16.57 47.69
CA THR B 60 24.46 -16.83 48.38
C THR B 60 24.40 -16.48 49.87
N ASP B 61 23.53 -15.55 50.26
CA ASP B 61 23.41 -15.13 51.65
C ASP B 61 21.93 -15.04 52.02
N PRO B 62 21.42 -15.95 52.86
CA PRO B 62 20.03 -15.82 53.31
C PRO B 62 19.81 -14.60 54.19
N SER B 63 20.78 -14.26 55.03
CA SER B 63 20.64 -13.15 55.95
C SER B 63 20.42 -11.82 55.24
N LYS B 64 20.64 -11.76 53.93
CA LYS B 64 20.35 -10.54 53.19
C LYS B 64 18.87 -10.19 53.22
N LEU B 65 18.00 -11.19 53.41
CA LEU B 65 16.56 -10.98 53.40
C LEU B 65 15.96 -10.92 54.80
N ASP B 66 16.78 -10.62 55.82
CA ASP B 66 16.24 -10.54 57.18
C ASP B 66 15.37 -9.30 57.38
N SER B 67 15.63 -8.24 56.62
CA SER B 67 14.85 -7.02 56.73
C SER B 67 13.59 -7.03 55.89
N GLY B 68 13.15 -8.21 55.46
CA GLY B 68 11.94 -8.34 54.66
C GLY B 68 11.95 -9.56 53.77
N LYS B 69 10.84 -10.28 53.74
CA LYS B 69 10.73 -11.51 52.95
C LYS B 69 9.84 -11.36 51.73
N GLU B 70 9.20 -10.21 51.54
CA GLU B 70 8.30 -9.99 50.42
C GLU B 70 8.91 -9.01 49.44
N LEU B 71 8.65 -9.25 48.15
CA LEU B 71 9.12 -8.41 47.07
C LEU B 71 7.91 -7.85 46.32
N LYS B 72 7.53 -6.63 46.64
CA LYS B 72 6.37 -5.99 46.04
C LYS B 72 6.72 -4.57 45.61
N ILE B 73 6.08 -4.13 44.53
CA ILE B 73 6.20 -2.76 44.03
C ILE B 73 4.83 -2.13 44.09
N ASP B 74 4.72 -0.95 44.70
CA ASP B 74 3.41 -0.33 44.81
C ASP B 74 3.48 1.15 44.47
N ILE B 75 2.35 1.66 43.98
CA ILE B 75 2.20 3.07 43.58
C ILE B 75 1.01 3.65 44.34
N ILE B 76 1.19 4.85 44.88
CA ILE B 76 0.17 5.50 45.69
C ILE B 76 0.00 6.94 45.22
N PRO B 77 -1.17 7.33 44.74
CA PRO B 77 -1.44 8.74 44.44
C PRO B 77 -2.12 9.44 45.60
N ASN B 78 -1.97 10.76 45.63
CA ASN B 78 -2.67 11.55 46.65
C ASN B 78 -3.06 12.91 46.07
N PRO B 79 -4.36 13.19 45.96
CA PRO B 79 -4.79 14.41 45.26
C PRO B 79 -4.68 15.66 46.11
N GLN B 80 -4.82 15.52 47.43
CA GLN B 80 -4.90 16.70 48.28
C GLN B 80 -3.53 17.36 48.41
N GLU B 81 -2.46 16.58 48.36
CA GLU B 81 -1.12 17.12 48.18
C GLU B 81 -0.67 17.11 46.72
N ARG B 82 -1.41 16.48 45.83
CA ARG B 82 -1.04 16.30 44.42
C ARG B 82 0.35 15.68 44.31
N THR B 83 0.50 14.52 44.94
CA THR B 83 1.78 13.84 45.04
C THR B 83 1.66 12.41 44.54
N LEU B 84 2.76 11.87 44.03
CA LEU B 84 2.82 10.47 43.62
C LEU B 84 3.95 9.78 44.37
N THR B 85 3.71 8.52 44.78
CA THR B 85 4.70 7.79 45.55
C THR B 85 4.90 6.41 44.95
N LEU B 86 6.16 6.00 44.82
CA LEU B 86 6.53 4.65 44.39
C LEU B 86 7.35 4.00 45.49
N VAL B 87 6.93 2.82 45.94
CA VAL B 87 7.61 2.12 47.01
C VAL B 87 8.08 0.76 46.51
N ASP B 88 9.35 0.46 46.76
CA ASP B 88 9.90 -0.84 46.39
C ASP B 88 10.95 -1.24 47.43
N THR B 89 11.14 -2.55 47.57
CA THR B 89 12.15 -3.11 48.45
C THR B 89 13.17 -3.86 47.58
N GLY B 90 14.41 -3.37 47.56
CA GLY B 90 15.45 -3.92 46.72
C GLY B 90 16.79 -3.87 47.39
N ILE B 91 17.82 -3.50 46.63
CA ILE B 91 19.17 -3.47 47.17
C ILE B 91 19.39 -2.21 48.00
N GLY B 92 19.10 -1.04 47.42
CA GLY B 92 19.29 0.21 48.12
C GLY B 92 20.63 0.87 47.81
N MET B 93 20.84 2.02 48.45
CA MET B 93 22.06 2.79 48.28
C MET B 93 22.76 2.97 49.61
N THR B 94 24.05 3.23 49.55
CA THR B 94 24.82 3.76 50.66
C THR B 94 25.20 5.20 50.35
N LYS B 95 25.96 5.82 51.26
CA LYS B 95 26.38 7.19 51.02
C LYS B 95 27.28 7.29 49.79
N ALA B 96 28.13 6.29 49.57
CA ALA B 96 29.00 6.31 48.40
C ALA B 96 28.18 6.25 47.11
N ASP B 97 27.12 5.43 47.10
CA ASP B 97 26.30 5.30 45.89
C ASP B 97 25.59 6.60 45.55
N LEU B 98 25.05 7.29 46.57
CA LEU B 98 24.23 8.46 46.30
C LEU B 98 25.04 9.59 45.68
N ILE B 99 26.30 9.73 46.08
CA ILE B 99 27.10 10.89 45.66
C ILE B 99 27.40 10.83 44.17
N ASN B 100 27.88 9.68 43.69
CA ASN B 100 28.42 9.59 42.34
C ASN B 100 27.57 8.77 41.38
N ASN B 101 26.94 7.69 41.84
CA ASN B 101 26.18 6.83 40.92
C ASN B 101 24.99 7.58 40.33
N LEU B 102 24.27 8.32 41.16
CA LEU B 102 23.11 9.07 40.69
C LEU B 102 23.46 10.48 40.22
N GLY B 103 24.45 11.12 40.86
CA GLY B 103 24.82 12.47 40.52
C GLY B 103 25.66 12.64 39.28
N THR B 104 25.93 11.57 38.55
CA THR B 104 26.73 11.62 37.34
C THR B 104 25.85 11.36 36.13
N ILE B 105 26.00 12.19 35.10
CA ILE B 105 25.23 12.03 33.87
C ILE B 105 25.93 11.00 33.00
N ALA B 106 25.14 10.06 32.46
CA ALA B 106 25.63 9.02 31.55
C ALA B 106 26.67 8.13 32.22
N LYS B 107 26.24 7.49 33.32
CA LYS B 107 27.03 6.45 33.95
C LYS B 107 26.07 5.53 34.70
N SER B 108 26.26 4.22 34.55
CA SER B 108 25.36 3.23 35.12
C SER B 108 26.15 2.26 35.99
N GLY B 109 25.61 1.95 37.16
CA GLY B 109 26.20 0.91 38.00
C GLY B 109 25.87 -0.50 37.56
N THR B 110 24.87 -0.66 36.69
CA THR B 110 24.50 -1.98 36.20
C THR B 110 25.64 -2.60 35.41
N LYS B 111 26.25 -1.83 34.52
CA LYS B 111 27.36 -2.36 33.71
C LYS B 111 28.54 -2.73 34.60
N ALA B 112 28.87 -1.89 35.59
CA ALA B 112 29.96 -2.22 36.49
C ALA B 112 29.67 -3.48 37.30
N PHE B 113 28.43 -3.60 37.78
CA PHE B 113 28.04 -4.78 38.55
C PHE B 113 28.16 -6.05 37.70
N MET B 114 27.67 -5.99 36.45
CA MET B 114 27.73 -7.16 35.59
C MET B 114 29.14 -7.46 35.12
N GLU B 115 30.00 -6.44 35.03
CA GLU B 115 31.40 -6.70 34.67
C GLU B 115 32.15 -7.34 35.83
N ALA B 116 31.91 -6.86 37.05
CA ALA B 116 32.47 -7.52 38.22
C ALA B 116 31.87 -8.91 38.43
N LEU B 117 30.68 -9.16 37.88
CA LEU B 117 30.02 -10.45 37.95
C LEU B 117 30.40 -11.35 36.77
N GLN B 118 31.57 -11.14 36.18
CA GLN B 118 32.02 -11.90 35.01
C GLN B 118 32.40 -13.30 35.47
N ALA B 119 31.37 -14.11 35.76
CA ALA B 119 31.54 -15.50 36.14
C ALA B 119 30.46 -16.37 35.49
N GLY B 120 29.95 -15.93 34.36
CA GLY B 120 28.85 -16.59 33.69
C GLY B 120 27.59 -15.75 33.69
N ALA B 121 26.68 -16.12 32.78
CA ALA B 121 25.42 -15.42 32.60
C ALA B 121 24.28 -16.31 33.08
N ASP B 122 23.54 -15.83 34.08
CA ASP B 122 22.40 -16.58 34.61
C ASP B 122 21.17 -15.70 34.65
N ILE B 123 21.36 -14.38 34.82
CA ILE B 123 20.27 -13.43 34.83
C ILE B 123 20.56 -12.33 33.82
N SER B 124 19.51 -11.67 33.35
CA SER B 124 19.60 -10.60 32.36
C SER B 124 18.82 -9.40 32.85
N MET B 125 19.43 -8.23 32.80
CA MET B 125 18.82 -6.98 33.23
C MET B 125 18.98 -5.94 32.15
N ILE B 126 18.26 -4.82 32.30
CA ILE B 126 18.22 -3.78 31.29
C ILE B 126 18.83 -2.50 31.86
N GLY B 127 19.20 -1.60 30.95
CA GLY B 127 19.79 -0.33 31.32
C GLY B 127 21.25 -0.23 30.92
N GLN B 128 21.51 0.43 29.78
CA GLN B 128 22.86 0.54 29.26
C GLN B 128 23.24 1.98 28.90
N PHE B 129 22.37 2.95 29.17
CA PHE B 129 22.60 4.33 28.75
C PHE B 129 22.90 5.25 29.92
N GLY B 130 22.01 5.33 30.90
CA GLY B 130 22.26 6.13 32.08
C GLY B 130 21.69 7.54 32.04
N VAL B 131 20.53 7.70 31.40
CA VAL B 131 19.82 8.97 31.40
C VAL B 131 18.36 8.74 31.76
N GLY B 132 18.06 7.53 32.25
CA GLY B 132 16.68 7.16 32.50
C GLY B 132 16.02 7.95 33.62
N PHE B 133 16.76 8.18 34.71
CA PHE B 133 16.17 8.78 35.90
C PHE B 133 15.63 10.18 35.60
N TYR B 134 16.45 11.01 34.94
CA TYR B 134 16.10 12.41 34.76
C TYR B 134 14.88 12.62 33.88
N SER B 135 14.45 11.58 33.14
CA SER B 135 13.20 11.68 32.41
C SER B 135 12.03 11.99 33.33
N ALA B 136 12.09 11.50 34.57
CA ALA B 136 11.03 11.79 35.54
C ALA B 136 10.88 13.28 35.78
N TYR B 137 11.89 14.08 35.46
CA TYR B 137 11.81 15.52 35.65
C TYR B 137 10.97 16.21 34.59
N LEU B 138 10.43 15.47 33.63
CA LEU B 138 9.65 16.11 32.57
C LEU B 138 8.40 16.78 33.12
N VAL B 139 7.72 16.16 34.09
CA VAL B 139 6.43 16.64 34.55
C VAL B 139 6.43 16.90 36.05
N ALA B 140 7.60 17.22 36.61
CA ALA B 140 7.73 17.40 38.05
C ALA B 140 8.67 18.55 38.36
N GLU B 141 8.48 19.13 39.55
CA GLU B 141 9.39 20.14 40.10
C GLU B 141 10.33 19.59 41.16
N LYS B 142 9.80 18.81 42.10
CA LYS B 142 10.57 18.33 43.24
C LYS B 142 10.56 16.80 43.26
N VAL B 143 11.74 16.22 43.39
CA VAL B 143 11.91 14.77 43.47
C VAL B 143 12.68 14.45 44.74
N VAL B 144 12.13 13.54 45.54
CA VAL B 144 12.76 13.15 46.81
C VAL B 144 12.85 11.63 46.86
N VAL B 145 13.99 11.14 47.33
CA VAL B 145 14.27 9.72 47.45
C VAL B 145 14.64 9.42 48.89
N ILE B 146 13.96 8.45 49.50
CA ILE B 146 14.23 7.97 50.84
C ILE B 146 14.84 6.57 50.69
N THR B 147 16.04 6.37 51.23
CA THR B 147 16.79 5.16 50.98
C THR B 147 17.23 4.51 52.28
N LYS B 148 17.05 3.18 52.37
CA LYS B 148 17.57 2.40 53.48
C LYS B 148 18.31 1.19 52.94
N HIS B 149 19.54 1.00 53.41
CA HIS B 149 20.40 -0.10 53.00
C HIS B 149 20.51 -1.12 54.13
N ASN B 150 20.87 -2.35 53.76
CA ASN B 150 21.02 -3.43 54.74
C ASN B 150 22.10 -3.13 55.77
N ASP B 151 23.05 -2.25 55.45
CA ASP B 151 24.12 -1.93 56.39
C ASP B 151 24.41 -0.44 56.47
N ASP B 152 23.46 0.41 56.09
CA ASP B 152 23.61 1.86 56.18
C ASP B 152 22.32 2.46 56.70
N GLU B 153 22.44 3.66 57.29
CA GLU B 153 21.30 4.29 57.96
C GLU B 153 20.36 4.93 56.94
N GLN B 154 19.19 5.33 57.42
CA GLN B 154 18.19 6.00 56.60
C GLN B 154 18.76 7.30 56.04
N TYR B 155 18.59 7.52 54.74
CA TYR B 155 19.13 8.72 54.10
C TYR B 155 18.06 9.35 53.21
N ALA B 156 18.15 10.68 53.06
CA ALA B 156 17.20 11.46 52.28
C ALA B 156 17.95 12.24 51.21
N TRP B 157 17.36 12.29 50.01
CA TRP B 157 17.91 13.05 48.90
C TRP B 157 16.79 13.84 48.25
N GLU B 158 17.06 15.11 47.94
CA GLU B 158 16.05 15.97 47.33
C GLU B 158 16.69 16.77 46.21
N SER B 159 15.92 17.02 45.16
CA SER B 159 16.41 17.88 44.08
C SER B 159 15.24 18.53 43.36
N SER B 160 15.54 19.65 42.69
CA SER B 160 14.52 20.46 42.04
C SER B 160 14.96 21.02 40.70
N ALA B 161 15.96 20.44 40.06
CA ALA B 161 16.43 20.85 38.73
C ALA B 161 16.83 22.33 38.71
N GLY B 162 17.84 22.67 39.51
CA GLY B 162 18.35 24.03 39.54
C GLY B 162 19.85 24.10 39.40
N GLY B 163 20.51 22.94 39.50
CA GLY B 163 21.96 22.87 39.49
C GLY B 163 22.55 22.45 40.82
N SER B 164 21.78 22.42 41.90
CA SER B 164 22.25 21.97 43.20
C SER B 164 21.29 20.93 43.74
N PHE B 165 21.85 19.81 44.20
CA PHE B 165 21.07 18.73 44.80
C PHE B 165 21.47 18.57 46.26
N THR B 166 20.55 18.02 47.05
CA THR B 166 20.68 18.01 48.51
C THR B 166 20.61 16.58 49.03
N VAL B 167 21.51 16.26 49.96
CA VAL B 167 21.50 14.98 50.67
C VAL B 167 21.58 15.26 52.16
N ARG B 168 21.01 14.35 52.95
CA ARG B 168 21.00 14.52 54.40
C ARG B 168 20.63 13.20 55.06
N ALA B 169 20.87 13.14 56.37
CA ALA B 169 20.42 12.03 57.20
C ALA B 169 19.04 12.39 57.76
N ASP B 170 18.05 11.56 57.46
CA ASP B 170 16.67 11.84 57.82
C ASP B 170 16.25 11.02 59.03
N HIS B 171 15.30 11.57 59.80
CA HIS B 171 14.80 10.93 60.99
C HIS B 171 13.28 10.88 60.95
N GLY B 172 12.71 9.87 61.58
CA GLY B 172 11.28 9.72 61.65
C GLY B 172 10.75 8.77 60.59
N GLU B 173 9.65 8.07 60.93
CA GLU B 173 8.99 7.09 60.08
C GLU B 173 9.99 6.05 59.57
N PRO B 174 10.46 5.15 60.43
CA PRO B 174 11.45 4.17 59.99
C PRO B 174 10.86 3.20 58.97
N ILE B 175 11.73 2.72 58.09
CA ILE B 175 11.39 1.71 57.11
C ILE B 175 12.28 0.50 57.34
N GLY B 176 11.88 -0.63 56.76
CA GLY B 176 12.69 -1.82 56.84
C GLY B 176 13.94 -1.74 55.99
N ARG B 177 13.75 -1.57 54.69
CA ARG B 177 14.84 -1.45 53.73
C ARG B 177 14.24 -1.12 52.37
N GLY B 178 15.07 -0.52 51.51
CA GLY B 178 14.62 -0.26 50.15
C GLY B 178 14.52 1.20 49.78
N THR B 179 13.65 1.52 48.82
CA THR B 179 13.56 2.86 48.25
C THR B 179 12.11 3.34 48.21
N LYS B 180 11.93 4.60 48.60
CA LYS B 180 10.67 5.31 48.45
C LYS B 180 10.91 6.57 47.63
N VAL B 181 10.24 6.69 46.50
CA VAL B 181 10.40 7.83 45.61
C VAL B 181 9.12 8.64 45.65
N ILE B 182 9.23 9.92 46.00
CA ILE B 182 8.08 10.82 46.05
C ILE B 182 8.28 11.93 45.03
N LEU B 183 7.29 12.09 44.16
CA LEU B 183 7.30 13.07 43.09
C LEU B 183 6.23 14.11 43.36
N HIS B 184 6.64 15.38 43.35
CA HIS B 184 5.67 16.46 43.29
C HIS B 184 5.27 16.70 41.83
N LEU B 185 4.09 17.27 41.63
CA LEU B 185 3.52 17.38 40.30
C LEU B 185 3.38 18.84 39.88
N LYS B 186 3.11 19.03 38.59
CA LYS B 186 2.79 20.33 38.04
C LYS B 186 1.34 20.70 38.38
N GLU B 187 0.86 21.79 37.79
CA GLU B 187 -0.54 22.19 37.87
C GLU B 187 -1.34 21.79 36.65
N ASP B 188 -0.68 21.69 35.49
CA ASP B 188 -1.32 21.36 34.23
C ASP B 188 -1.26 19.87 33.89
N GLN B 189 -0.66 19.04 34.74
CA GLN B 189 -0.59 17.59 34.56
C GLN B 189 -1.42 16.86 35.61
N THR B 190 -2.57 17.41 35.99
CA THR B 190 -3.44 16.72 36.95
C THR B 190 -4.01 15.44 36.36
N GLU B 191 -4.14 15.37 35.03
CA GLU B 191 -4.81 14.25 34.38
C GLU B 191 -4.15 12.91 34.69
N TYR B 192 -2.88 12.92 35.10
CA TYR B 192 -2.17 11.68 35.42
C TYR B 192 -2.48 11.18 36.82
N LEU B 193 -3.51 11.69 37.48
CA LEU B 193 -3.85 11.30 38.84
C LEU B 193 -5.10 10.44 38.92
N GLU B 194 -5.64 10.00 37.80
CA GLU B 194 -6.88 9.21 37.77
C GLU B 194 -6.58 7.76 37.43
N GLU B 195 -7.59 6.91 37.65
CA GLU B 195 -7.39 5.47 37.54
C GLU B 195 -7.30 5.02 36.08
N ARG B 196 -8.14 5.59 35.21
CA ARG B 196 -8.20 5.11 33.83
C ARG B 196 -6.88 5.31 33.11
N ARG B 197 -6.27 6.48 33.28
CA ARG B 197 -5.01 6.76 32.58
C ARG B 197 -3.90 5.83 33.03
N VAL B 198 -3.75 5.66 34.35
CA VAL B 198 -2.67 4.81 34.85
C VAL B 198 -2.90 3.37 34.45
N LYS B 199 -4.14 2.89 34.48
CA LYS B 199 -4.42 1.53 34.06
C LYS B 199 -4.08 1.34 32.59
N GLU B 200 -4.48 2.29 31.74
CA GLU B 200 -4.20 2.19 30.32
C GLU B 200 -2.70 2.16 30.07
N VAL B 201 -1.96 3.08 30.69
CA VAL B 201 -0.52 3.17 30.46
C VAL B 201 0.17 1.90 30.92
N VAL B 202 -0.18 1.41 32.12
CA VAL B 202 0.52 0.26 32.68
C VAL B 202 0.21 -1.00 31.88
N LYS B 203 -1.03 -1.13 31.39
CA LYS B 203 -1.34 -2.29 30.57
C LYS B 203 -0.72 -2.18 29.17
N LYS B 204 -0.45 -0.97 28.70
CA LYS B 204 0.12 -0.79 27.38
C LYS B 204 1.62 -1.07 27.38
N HIS B 205 2.36 -0.51 28.33
CA HIS B 205 3.82 -0.44 28.20
C HIS B 205 4.57 -1.52 28.97
N SER B 206 4.16 -1.85 30.19
CA SER B 206 4.97 -2.70 31.08
C SER B 206 4.11 -3.79 31.71
N GLN B 207 3.37 -4.52 30.89
CA GLN B 207 2.39 -5.49 31.38
C GLN B 207 2.90 -6.94 31.34
N PHE B 208 4.22 -7.13 31.22
CA PHE B 208 4.79 -8.48 31.16
C PHE B 208 6.03 -8.58 32.03
N ILE B 209 5.93 -8.08 33.27
CA ILE B 209 7.04 -8.09 34.21
C ILE B 209 6.78 -9.18 35.25
N GLY B 210 7.83 -9.91 35.61
CA GLY B 210 7.70 -11.08 36.46
C GLY B 210 7.47 -10.80 37.93
N TYR B 211 6.95 -9.63 38.27
CA TYR B 211 6.55 -9.32 39.63
C TYR B 211 5.21 -8.61 39.63
N PRO B 212 4.40 -8.80 40.68
CA PRO B 212 3.08 -8.17 40.71
C PRO B 212 3.17 -6.67 40.89
N ILE B 213 2.15 -5.97 40.37
CA ILE B 213 2.01 -4.54 40.49
C ILE B 213 0.60 -4.24 41.01
N THR B 214 0.51 -3.41 42.04
CA THR B 214 -0.76 -3.05 42.65
C THR B 214 -0.99 -1.54 42.55
N LEU B 215 -2.16 -1.11 43.00
CA LEU B 215 -2.53 0.29 42.97
C LEU B 215 -3.57 0.55 44.06
N TYR B 216 -3.48 1.71 44.70
CA TYR B 216 -4.31 2.06 45.84
C TYR B 216 -5.21 3.24 45.48
N LEU B 217 -6.51 3.07 45.68
CA LEU B 217 -7.48 4.15 45.56
C LEU B 217 -8.29 4.21 46.85
N GLU B 218 -8.45 5.42 47.39
CA GLU B 218 -9.20 5.62 48.62
C GLU B 218 -10.60 6.15 48.33
N TYR B 276 -12.61 3.16 54.44
CA TYR B 276 -12.68 2.18 53.37
C TYR B 276 -11.46 2.31 52.47
N ILE B 277 -10.47 1.46 52.70
CA ILE B 277 -9.30 1.37 51.83
C ILE B 277 -9.57 0.30 50.78
N ASP B 278 -8.78 0.31 49.70
CA ASP B 278 -9.01 -0.62 48.60
C ASP B 278 -7.72 -1.37 48.30
N GLN B 279 -7.89 -2.59 47.79
CA GLN B 279 -6.77 -3.45 47.41
C GLN B 279 -7.10 -4.08 46.07
N GLU B 280 -6.26 -3.85 45.07
CA GLU B 280 -6.49 -4.38 43.74
C GLU B 280 -5.19 -4.60 42.98
N GLU B 281 -5.26 -5.35 41.88
CA GLU B 281 -4.07 -5.69 41.10
C GLU B 281 -4.22 -5.23 39.66
N LEU B 282 -3.17 -4.65 39.10
CA LEU B 282 -3.23 -4.10 37.75
C LEU B 282 -2.81 -5.10 36.69
N ASN B 283 -2.12 -6.18 37.06
CA ASN B 283 -1.73 -7.22 36.11
C ASN B 283 -1.56 -8.52 36.89
N LYS B 284 -2.22 -9.58 36.42
CA LYS B 284 -2.14 -10.88 37.10
C LYS B 284 -2.08 -12.02 36.07
N THR B 285 -1.36 -11.82 34.99
CA THR B 285 -1.14 -12.86 33.98
C THR B 285 0.35 -13.10 33.82
N LYS B 286 0.71 -14.38 33.67
CA LYS B 286 2.13 -14.72 33.67
C LYS B 286 2.64 -14.95 32.24
N PRO B 287 3.90 -14.61 31.98
CA PRO B 287 4.51 -14.97 30.70
C PRO B 287 4.57 -16.48 30.53
N ILE B 288 4.40 -16.93 29.29
CA ILE B 288 4.21 -18.34 28.99
C ILE B 288 5.34 -18.90 28.14
N TRP B 289 5.85 -18.12 27.18
CA TRP B 289 6.81 -18.63 26.20
C TRP B 289 8.22 -18.78 26.74
N THR B 290 8.42 -18.67 28.05
CA THR B 290 9.73 -18.84 28.66
C THR B 290 9.96 -20.25 29.19
N ARG B 291 8.98 -21.14 29.06
CA ARG B 291 9.11 -22.52 29.48
C ARG B 291 9.14 -23.44 28.27
N ASN B 292 9.92 -24.52 28.39
CA ASN B 292 10.10 -25.45 27.30
C ASN B 292 8.85 -26.31 27.11
N PRO B 293 8.58 -26.76 25.88
CA PRO B 293 7.51 -27.75 25.68
C PRO B 293 7.79 -29.06 26.38
N ASP B 294 6.85 -30.00 26.27
CA ASP B 294 6.81 -31.27 26.99
C ASP B 294 6.39 -31.04 28.44
N ASP B 295 6.17 -29.78 28.80
CA ASP B 295 5.54 -29.40 30.06
C ASP B 295 4.24 -28.64 29.86
N ILE B 296 4.19 -27.75 28.88
CA ILE B 296 2.97 -27.01 28.59
C ILE B 296 1.93 -27.96 28.01
N THR B 297 0.66 -27.66 28.26
CA THR B 297 -0.46 -28.48 27.81
C THR B 297 -1.47 -27.59 27.08
N GLN B 298 -2.46 -28.23 26.45
CA GLN B 298 -3.38 -27.52 25.56
C GLN B 298 -4.18 -26.47 26.32
N GLU B 299 -4.61 -26.79 27.55
CA GLU B 299 -5.46 -25.86 28.30
C GLU B 299 -4.73 -24.55 28.57
N GLU B 300 -3.43 -24.61 28.88
CA GLU B 300 -2.67 -23.38 29.09
C GLU B 300 -2.63 -22.54 27.82
N TYR B 301 -2.45 -23.20 26.66
CA TYR B 301 -2.48 -22.47 25.39
C TYR B 301 -3.81 -21.78 25.18
N GLY B 302 -4.90 -22.50 25.46
CA GLY B 302 -6.22 -21.89 25.30
C GLY B 302 -6.44 -20.71 26.22
N GLU B 303 -6.04 -20.84 27.48
CA GLU B 303 -6.20 -19.73 28.43
C GLU B 303 -5.37 -18.53 28.00
N PHE B 304 -4.13 -18.75 27.55
CA PHE B 304 -3.31 -17.62 27.10
C PHE B 304 -3.93 -16.95 25.88
N TYR B 305 -4.46 -17.75 24.94
CA TYR B 305 -5.10 -17.16 23.76
C TYR B 305 -6.31 -16.33 24.16
N LYS B 306 -7.13 -16.85 25.08
CA LYS B 306 -8.31 -16.12 25.54
C LYS B 306 -7.90 -14.81 26.20
N SER B 307 -6.87 -14.85 27.05
CA SER B 307 -6.44 -13.65 27.75
C SER B 307 -5.90 -12.62 26.77
N LEU B 308 -5.14 -13.05 25.77
CA LEU B 308 -4.51 -12.11 24.86
C LEU B 308 -5.51 -11.51 23.88
N THR B 309 -6.41 -12.32 23.33
CA THR B 309 -7.27 -11.87 22.24
C THR B 309 -8.66 -11.43 22.68
N ASN B 310 -8.88 -11.27 23.99
CA ASN B 310 -10.14 -10.78 24.60
C ASN B 310 -11.38 -11.20 23.79
N ASP B 311 -11.52 -12.51 23.62
CA ASP B 311 -12.66 -13.09 22.91
C ASP B 311 -13.23 -14.26 23.71
N TRP B 312 -14.16 -15.01 23.12
CA TRP B 312 -14.74 -16.16 23.78
C TRP B 312 -14.46 -17.49 23.08
N GLU B 313 -14.33 -17.49 21.75
CA GLU B 313 -14.00 -18.72 21.05
C GLU B 313 -12.53 -19.07 21.28
N ASP B 314 -12.23 -20.36 21.17
CA ASP B 314 -10.88 -20.85 21.33
C ASP B 314 -10.11 -20.68 20.03
N HIS B 315 -8.91 -21.24 19.97
CA HIS B 315 -8.05 -21.09 18.80
C HIS B 315 -8.23 -22.26 17.84
N LEU B 316 -7.52 -22.20 16.72
CA LEU B 316 -7.56 -23.27 15.72
C LEU B 316 -6.19 -23.86 15.44
N ALA B 317 -5.14 -23.05 15.37
CA ALA B 317 -3.81 -23.57 15.11
C ALA B 317 -2.79 -22.87 15.99
N VAL B 318 -1.83 -23.64 16.50
CA VAL B 318 -0.78 -23.14 17.40
C VAL B 318 0.57 -23.58 16.85
N LYS B 319 1.57 -22.70 16.92
CA LYS B 319 2.91 -23.12 16.57
C LYS B 319 3.95 -22.38 17.41
N HIS B 320 4.99 -23.12 17.81
CA HIS B 320 6.10 -22.65 18.61
C HIS B 320 7.37 -22.64 17.77
N PHE B 321 8.16 -21.57 17.88
CA PHE B 321 9.32 -21.41 17.02
C PHE B 321 10.51 -20.95 17.85
N SER B 322 11.67 -21.55 17.62
CA SER B 322 12.88 -21.20 18.34
C SER B 322 14.08 -21.33 17.42
N VAL B 323 14.98 -20.35 17.47
CA VAL B 323 16.19 -20.32 16.65
C VAL B 323 17.39 -20.09 17.57
N GLU B 324 18.57 -20.01 16.94
CA GLU B 324 19.82 -19.80 17.66
C GLU B 324 20.73 -18.94 16.79
N GLY B 325 22.00 -18.88 17.13
CA GLY B 325 22.99 -18.14 16.37
C GLY B 325 23.24 -16.77 16.94
N GLN B 326 23.92 -15.95 16.13
CA GLN B 326 24.20 -14.57 16.54
C GLN B 326 22.92 -13.78 16.73
N LEU B 327 21.97 -13.94 15.83
CA LEU B 327 20.64 -13.35 15.96
C LEU B 327 19.69 -14.44 16.45
N GLU B 328 19.29 -14.36 17.71
CA GLU B 328 18.45 -15.37 18.33
C GLU B 328 17.14 -14.76 18.78
N PHE B 329 16.07 -15.57 18.71
CA PHE B 329 14.74 -15.10 19.07
C PHE B 329 13.84 -16.30 19.31
N ARG B 330 12.66 -16.02 19.86
CA ARG B 330 11.63 -17.02 20.11
C ARG B 330 10.30 -16.47 19.61
N ALA B 331 9.39 -17.38 19.24
CA ALA B 331 8.16 -16.93 18.61
C ALA B 331 7.00 -17.89 18.91
N LEU B 332 5.81 -17.30 18.98
CA LEU B 332 4.54 -18.03 19.08
C LEU B 332 3.61 -17.48 18.00
N LEU B 333 2.97 -18.38 17.27
CA LEU B 333 2.04 -18.01 16.21
C LEU B 333 0.71 -18.73 16.41
N PHE B 334 -0.39 -18.00 16.18
CA PHE B 334 -1.73 -18.49 16.40
C PHE B 334 -2.60 -18.22 15.18
N ILE B 335 -3.46 -19.18 14.84
CA ILE B 335 -4.40 -19.06 13.74
C ILE B 335 -5.80 -19.24 14.31
N PRO B 336 -6.71 -18.29 14.11
CA PRO B 336 -8.01 -18.32 14.78
C PRO B 336 -9.06 -19.16 14.08
N ARG B 337 -10.29 -19.10 14.59
CA ARG B 337 -11.40 -19.94 14.15
C ARG B 337 -12.35 -19.23 13.18
N ARG B 338 -12.88 -18.08 13.57
CA ARG B 338 -13.76 -17.29 12.73
C ARG B 338 -13.04 -16.05 12.19
N ALA B 339 -13.47 -15.62 11.01
CA ALA B 339 -12.85 -14.48 10.33
C ALA B 339 -13.33 -13.17 10.95
N PRO B 340 -12.43 -12.20 11.12
CA PRO B 340 -12.86 -10.88 11.63
C PRO B 340 -13.65 -10.12 10.58
N PHE B 341 -14.65 -9.38 11.06
CA PHE B 341 -15.55 -8.68 10.15
C PHE B 341 -14.84 -7.58 9.37
N ASP B 342 -14.04 -6.76 10.06
CA ASP B 342 -13.30 -5.67 9.42
C ASP B 342 -11.87 -6.14 9.18
N LEU B 343 -11.71 -6.99 8.16
CA LEU B 343 -10.41 -7.59 7.86
C LEU B 343 -9.76 -6.74 6.77
N PHE B 344 -10.36 -6.61 5.59
CA PHE B 344 -9.75 -5.84 4.53
C PHE B 344 -10.25 -4.40 4.52
N GLU B 345 -11.12 -4.06 5.47
CA GLU B 345 -11.60 -2.68 5.57
C GLU B 345 -10.50 -1.72 5.99
N ASN B 346 -9.36 -2.23 6.47
CA ASN B 346 -8.19 -1.44 6.83
C ASN B 346 -8.55 -0.26 7.72
N LYS B 347 -8.26 0.95 7.26
CA LYS B 347 -8.58 2.18 7.98
C LYS B 347 -7.90 2.19 9.34
N LYS B 348 -8.28 1.24 10.20
CA LYS B 348 -7.57 1.00 11.45
C LYS B 348 -6.15 0.52 11.16
N LYS B 349 -5.16 1.22 11.72
CA LYS B 349 -3.75 0.85 11.54
C LYS B 349 -3.52 -0.56 12.08
N LYS B 350 -2.78 -1.37 11.31
CA LYS B 350 -2.58 -2.78 11.62
C LYS B 350 -1.95 -2.98 13.00
N ASN B 351 -2.52 -3.88 13.80
CA ASN B 351 -2.02 -4.12 15.15
C ASN B 351 -1.99 -5.61 15.49
N ASN B 352 -1.47 -6.43 14.58
CA ASN B 352 -1.52 -7.88 14.74
C ASN B 352 -0.36 -8.46 15.53
N ILE B 353 0.88 -8.18 15.13
CA ILE B 353 2.05 -8.83 15.70
C ILE B 353 2.84 -7.82 16.52
N LYS B 354 3.28 -8.25 17.71
CA LYS B 354 4.03 -7.41 18.63
C LYS B 354 5.46 -7.92 18.73
N LEU B 355 6.38 -7.00 19.04
CA LEU B 355 7.79 -7.31 19.21
C LEU B 355 8.26 -6.85 20.58
N TYR B 356 9.06 -7.67 21.26
CA TYR B 356 9.56 -7.37 22.58
C TYR B 356 11.03 -7.74 22.67
N VAL B 357 11.76 -7.07 23.55
CA VAL B 357 13.10 -7.49 23.94
C VAL B 357 13.19 -7.40 25.46
N ARG B 358 13.48 -8.54 26.10
CA ARG B 358 13.57 -8.62 27.56
C ARG B 358 12.28 -8.16 28.25
N ARG B 359 11.14 -8.41 27.60
CA ARG B 359 9.81 -8.20 28.18
C ARG B 359 9.53 -6.72 28.43
N VAL B 360 9.86 -5.88 27.44
CA VAL B 360 9.40 -4.49 27.40
C VAL B 360 8.95 -4.20 25.97
N PHE B 361 7.86 -3.43 25.84
CA PHE B 361 7.25 -3.21 24.54
C PHE B 361 8.06 -2.20 23.75
N ILE B 362 8.53 -2.60 22.56
CA ILE B 362 9.37 -1.75 21.73
C ILE B 362 8.61 -1.23 20.51
N MET B 363 8.17 -2.13 19.64
CA MET B 363 7.65 -1.75 18.34
C MET B 363 6.37 -2.52 18.02
N ASP B 364 5.47 -1.85 17.30
CA ASP B 364 4.22 -2.45 16.84
C ASP B 364 3.84 -1.86 15.50
N SER B 365 2.58 -2.03 15.09
CA SER B 365 2.09 -1.52 13.81
C SER B 365 2.92 -2.06 12.66
N CYS B 366 2.85 -3.38 12.45
CA CYS B 366 3.62 -4.07 11.41
C CYS B 366 3.54 -3.35 10.06
N ASP B 367 4.69 -2.93 9.55
CA ASP B 367 4.77 -2.27 8.25
C ASP B 367 5.53 -3.11 7.23
N GLU B 368 6.77 -3.50 7.56
CA GLU B 368 7.45 -4.50 6.74
C GLU B 368 7.61 -5.83 7.47
N LEU B 369 7.12 -5.91 8.71
CA LEU B 369 7.23 -7.11 9.53
C LEU B 369 6.70 -8.36 8.81
N ILE B 370 5.48 -8.27 8.29
CA ILE B 370 4.86 -9.41 7.62
C ILE B 370 4.17 -8.93 6.35
N PRO B 371 4.08 -9.76 5.30
CA PRO B 371 3.35 -9.34 4.10
C PRO B 371 1.89 -9.01 4.37
N GLU B 372 1.30 -8.18 3.51
CA GLU B 372 -0.07 -7.72 3.71
C GLU B 372 -1.08 -8.86 3.62
N TYR B 373 -0.81 -9.88 2.82
CA TYR B 373 -1.80 -10.92 2.57
C TYR B 373 -1.94 -11.92 3.71
N LEU B 374 -1.10 -11.82 4.73
CA LEU B 374 -1.20 -12.67 5.91
C LEU B 374 -1.57 -11.84 7.14
N ASN B 375 -2.41 -10.82 6.94
CA ASN B 375 -2.80 -9.94 8.03
C ASN B 375 -3.95 -10.50 8.87
N PHE B 376 -3.83 -11.76 9.25
CA PHE B 376 -4.84 -12.40 10.09
C PHE B 376 -4.25 -13.27 11.20
N ILE B 377 -2.93 -13.28 11.37
CA ILE B 377 -2.27 -14.17 12.30
C ILE B 377 -1.72 -13.35 13.47
N ARG B 378 -2.10 -13.72 14.68
CA ARG B 378 -1.57 -13.11 15.88
C ARG B 378 -0.40 -13.92 16.41
N GLY B 379 0.42 -13.29 17.26
CA GLY B 379 1.56 -13.97 17.80
C GLY B 379 2.46 -13.00 18.54
N VAL B 380 3.60 -13.55 18.98
CA VAL B 380 4.57 -12.81 19.78
C VAL B 380 5.98 -13.26 19.40
N VAL B 381 6.89 -12.30 19.29
CA VAL B 381 8.30 -12.58 19.02
C VAL B 381 9.14 -11.88 20.06
N ASP B 382 10.05 -12.62 20.68
CA ASP B 382 10.96 -12.13 21.71
C ASP B 382 12.39 -12.22 21.22
N SER B 383 13.17 -11.19 21.50
CA SER B 383 14.59 -11.13 21.16
C SER B 383 15.43 -11.04 22.43
N GLU B 384 16.73 -10.94 22.26
CA GLU B 384 17.65 -10.85 23.39
C GLU B 384 18.57 -9.64 23.33
N ASP B 385 19.02 -9.26 22.14
CA ASP B 385 19.85 -8.07 21.98
C ASP B 385 19.59 -7.48 20.59
N LEU B 386 19.59 -6.15 20.52
CA LEU B 386 19.23 -5.45 19.30
C LEU B 386 19.73 -4.00 19.38
N PRO B 387 20.12 -3.40 18.26
CA PRO B 387 20.63 -2.01 18.27
C PRO B 387 19.51 -0.98 18.36
N LEU B 388 19.07 -0.72 19.58
CA LEU B 388 17.97 0.20 19.81
C LEU B 388 18.42 1.65 19.64
N ASN B 389 17.52 2.58 19.89
CA ASN B 389 17.74 4.01 19.75
C ASN B 389 17.85 4.64 21.13
N ILE B 390 18.35 5.89 21.17
CA ILE B 390 18.44 6.61 22.43
C ILE B 390 17.07 6.69 23.09
N SER B 391 16.04 7.01 22.31
CA SER B 391 14.66 6.88 22.74
C SER B 391 14.11 5.58 22.18
N ARG B 392 13.52 4.76 23.04
CA ARG B 392 13.20 3.38 22.70
C ARG B 392 11.82 3.28 22.04
N GLU B 393 11.74 3.84 20.82
CA GLU B 393 10.61 3.61 19.94
C GLU B 393 11.00 3.04 18.57
N MET B 394 12.21 3.28 18.08
CA MET B 394 12.62 2.83 16.75
C MET B 394 13.73 1.80 16.86
N LEU B 395 14.23 1.38 15.70
CA LEU B 395 15.31 0.40 15.61
C LEU B 395 16.27 0.84 14.53
N GLN B 396 17.55 0.97 14.88
CA GLN B 396 18.54 1.44 13.93
C GLN B 396 18.85 0.39 12.87
N GLN B 397 19.12 0.86 11.64
CA GLN B 397 19.48 0.01 10.51
C GLN B 397 18.38 -1.03 10.28
N SER B 398 17.27 -0.50 9.77
CA SER B 398 16.02 -1.26 9.65
C SER B 398 16.16 -2.51 8.80
N LYS B 399 17.24 -2.64 8.03
CA LYS B 399 17.38 -3.80 7.14
C LYS B 399 17.30 -5.12 7.91
N ILE B 400 17.78 -5.15 9.16
CA ILE B 400 17.73 -6.37 9.95
C ILE B 400 16.29 -6.81 10.14
N LEU B 401 15.38 -5.85 10.32
CA LEU B 401 13.96 -6.17 10.49
C LEU B 401 13.43 -6.97 9.31
N LYS B 402 14.02 -6.79 8.12
CA LYS B 402 13.60 -7.55 6.96
C LYS B 402 13.89 -9.04 7.13
N VAL B 403 15.05 -9.37 7.70
CA VAL B 403 15.53 -10.75 7.68
C VAL B 403 14.55 -11.68 8.38
N ILE B 404 14.00 -11.23 9.52
CA ILE B 404 13.09 -12.08 10.28
C ILE B 404 11.91 -12.50 9.43
N ARG B 405 11.46 -11.63 8.51
CA ARG B 405 10.36 -11.99 7.62
C ARG B 405 10.66 -13.28 6.87
N LYS B 406 11.87 -13.37 6.29
CA LYS B 406 12.25 -14.57 5.56
C LYS B 406 12.24 -15.79 6.47
N ASN B 407 12.52 -15.61 7.75
CA ASN B 407 12.48 -16.72 8.69
C ASN B 407 11.10 -16.95 9.29
N ILE B 408 10.16 -16.02 9.09
CA ILE B 408 8.82 -16.20 9.62
C ILE B 408 7.90 -16.83 8.58
N VAL B 409 7.71 -16.13 7.45
CA VAL B 409 6.73 -16.54 6.44
C VAL B 409 6.89 -18.01 6.11
N LYS B 410 8.10 -18.39 5.66
CA LYS B 410 8.42 -19.78 5.36
C LYS B 410 7.88 -20.72 6.44
N LYS B 411 8.33 -20.50 7.67
CA LYS B 411 7.93 -21.41 8.76
C LYS B 411 6.42 -21.46 8.88
N CYS B 412 5.77 -20.29 8.84
CA CYS B 412 4.32 -20.27 8.95
C CYS B 412 3.67 -21.06 7.83
N LEU B 413 4.19 -20.90 6.60
CA LEU B 413 3.65 -21.64 5.47
C LEU B 413 3.73 -23.14 5.70
N GLU B 414 4.77 -23.60 6.41
CA GLU B 414 4.90 -25.02 6.70
C GLU B 414 3.64 -25.55 7.38
N LEU B 415 3.08 -24.77 8.32
CA LEU B 415 1.89 -25.20 9.03
C LEU B 415 0.76 -25.54 8.07
N PHE B 416 0.59 -24.75 7.00
CA PHE B 416 -0.52 -24.98 6.08
C PHE B 416 -0.46 -26.36 5.46
N SER B 417 0.73 -26.95 5.35
CA SER B 417 0.83 -28.30 4.83
C SER B 417 0.28 -29.31 5.82
N GLU B 418 0.67 -29.19 7.09
CA GLU B 418 0.34 -30.24 8.07
C GLU B 418 -1.16 -30.35 8.27
N LEU B 419 -1.89 -29.24 8.13
CA LEU B 419 -3.34 -29.24 8.28
C LEU B 419 -4.05 -29.98 7.15
N ALA B 420 -3.35 -30.34 6.08
CA ALA B 420 -3.99 -30.91 4.90
C ALA B 420 -4.17 -32.42 4.96
N GLU B 421 -3.63 -33.08 5.98
CA GLU B 421 -3.70 -34.54 6.03
C GLU B 421 -5.01 -35.07 6.58
N ASP B 422 -5.90 -34.20 7.05
CA ASP B 422 -7.22 -34.59 7.52
C ASP B 422 -8.27 -33.82 6.73
N LYS B 423 -9.43 -34.45 6.51
CA LYS B 423 -10.32 -34.00 5.44
C LYS B 423 -11.19 -32.81 5.85
N GLU B 424 -12.08 -33.00 6.83
CA GLU B 424 -13.12 -32.00 7.08
C GLU B 424 -12.55 -30.72 7.69
N ASN B 425 -11.53 -30.83 8.55
CA ASN B 425 -10.95 -29.64 9.14
C ASN B 425 -10.34 -28.73 8.07
N TYR B 426 -9.85 -29.31 6.97
CA TYR B 426 -9.33 -28.47 5.90
C TYR B 426 -10.46 -27.74 5.18
N LYS B 427 -11.62 -28.37 5.03
CA LYS B 427 -12.77 -27.64 4.49
C LYS B 427 -13.15 -26.49 5.39
N LYS B 428 -13.16 -26.73 6.71
CA LYS B 428 -13.48 -25.66 7.66
C LYS B 428 -12.46 -24.53 7.55
N PHE B 429 -11.18 -24.87 7.41
CA PHE B 429 -10.15 -23.85 7.27
C PHE B 429 -10.31 -23.06 5.97
N TYR B 430 -10.60 -23.75 4.87
CA TYR B 430 -10.67 -23.11 3.57
C TYR B 430 -11.86 -22.17 3.47
N GLU B 431 -13.00 -22.56 4.05
CA GLU B 431 -14.26 -21.88 3.80
C GLU B 431 -14.19 -20.39 4.12
N ALA B 432 -13.38 -20.00 5.11
CA ALA B 432 -13.29 -18.60 5.49
C ALA B 432 -12.04 -17.90 4.95
N PHE B 433 -10.99 -18.64 4.63
CA PHE B 433 -9.69 -18.06 4.30
C PHE B 433 -9.33 -18.21 2.82
N SER B 434 -10.29 -18.65 2.00
CA SER B 434 -10.05 -18.76 0.57
C SER B 434 -9.57 -17.45 -0.05
N LYS B 435 -10.16 -16.32 0.37
CA LYS B 435 -9.79 -15.04 -0.23
C LYS B 435 -8.34 -14.68 0.09
N ASN B 436 -7.92 -14.89 1.34
CA ASN B 436 -6.52 -14.65 1.70
C ASN B 436 -5.61 -15.57 0.90
N LEU B 437 -6.00 -16.84 0.73
CA LEU B 437 -5.20 -17.76 -0.06
C LEU B 437 -5.05 -17.27 -1.50
N LYS B 438 -6.14 -16.76 -2.08
CA LYS B 438 -6.08 -16.29 -3.47
C LYS B 438 -5.21 -15.05 -3.61
N LEU B 439 -5.36 -14.10 -2.69
CA LEU B 439 -4.48 -12.93 -2.74
C LEU B 439 -3.03 -13.33 -2.58
N GLY B 440 -2.75 -14.33 -1.74
CA GLY B 440 -1.39 -14.80 -1.58
C GLY B 440 -0.84 -15.44 -2.84
N ILE B 441 -1.62 -16.32 -3.47
CA ILE B 441 -1.11 -16.99 -4.67
C ILE B 441 -0.96 -15.99 -5.80
N HIS B 442 -1.70 -14.88 -5.76
CA HIS B 442 -1.47 -13.81 -6.73
C HIS B 442 -0.17 -13.06 -6.45
N GLU B 443 -0.06 -12.44 -5.27
CA GLU B 443 0.97 -11.43 -5.05
C GLU B 443 2.36 -12.03 -4.81
N ASP B 444 2.45 -13.20 -4.21
CA ASP B 444 3.76 -13.75 -3.85
C ASP B 444 4.47 -14.20 -5.11
N SER B 445 5.36 -13.35 -5.63
CA SER B 445 6.01 -13.58 -6.91
C SER B 445 7.09 -14.66 -6.84
N THR B 446 7.55 -15.03 -5.65
CA THR B 446 8.63 -16.01 -5.51
C THR B 446 8.13 -17.39 -5.12
N ASN B 447 7.23 -17.48 -4.13
CA ASN B 447 6.71 -18.77 -3.67
C ASN B 447 5.36 -19.11 -4.29
N ARG B 448 5.15 -18.71 -5.55
CA ARG B 448 3.89 -19.01 -6.23
C ARG B 448 3.67 -20.50 -6.39
N ARG B 449 4.74 -21.24 -6.72
CA ARG B 449 4.60 -22.65 -7.03
C ARG B 449 4.12 -23.44 -5.81
N ARG B 450 4.67 -23.14 -4.63
CA ARG B 450 4.24 -23.83 -3.41
C ARG B 450 2.79 -23.50 -3.08
N LEU B 451 2.40 -22.24 -3.26
CA LEU B 451 1.04 -21.83 -2.90
C LEU B 451 0.01 -22.42 -3.85
N SER B 452 0.35 -22.61 -5.12
CA SER B 452 -0.62 -23.11 -6.08
C SER B 452 -1.01 -24.56 -5.85
N GLU B 453 -0.29 -25.28 -4.99
CA GLU B 453 -0.52 -26.72 -4.84
C GLU B 453 -1.76 -27.01 -4.01
N LEU B 454 -2.04 -26.18 -3.00
CA LEU B 454 -3.05 -26.49 -2.00
C LEU B 454 -4.41 -25.83 -2.27
N LEU B 455 -4.67 -25.43 -3.51
CA LEU B 455 -5.99 -24.91 -3.84
C LEU B 455 -7.00 -26.05 -3.99
N ARG B 456 -8.27 -25.71 -3.81
CA ARG B 456 -9.36 -26.67 -3.95
C ARG B 456 -10.47 -26.03 -4.78
N TYR B 457 -11.01 -26.78 -5.73
CA TYR B 457 -11.92 -26.22 -6.71
C TYR B 457 -13.06 -27.18 -7.00
N HIS B 458 -14.15 -26.62 -7.53
CA HIS B 458 -15.26 -27.40 -8.05
C HIS B 458 -14.89 -28.03 -9.39
N THR B 459 -15.66 -29.03 -9.79
CA THR B 459 -15.44 -29.69 -11.07
C THR B 459 -16.72 -30.37 -11.50
N SER B 460 -16.76 -30.76 -12.78
CA SER B 460 -18.00 -31.24 -13.38
C SER B 460 -18.38 -32.63 -12.89
N GLN B 461 -17.51 -33.61 -13.12
CA GLN B 461 -17.85 -35.01 -12.90
C GLN B 461 -17.78 -35.43 -11.43
N SER B 462 -17.73 -34.50 -10.50
CA SER B 462 -17.77 -34.83 -9.08
C SER B 462 -19.22 -34.75 -8.59
N GLY B 463 -19.40 -34.81 -7.28
CA GLY B 463 -20.71 -34.59 -6.70
C GLY B 463 -20.91 -33.15 -6.29
N ASP B 464 -21.11 -32.92 -4.99
CA ASP B 464 -21.19 -31.56 -4.44
C ASP B 464 -19.92 -31.14 -3.74
N GLU B 465 -18.87 -31.95 -3.76
CA GLU B 465 -17.64 -31.67 -3.04
C GLU B 465 -16.63 -31.01 -3.97
N MET B 466 -15.41 -30.78 -3.46
CA MET B 466 -14.34 -30.16 -4.22
C MET B 466 -13.12 -31.08 -4.20
N THR B 467 -12.37 -31.06 -5.30
CA THR B 467 -11.19 -31.90 -5.47
C THR B 467 -9.95 -31.03 -5.60
N SER B 468 -8.80 -31.69 -5.71
CA SER B 468 -7.51 -31.03 -5.84
C SER B 468 -7.03 -31.13 -7.28
N LEU B 469 -6.22 -30.16 -7.70
CA LEU B 469 -5.77 -30.11 -9.08
C LEU B 469 -4.95 -31.34 -9.46
N SER B 470 -4.12 -31.84 -8.54
CA SER B 470 -3.35 -33.05 -8.82
C SER B 470 -4.28 -34.22 -9.09
N GLU B 471 -5.35 -34.34 -8.30
CA GLU B 471 -6.34 -35.37 -8.56
C GLU B 471 -6.97 -35.21 -9.94
N TYR B 472 -7.16 -33.95 -10.37
CA TYR B 472 -7.68 -33.72 -11.71
C TYR B 472 -6.71 -34.21 -12.78
N VAL B 473 -5.42 -33.87 -12.66
CA VAL B 473 -4.43 -34.31 -13.63
C VAL B 473 -4.23 -35.81 -13.61
N SER B 474 -4.55 -36.48 -12.50
CA SER B 474 -4.35 -37.92 -12.39
C SER B 474 -5.25 -38.75 -13.29
N ARG B 475 -6.13 -38.13 -14.08
CA ARG B 475 -7.08 -38.85 -14.92
C ARG B 475 -7.18 -38.28 -16.34
N MET B 476 -6.04 -37.91 -16.94
CA MET B 476 -6.01 -37.39 -18.30
C MET B 476 -6.50 -38.49 -19.23
N LYS B 477 -7.08 -38.16 -20.40
CA LYS B 477 -7.80 -39.22 -21.10
C LYS B 477 -6.84 -40.13 -21.88
N GLU B 478 -6.39 -39.75 -23.07
CA GLU B 478 -5.18 -40.38 -23.57
C GLU B 478 -4.27 -39.35 -24.24
N THR B 479 -4.78 -38.70 -25.31
CA THR B 479 -4.04 -37.65 -26.01
C THR B 479 -4.61 -36.27 -25.65
N GLN B 480 -4.41 -35.89 -24.39
CA GLN B 480 -4.86 -34.59 -23.91
C GLN B 480 -3.70 -33.87 -23.26
N LYS B 481 -3.23 -32.79 -23.90
CA LYS B 481 -2.08 -32.04 -23.41
C LYS B 481 -2.48 -30.74 -22.72
N SER B 482 -3.78 -30.43 -22.66
CA SER B 482 -4.23 -29.15 -22.14
C SER B 482 -5.37 -29.35 -21.16
N ILE B 483 -5.61 -28.31 -20.37
CA ILE B 483 -6.66 -28.28 -19.36
C ILE B 483 -7.58 -27.11 -19.66
N TYR B 484 -8.89 -27.38 -19.75
CA TYR B 484 -9.87 -26.35 -20.05
C TYR B 484 -10.55 -25.87 -18.77
N TYR B 485 -11.23 -24.73 -18.90
CA TYR B 485 -11.97 -24.13 -17.79
C TYR B 485 -12.93 -23.09 -18.35
N ILE B 486 -13.69 -22.46 -17.47
CA ILE B 486 -14.69 -21.47 -17.86
C ILE B 486 -14.98 -20.59 -16.66
N THR B 487 -15.12 -19.28 -16.90
CA THR B 487 -15.46 -18.32 -15.89
C THR B 487 -16.86 -17.77 -16.15
N GLY B 488 -17.56 -17.39 -15.08
CA GLY B 488 -18.91 -16.89 -15.23
C GLY B 488 -19.40 -16.10 -14.03
N GLU B 489 -20.69 -16.23 -13.72
CA GLU B 489 -21.31 -15.49 -12.63
C GLU B 489 -22.00 -16.38 -11.60
N SER B 490 -22.41 -17.59 -11.97
CA SER B 490 -23.04 -18.49 -11.02
C SER B 490 -22.91 -19.91 -11.57
N LYS B 491 -23.21 -20.89 -10.71
CA LYS B 491 -23.04 -22.28 -11.10
C LYS B 491 -24.02 -22.68 -12.20
N GLU B 492 -25.29 -22.29 -12.06
CA GLU B 492 -26.30 -22.74 -13.01
C GLU B 492 -26.08 -22.15 -14.39
N GLN B 493 -25.39 -21.01 -14.49
CA GLN B 493 -25.10 -20.42 -15.78
C GLN B 493 -24.12 -21.28 -16.57
N VAL B 494 -22.93 -21.53 -16.00
CA VAL B 494 -21.94 -22.34 -16.67
C VAL B 494 -22.34 -23.82 -16.73
N ALA B 495 -23.32 -24.23 -15.93
CA ALA B 495 -23.76 -25.62 -15.96
C ALA B 495 -24.39 -25.98 -17.29
N ASN B 496 -25.22 -25.10 -17.86
CA ASN B 496 -25.93 -25.37 -19.10
C ASN B 496 -25.63 -24.33 -20.18
N SER B 497 -24.47 -23.69 -20.12
CA SER B 497 -24.14 -22.65 -21.08
C SER B 497 -23.97 -23.23 -22.48
N ALA B 498 -23.80 -22.33 -23.45
CA ALA B 498 -23.75 -22.71 -24.86
C ALA B 498 -22.37 -23.18 -25.29
N PHE B 499 -21.37 -23.18 -24.41
CA PHE B 499 -20.02 -23.57 -24.77
C PHE B 499 -19.67 -25.00 -24.36
N VAL B 500 -20.58 -25.71 -23.69
CA VAL B 500 -20.19 -26.94 -22.99
C VAL B 500 -20.96 -28.12 -23.59
N GLU B 501 -21.20 -28.09 -24.89
CA GLU B 501 -21.86 -29.23 -25.54
C GLU B 501 -20.86 -30.29 -26.00
N ARG B 502 -19.92 -29.93 -26.87
CA ARG B 502 -19.06 -30.95 -27.47
C ARG B 502 -18.06 -31.50 -26.46
N VAL B 503 -17.60 -30.67 -25.52
CA VAL B 503 -16.63 -31.13 -24.53
C VAL B 503 -17.24 -32.18 -23.62
N ARG B 504 -18.57 -32.22 -23.51
CA ARG B 504 -19.25 -33.30 -22.81
C ARG B 504 -19.74 -34.39 -23.76
N LYS B 505 -19.88 -34.08 -25.04
CA LYS B 505 -20.23 -35.09 -26.02
C LYS B 505 -19.10 -36.10 -26.20
N ARG B 506 -17.87 -35.59 -26.39
CA ARG B 506 -16.73 -36.48 -26.51
C ARG B 506 -16.39 -37.14 -25.18
N GLY B 507 -16.61 -36.44 -24.07
CA GLY B 507 -16.35 -36.96 -22.75
C GLY B 507 -15.05 -36.44 -22.18
N PHE B 508 -15.13 -35.40 -21.35
CA PHE B 508 -13.97 -34.75 -20.76
C PHE B 508 -14.42 -34.04 -19.48
N GLU B 509 -13.52 -33.25 -18.89
CA GLU B 509 -13.79 -32.56 -17.64
C GLU B 509 -13.64 -31.06 -17.84
N VAL B 510 -14.34 -30.30 -17.00
CA VAL B 510 -14.25 -28.84 -16.97
C VAL B 510 -14.11 -28.40 -15.52
N VAL B 511 -13.52 -27.22 -15.34
CA VAL B 511 -13.37 -26.60 -14.03
C VAL B 511 -14.14 -25.29 -14.04
N TYR B 512 -15.02 -25.10 -13.07
CA TYR B 512 -15.86 -23.92 -13.00
C TYR B 512 -15.22 -22.83 -12.16
N MET B 513 -15.38 -21.59 -12.61
CA MET B 513 -14.83 -20.42 -11.94
C MET B 513 -16.01 -19.54 -11.53
N THR B 514 -16.04 -19.10 -10.27
CA THR B 514 -17.21 -18.38 -9.79
C THR B 514 -16.92 -17.16 -8.92
N GLU B 515 -15.66 -16.85 -8.63
CA GLU B 515 -15.58 -15.68 -7.76
C GLU B 515 -14.92 -14.51 -8.48
N PRO B 516 -15.30 -13.28 -8.13
CA PRO B 516 -14.70 -12.11 -8.78
C PRO B 516 -13.19 -12.01 -8.63
N ILE B 517 -12.65 -12.32 -7.45
CA ILE B 517 -11.21 -12.27 -7.26
C ILE B 517 -10.53 -13.42 -7.99
N ASP B 518 -11.23 -14.54 -8.14
CA ASP B 518 -10.66 -15.73 -8.76
C ASP B 518 -10.13 -15.41 -10.14
N GLU B 519 -10.85 -14.57 -10.89
CA GLU B 519 -10.47 -14.28 -12.26
C GLU B 519 -9.13 -13.54 -12.34
N TYR B 520 -8.72 -12.88 -11.26
CA TYR B 520 -7.37 -12.33 -11.21
C TYR B 520 -6.32 -13.42 -11.18
N CYS B 521 -6.52 -14.44 -10.34
CA CYS B 521 -5.50 -15.45 -10.11
C CYS B 521 -5.15 -16.20 -11.40
N VAL B 522 -6.17 -16.60 -12.16
CA VAL B 522 -5.92 -17.31 -13.41
C VAL B 522 -5.15 -16.43 -14.38
N GLN B 523 -5.28 -15.10 -14.26
CA GLN B 523 -4.50 -14.18 -15.09
C GLN B 523 -3.00 -14.37 -14.89
N GLN B 524 -2.57 -14.82 -13.71
CA GLN B 524 -1.15 -15.02 -13.45
C GLN B 524 -0.73 -16.50 -13.44
N LEU B 525 -1.67 -17.41 -13.21
CA LEU B 525 -1.36 -18.84 -13.16
C LEU B 525 -1.47 -19.39 -14.58
N LYS B 526 -0.33 -19.45 -15.27
CA LYS B 526 -0.30 -19.87 -16.67
C LYS B 526 0.15 -21.33 -16.86
N GLU B 527 0.87 -21.90 -15.90
CA GLU B 527 1.45 -23.22 -16.08
C GLU B 527 1.27 -24.03 -14.82
N PHE B 528 1.22 -25.37 -14.97
CA PHE B 528 1.08 -26.25 -13.82
C PHE B 528 1.59 -27.64 -14.22
N ASP B 529 2.72 -28.04 -13.63
CA ASP B 529 3.40 -29.33 -13.81
C ASP B 529 3.39 -29.78 -15.28
N GLY B 530 4.01 -28.96 -16.12
CA GLY B 530 4.29 -29.34 -17.48
C GLY B 530 3.14 -29.32 -18.45
N LYS B 531 1.96 -28.85 -18.02
CA LYS B 531 0.80 -28.74 -18.89
C LYS B 531 0.26 -27.32 -18.84
N SER B 532 0.01 -26.74 -20.01
CA SER B 532 -0.55 -25.41 -20.11
C SER B 532 -2.07 -25.48 -20.03
N LEU B 533 -2.72 -24.33 -20.15
CA LEU B 533 -4.17 -24.26 -20.06
C LEU B 533 -4.71 -23.34 -21.14
N VAL B 534 -5.95 -23.61 -21.56
CA VAL B 534 -6.67 -22.78 -22.51
C VAL B 534 -8.04 -22.44 -21.92
N SER B 535 -8.63 -21.37 -22.44
CA SER B 535 -9.93 -20.91 -22.00
C SER B 535 -10.97 -21.24 -23.06
N VAL B 536 -12.11 -21.80 -22.62
CA VAL B 536 -13.16 -22.19 -23.55
C VAL B 536 -13.84 -20.99 -24.20
N THR B 537 -13.50 -19.78 -23.79
CA THR B 537 -14.08 -18.57 -24.36
C THR B 537 -13.01 -17.76 -25.10
N LYS B 538 -12.18 -18.46 -25.88
CA LYS B 538 -11.15 -17.82 -26.69
C LYS B 538 -11.15 -18.44 -28.08
N GLU B 539 -10.62 -17.68 -29.04
CA GLU B 539 -10.62 -18.11 -30.44
C GLU B 539 -9.47 -19.07 -30.70
N GLY B 540 -9.78 -20.20 -31.33
CA GLY B 540 -8.78 -21.14 -31.76
C GLY B 540 -8.57 -22.36 -30.88
N LEU B 541 -9.63 -22.89 -30.28
CA LEU B 541 -9.49 -24.10 -29.48
C LEU B 541 -9.15 -25.29 -30.35
N GLU B 542 -8.27 -26.15 -29.85
CA GLU B 542 -7.78 -27.31 -30.58
C GLU B 542 -7.99 -28.54 -29.72
N LEU B 543 -8.78 -29.48 -30.21
CA LEU B 543 -9.09 -30.74 -29.53
C LEU B 543 -9.09 -31.86 -30.55
N PRO B 544 -8.86 -33.11 -30.11
CA PRO B 544 -8.58 -34.18 -31.09
C PRO B 544 -9.82 -34.65 -31.84
N GLU B 545 -9.64 -34.89 -33.14
CA GLU B 545 -10.65 -35.47 -34.03
C GLU B 545 -10.05 -36.69 -34.72
N ASP B 546 -10.76 -37.20 -35.72
CA ASP B 546 -10.30 -38.35 -36.48
C ASP B 546 -10.55 -38.04 -37.96
N GLU B 547 -9.95 -38.83 -38.85
CA GLU B 547 -9.84 -38.45 -40.25
C GLU B 547 -11.19 -38.28 -40.93
N GLU B 548 -12.17 -39.13 -40.61
CA GLU B 548 -13.50 -38.95 -41.22
C GLU B 548 -14.09 -37.61 -40.83
N GLU B 549 -13.95 -37.21 -39.56
CA GLU B 549 -14.44 -35.91 -39.14
C GLU B 549 -13.73 -34.78 -39.88
N LYS B 550 -12.41 -34.92 -40.06
CA LYS B 550 -11.66 -33.84 -40.68
C LYS B 550 -12.05 -33.69 -42.16
N LYS B 551 -12.14 -34.80 -42.90
CA LYS B 551 -12.58 -34.69 -44.29
C LYS B 551 -14.00 -34.16 -44.36
N LYS B 552 -14.85 -34.60 -43.43
CA LYS B 552 -16.26 -34.19 -43.43
C LYS B 552 -16.38 -32.68 -43.28
N MET B 553 -15.70 -32.08 -42.30
CA MET B 553 -15.98 -30.66 -42.18
C MET B 553 -15.15 -29.84 -43.18
N GLU B 554 -13.98 -30.32 -43.64
CA GLU B 554 -13.30 -29.50 -44.63
C GLU B 554 -14.08 -29.48 -45.95
N GLU B 555 -14.78 -30.58 -46.27
CA GLU B 555 -15.72 -30.49 -47.39
C GLU B 555 -16.96 -29.69 -47.02
N SER B 556 -17.26 -29.55 -45.72
CA SER B 556 -18.35 -28.68 -45.31
C SER B 556 -18.06 -27.21 -45.63
N LYS B 557 -16.82 -26.74 -45.39
CA LYS B 557 -16.49 -25.37 -45.82
C LYS B 557 -16.71 -25.16 -47.30
N ALA B 558 -16.66 -26.21 -48.11
CA ALA B 558 -16.82 -26.06 -49.55
C ALA B 558 -18.27 -25.90 -49.97
N LYS B 559 -19.17 -25.59 -49.05
CA LYS B 559 -20.59 -25.47 -49.36
C LYS B 559 -21.17 -24.10 -49.03
N PHE B 560 -20.81 -23.53 -47.88
CA PHE B 560 -21.31 -22.21 -47.47
C PHE B 560 -20.41 -21.07 -47.90
N GLU B 561 -19.61 -21.25 -48.96
CA GLU B 561 -18.64 -20.23 -49.35
C GLU B 561 -19.32 -18.88 -49.56
N ASN B 562 -20.35 -18.85 -50.40
CA ASN B 562 -21.11 -17.62 -50.57
C ASN B 562 -21.72 -17.19 -49.23
N LEU B 563 -22.31 -18.13 -48.50
CA LEU B 563 -22.80 -17.82 -47.16
C LEU B 563 -21.70 -17.20 -46.31
N CYS B 564 -20.48 -17.70 -46.44
CA CYS B 564 -19.38 -17.27 -45.60
C CYS B 564 -19.15 -15.77 -45.73
N LYS B 565 -19.61 -15.16 -46.82
CA LYS B 565 -19.40 -13.73 -46.96
C LYS B 565 -20.64 -12.88 -46.73
N LEU B 566 -21.85 -13.45 -46.83
CA LEU B 566 -23.03 -12.60 -46.91
C LEU B 566 -23.27 -11.84 -45.61
N MET B 567 -23.13 -12.52 -44.47
CA MET B 567 -23.27 -11.82 -43.19
C MET B 567 -22.36 -10.61 -43.14
N LYS B 568 -21.21 -10.70 -43.81
CA LYS B 568 -20.24 -9.61 -43.82
C LYS B 568 -20.87 -8.28 -44.22
N GLU B 569 -21.68 -8.27 -45.29
CA GLU B 569 -22.24 -6.97 -45.65
C GLU B 569 -23.43 -6.60 -44.79
N ILE B 570 -24.13 -7.58 -44.23
CA ILE B 570 -25.35 -7.28 -43.48
C ILE B 570 -24.98 -6.55 -42.18
N LEU B 571 -24.01 -7.09 -41.45
CA LEU B 571 -23.69 -6.54 -40.14
C LEU B 571 -22.51 -5.59 -40.17
N ASP B 572 -21.98 -5.31 -41.37
CA ASP B 572 -20.82 -4.44 -41.59
C ASP B 572 -19.75 -4.59 -40.50
N LYS B 573 -19.58 -3.59 -39.64
CA LYS B 573 -18.56 -3.63 -38.60
C LYS B 573 -19.02 -4.51 -37.43
N LYS B 574 -18.35 -4.37 -36.29
CA LYS B 574 -18.60 -5.13 -35.06
C LYS B 574 -18.70 -6.63 -35.34
N VAL B 575 -17.98 -7.07 -36.36
CA VAL B 575 -17.73 -8.49 -36.63
C VAL B 575 -16.50 -8.58 -37.52
N GLU B 576 -15.58 -9.48 -37.20
CA GLU B 576 -14.31 -9.56 -37.92
C GLU B 576 -14.23 -10.77 -38.83
N LYS B 577 -14.40 -11.97 -38.29
CA LYS B 577 -14.30 -13.20 -39.07
C LYS B 577 -15.39 -14.16 -38.62
N VAL B 578 -16.10 -14.74 -39.59
CA VAL B 578 -17.16 -15.70 -39.33
C VAL B 578 -16.78 -17.02 -39.98
N THR B 579 -16.82 -18.10 -39.20
CA THR B 579 -16.50 -19.43 -39.67
C THR B 579 -17.52 -20.40 -39.11
N ILE B 580 -17.36 -21.67 -39.47
CA ILE B 580 -18.23 -22.74 -38.97
C ILE B 580 -17.45 -23.52 -37.92
N SER B 581 -17.92 -23.47 -36.68
CA SER B 581 -17.24 -24.11 -35.57
C SER B 581 -17.75 -25.53 -35.38
N ASN B 582 -17.10 -26.26 -34.46
CA ASN B 582 -17.42 -27.64 -34.18
C ASN B 582 -17.80 -27.86 -32.71
N ARG B 583 -18.20 -26.80 -32.01
CA ARG B 583 -18.50 -26.86 -30.60
C ARG B 583 -20.00 -26.83 -30.28
N LEU B 584 -20.85 -26.84 -31.30
CA LEU B 584 -22.28 -26.65 -31.10
C LEU B 584 -23.03 -27.86 -31.63
N VAL B 585 -23.94 -28.41 -30.81
CA VAL B 585 -24.75 -29.55 -31.21
C VAL B 585 -26.21 -29.27 -30.87
N SER B 586 -26.46 -28.24 -30.06
CA SER B 586 -27.81 -27.89 -29.66
C SER B 586 -28.06 -26.39 -29.67
N SER B 587 -27.18 -25.61 -30.28
CA SER B 587 -27.33 -24.17 -30.36
C SER B 587 -26.74 -23.69 -31.68
N PRO B 588 -27.41 -22.80 -32.39
CA PRO B 588 -26.93 -22.39 -33.72
C PRO B 588 -25.63 -21.59 -33.70
N CYS B 589 -25.54 -20.58 -32.85
CA CYS B 589 -24.48 -19.60 -32.96
C CYS B 589 -23.94 -19.24 -31.57
N CYS B 590 -22.76 -18.62 -31.56
CA CYS B 590 -22.14 -18.13 -30.35
C CYS B 590 -21.12 -17.07 -30.72
N ILE B 591 -20.67 -16.33 -29.70
CA ILE B 591 -19.71 -15.25 -29.85
C ILE B 591 -18.42 -15.64 -29.14
N VAL B 592 -17.29 -15.46 -29.81
CA VAL B 592 -15.99 -15.87 -29.30
C VAL B 592 -15.08 -14.65 -29.27
N THR B 593 -14.11 -14.68 -28.36
CA THR B 593 -13.22 -13.57 -28.11
C THR B 593 -11.80 -13.91 -28.55
N SER B 594 -11.02 -12.86 -28.80
CA SER B 594 -9.67 -13.01 -29.34
C SER B 594 -8.72 -13.57 -28.28
N THR B 595 -7.48 -13.83 -28.71
CA THR B 595 -6.46 -14.37 -27.83
C THR B 595 -5.83 -13.26 -26.99
N TYR B 596 -5.21 -12.27 -27.64
CA TYR B 596 -4.71 -11.11 -26.93
C TYR B 596 -5.84 -10.15 -26.65
N GLY B 597 -6.26 -10.07 -25.40
CA GLY B 597 -7.39 -9.25 -25.01
C GLY B 597 -8.00 -9.77 -23.71
N TRP B 598 -9.26 -9.40 -23.49
CA TRP B 598 -9.96 -9.73 -22.26
C TRP B 598 -11.12 -10.65 -22.57
N THR B 599 -11.84 -11.05 -21.52
CA THR B 599 -13.12 -11.72 -21.61
C THR B 599 -14.21 -10.76 -21.14
N ALA B 600 -15.47 -11.20 -21.23
CA ALA B 600 -16.58 -10.35 -20.83
C ALA B 600 -16.52 -10.04 -19.34
N ASN B 601 -16.19 -11.05 -18.53
CA ASN B 601 -16.06 -10.83 -17.09
C ASN B 601 -15.01 -9.78 -16.78
N MET B 602 -13.92 -9.76 -17.54
CA MET B 602 -12.89 -8.74 -17.35
C MET B 602 -13.46 -7.35 -17.58
N GLU B 603 -14.24 -7.19 -18.66
CA GLU B 603 -14.81 -5.88 -18.98
C GLU B 603 -15.78 -5.44 -17.89
N ARG B 604 -16.66 -6.33 -17.43
CA ARG B 604 -17.63 -5.92 -16.42
C ARG B 604 -16.95 -5.65 -15.07
N ILE B 605 -15.91 -6.42 -14.73
CA ILE B 605 -15.20 -6.19 -13.49
C ILE B 605 -14.47 -4.85 -13.53
N MET B 606 -13.85 -4.52 -14.67
CA MET B 606 -13.24 -3.21 -14.82
C MET B 606 -14.28 -2.10 -14.71
N LYS B 607 -15.46 -2.30 -15.32
CA LYS B 607 -16.53 -1.33 -15.16
C LYS B 607 -17.04 -1.28 -13.73
N ALA B 608 -16.78 -2.29 -12.92
CA ALA B 608 -17.19 -2.28 -11.52
C ALA B 608 -16.29 -1.38 -10.68
N GLN B 609 -15.01 -1.29 -11.00
CA GLN B 609 -14.09 -0.44 -10.26
C GLN B 609 -14.47 1.02 -10.48
N ALA B 610 -14.82 1.71 -9.40
CA ALA B 610 -15.37 3.07 -9.50
C ALA B 610 -14.34 4.16 -9.29
N LEU B 611 -13.22 3.86 -8.64
CA LEU B 611 -12.22 4.88 -8.35
C LEU B 611 -11.19 5.05 -9.46
N ARG B 612 -11.19 4.17 -10.47
CA ARG B 612 -10.24 4.24 -11.55
C ARG B 612 -10.83 5.07 -12.69
N ASP B 613 -10.19 5.02 -13.87
CA ASP B 613 -10.54 5.81 -15.06
C ASP B 613 -12.01 6.24 -15.17
N MET B 617 -8.57 6.28 -20.39
CA MET B 617 -7.65 5.48 -21.17
C MET B 617 -8.40 4.49 -22.06
N GLY B 618 -8.17 3.21 -21.82
CA GLY B 618 -8.83 2.16 -22.58
C GLY B 618 -7.94 1.56 -23.64
N TYR B 619 -8.53 1.22 -24.79
CA TYR B 619 -7.84 0.62 -25.92
C TYR B 619 -7.21 -0.74 -25.58
N MET B 620 -7.98 -1.65 -24.97
CA MET B 620 -7.54 -3.04 -24.94
C MET B 620 -8.64 -3.99 -25.40
N MET B 621 -9.84 -3.45 -25.65
CA MET B 621 -11.01 -4.28 -25.97
C MET B 621 -10.73 -5.29 -27.07
N ALA B 622 -10.92 -6.56 -26.76
CA ALA B 622 -10.56 -7.64 -27.67
C ALA B 622 -11.55 -7.72 -28.83
N LYS B 623 -11.10 -8.38 -29.90
CA LYS B 623 -11.92 -8.51 -31.10
C LYS B 623 -13.01 -9.56 -30.88
N LYS B 624 -13.96 -9.60 -31.82
CA LYS B 624 -15.11 -10.48 -31.72
C LYS B 624 -15.13 -11.40 -32.93
N HIS B 625 -15.63 -12.62 -32.71
CA HIS B 625 -15.88 -13.58 -33.79
C HIS B 625 -17.25 -14.20 -33.57
N LEU B 626 -17.87 -14.63 -34.67
CA LEU B 626 -19.20 -15.21 -34.67
C LEU B 626 -19.14 -16.61 -35.23
N GLU B 627 -19.89 -17.54 -34.63
CA GLU B 627 -19.89 -18.92 -35.06
C GLU B 627 -21.25 -19.33 -35.57
N ILE B 628 -21.27 -20.41 -36.36
CA ILE B 628 -22.50 -20.91 -36.97
C ILE B 628 -22.44 -22.43 -36.98
N ASN B 629 -23.57 -23.08 -36.72
CA ASN B 629 -23.69 -24.54 -36.67
C ASN B 629 -24.29 -25.07 -37.96
N PRO B 630 -23.81 -26.23 -38.44
CA PRO B 630 -24.31 -26.80 -39.70
C PRO B 630 -25.43 -27.83 -39.55
N ASP B 631 -26.05 -27.98 -38.37
CA ASP B 631 -26.99 -29.06 -38.15
C ASP B 631 -28.45 -28.63 -38.09
N HIS B 632 -28.75 -27.42 -37.66
CA HIS B 632 -30.12 -27.00 -37.49
C HIS B 632 -30.82 -26.87 -38.84
N PRO B 633 -32.14 -27.06 -38.89
CA PRO B 633 -32.89 -26.71 -40.11
C PRO B 633 -32.95 -25.22 -40.38
N ILE B 634 -32.77 -24.39 -39.34
CA ILE B 634 -32.86 -22.95 -39.52
C ILE B 634 -31.78 -22.46 -40.47
N VAL B 635 -30.54 -22.92 -40.28
CA VAL B 635 -29.44 -22.42 -41.08
C VAL B 635 -29.57 -22.85 -42.54
N GLU B 636 -30.06 -24.07 -42.78
CA GLU B 636 -30.25 -24.48 -44.17
C GLU B 636 -31.40 -23.71 -44.82
N THR B 637 -32.44 -23.38 -44.04
CA THR B 637 -33.48 -22.51 -44.57
C THR B 637 -32.91 -21.14 -44.94
N LEU B 638 -32.04 -20.60 -44.09
CA LEU B 638 -31.38 -19.33 -44.42
C LEU B 638 -30.55 -19.46 -45.69
N ARG B 639 -29.83 -20.57 -45.83
CA ARG B 639 -29.02 -20.77 -47.03
C ARG B 639 -29.89 -20.79 -48.28
N GLN B 640 -31.01 -21.51 -48.23
CA GLN B 640 -31.87 -21.58 -49.42
C GLN B 640 -32.48 -20.22 -49.73
N LYS B 641 -32.92 -19.49 -48.71
CA LYS B 641 -33.49 -18.17 -48.96
C LYS B 641 -32.44 -17.18 -49.46
N ALA B 642 -31.19 -17.35 -49.01
CA ALA B 642 -30.13 -16.44 -49.43
C ALA B 642 -29.70 -16.72 -50.87
N GLU B 643 -29.57 -17.99 -51.24
CA GLU B 643 -29.25 -18.32 -52.63
C GLU B 643 -30.42 -18.00 -53.55
N ALA B 644 -31.65 -17.94 -53.02
CA ALA B 644 -32.77 -17.51 -53.84
C ALA B 644 -32.57 -16.08 -54.34
N ASP B 645 -32.28 -15.15 -53.44
CA ASP B 645 -32.07 -13.76 -53.83
C ASP B 645 -31.31 -13.06 -52.72
N LYS B 646 -30.74 -11.89 -53.06
CA LYS B 646 -30.03 -11.05 -52.11
C LYS B 646 -30.81 -9.79 -51.76
N ASN B 647 -32.08 -9.70 -52.15
CA ASN B 647 -32.88 -8.50 -51.94
C ASN B 647 -34.12 -8.80 -51.11
N ASP B 648 -34.03 -9.76 -50.20
CA ASP B 648 -35.13 -10.12 -49.31
C ASP B 648 -34.81 -9.61 -47.92
N LYS B 649 -35.79 -8.92 -47.31
CA LYS B 649 -35.62 -8.40 -45.96
C LYS B 649 -35.84 -9.45 -44.89
N ALA B 650 -36.43 -10.60 -45.24
CA ALA B 650 -36.64 -11.66 -44.26
C ALA B 650 -35.33 -12.16 -43.69
N VAL B 651 -34.37 -12.46 -44.58
CA VAL B 651 -33.05 -12.89 -44.12
C VAL B 651 -32.40 -11.80 -43.29
N LYS B 652 -32.58 -10.54 -43.69
CA LYS B 652 -31.98 -9.44 -42.94
C LYS B 652 -32.48 -9.43 -41.49
N ASP B 653 -33.81 -9.41 -41.31
CA ASP B 653 -34.32 -9.29 -39.95
C ASP B 653 -34.05 -10.53 -39.13
N LEU B 654 -34.13 -11.73 -39.72
CA LEU B 654 -33.86 -12.90 -38.89
C LEU B 654 -32.39 -13.00 -38.52
N VAL B 655 -31.49 -12.55 -39.41
CA VAL B 655 -30.07 -12.55 -39.07
C VAL B 655 -29.79 -11.58 -37.94
N VAL B 656 -30.35 -10.37 -38.01
CA VAL B 656 -30.09 -9.41 -36.93
C VAL B 656 -30.71 -9.88 -35.62
N LEU B 657 -31.89 -10.51 -35.66
CA LEU B 657 -32.48 -11.02 -34.44
C LEU B 657 -31.64 -12.15 -33.84
N LEU B 658 -31.13 -13.05 -34.70
CA LEU B 658 -30.28 -14.12 -34.22
C LEU B 658 -29.00 -13.57 -33.61
N PHE B 659 -28.41 -12.55 -34.23
CA PHE B 659 -27.21 -11.94 -33.65
C PHE B 659 -27.51 -11.30 -32.31
N GLU B 660 -28.65 -10.61 -32.20
CA GLU B 660 -29.00 -9.98 -30.93
C GLU B 660 -29.14 -11.01 -29.81
N THR B 661 -29.90 -12.07 -30.07
CA THR B 661 -30.10 -13.07 -29.03
C THR B 661 -28.81 -13.81 -28.70
N ALA B 662 -27.98 -14.09 -29.72
CA ALA B 662 -26.70 -14.76 -29.47
C ALA B 662 -25.78 -13.89 -28.63
N LEU B 663 -25.72 -12.59 -28.93
CA LEU B 663 -24.85 -11.70 -28.17
C LEU B 663 -25.35 -11.54 -26.74
N LEU B 664 -26.67 -11.54 -26.55
CA LEU B 664 -27.20 -11.46 -25.19
C LEU B 664 -26.98 -12.76 -24.42
N SER B 665 -26.95 -13.90 -25.11
CA SER B 665 -26.88 -15.20 -24.45
C SER B 665 -25.52 -15.50 -23.82
N SER B 666 -24.49 -14.70 -24.08
CA SER B 666 -23.14 -15.03 -23.64
C SER B 666 -22.57 -13.98 -22.70
N GLY B 667 -23.39 -13.49 -21.78
CA GLY B 667 -22.89 -12.65 -20.70
C GLY B 667 -22.62 -11.20 -21.07
N PHE B 668 -22.30 -10.94 -22.33
CA PHE B 668 -22.00 -9.59 -22.76
C PHE B 668 -23.19 -8.67 -22.54
N SER B 669 -22.91 -7.46 -22.07
CA SER B 669 -23.96 -6.49 -21.83
C SER B 669 -24.56 -6.00 -23.16
N LEU B 670 -25.80 -5.54 -23.09
CA LEU B 670 -26.50 -5.06 -24.27
C LEU B 670 -26.08 -3.62 -24.55
N GLU B 671 -26.68 -3.02 -25.57
CA GLU B 671 -26.42 -1.64 -25.93
C GLU B 671 -27.63 -0.73 -25.72
N ASP B 672 -28.78 -1.12 -26.26
CA ASP B 672 -30.01 -0.33 -26.14
C ASP B 672 -31.14 -1.34 -26.09
N PRO B 673 -31.72 -1.58 -24.91
CA PRO B 673 -32.78 -2.61 -24.79
C PRO B 673 -34.06 -2.27 -25.53
N GLN B 674 -34.27 -1.00 -25.92
CA GLN B 674 -35.54 -0.63 -26.54
C GLN B 674 -35.74 -1.36 -27.85
N THR B 675 -34.69 -1.54 -28.64
CA THR B 675 -34.82 -2.22 -29.92
C THR B 675 -35.28 -3.66 -29.73
N HIS B 676 -34.61 -4.40 -28.83
CA HIS B 676 -34.98 -5.79 -28.58
C HIS B 676 -36.39 -5.88 -28.02
N SER B 677 -36.75 -5.00 -27.09
CA SER B 677 -38.08 -5.03 -26.52
C SER B 677 -39.15 -4.77 -27.58
N ASN B 678 -38.91 -3.78 -28.44
CA ASN B 678 -39.87 -3.47 -29.51
C ASN B 678 -40.00 -4.63 -30.49
N ARG B 679 -38.88 -5.26 -30.84
CA ARG B 679 -38.93 -6.39 -31.76
C ARG B 679 -39.74 -7.54 -31.17
N ILE B 680 -39.49 -7.86 -29.90
CA ILE B 680 -40.21 -8.96 -29.28
C ILE B 680 -41.69 -8.61 -29.13
N TYR B 681 -41.99 -7.36 -28.81
CA TYR B 681 -43.38 -6.92 -28.70
C TYR B 681 -44.10 -7.07 -30.03
N ARG B 682 -43.45 -6.66 -31.12
CA ARG B 682 -44.06 -6.79 -32.44
C ARG B 682 -44.28 -8.26 -32.79
N MET B 683 -43.30 -9.12 -32.50
CA MET B 683 -43.46 -10.54 -32.78
C MET B 683 -44.66 -11.12 -32.03
N ILE B 684 -44.74 -10.87 -30.73
CA ILE B 684 -45.81 -11.46 -29.94
C ILE B 684 -47.17 -10.88 -30.33
N LYS B 685 -47.21 -9.58 -30.64
CA LYS B 685 -48.48 -8.97 -31.05
C LYS B 685 -48.96 -9.51 -32.38
N LEU B 686 -48.05 -9.66 -33.35
CA LEU B 686 -48.43 -10.23 -34.63
C LEU B 686 -48.88 -11.68 -34.48
N GLY B 687 -48.20 -12.44 -33.62
CA GLY B 687 -48.63 -13.80 -33.35
C GLY B 687 -49.97 -13.86 -32.62
N LEU B 688 -50.31 -12.80 -31.90
CA LEU B 688 -51.54 -12.79 -31.11
C LEU B 688 -52.79 -12.74 -31.98
N GLY B 689 -52.70 -12.18 -33.18
CA GLY B 689 -53.83 -12.08 -34.08
C GLY B 689 -54.22 -10.67 -34.47
N ILE B 690 -53.61 -9.64 -33.87
CA ILE B 690 -53.90 -8.27 -34.25
C ILE B 690 -52.61 -7.59 -34.73
N VAL C 2 27.14 0.13 23.92
CA VAL C 2 28.17 1.16 23.86
C VAL C 2 28.63 1.37 22.43
N ASP C 3 28.89 0.27 21.73
CA ASP C 3 29.33 0.32 20.34
C ASP C 3 28.56 -0.68 19.51
N TYR C 4 28.21 -0.29 18.29
CA TYR C 4 27.52 -1.16 17.34
C TYR C 4 28.21 -1.03 15.98
N SER C 5 28.99 -2.04 15.62
CA SER C 5 29.66 -2.07 14.32
C SER C 5 29.48 -3.38 13.58
N VAL C 6 28.97 -4.43 14.22
CA VAL C 6 28.74 -5.71 13.55
C VAL C 6 27.50 -5.68 12.66
N TRP C 7 26.70 -4.63 12.74
CA TRP C 7 25.43 -4.59 12.02
C TRP C 7 25.43 -3.51 10.95
N ASP C 8 26.51 -3.39 10.19
CA ASP C 8 26.62 -2.37 9.16
C ASP C 8 26.74 -2.93 7.75
N HIS C 9 26.86 -4.24 7.58
CA HIS C 9 27.00 -4.82 6.24
C HIS C 9 26.26 -6.15 6.21
N ILE C 10 25.02 -6.12 5.74
CA ILE C 10 24.27 -7.32 5.44
C ILE C 10 23.71 -7.17 4.02
N GLU C 11 23.45 -8.30 3.38
CA GLU C 11 22.91 -8.29 2.03
C GLU C 11 21.55 -8.96 2.05
N VAL C 12 20.63 -8.39 1.28
CA VAL C 12 19.31 -8.97 1.10
C VAL C 12 19.31 -9.65 -0.27
N SER C 13 18.75 -10.86 -0.32
CA SER C 13 18.55 -11.54 -1.59
C SER C 13 17.85 -10.58 -2.54
N ASP C 14 16.67 -10.11 -2.11
CA ASP C 14 15.90 -9.07 -2.78
C ASP C 14 14.71 -8.70 -1.90
N ASP C 15 14.46 -7.42 -1.65
CA ASP C 15 13.21 -7.13 -0.97
C ASP C 15 12.24 -6.20 -1.70
N GLU C 16 12.50 -4.90 -1.70
CA GLU C 16 11.68 -3.95 -2.44
C GLU C 16 12.49 -2.80 -3.03
N ASP C 17 13.78 -2.73 -2.71
CA ASP C 17 14.49 -1.45 -2.84
C ASP C 17 15.23 -1.32 -4.16
N GLU C 18 14.96 -2.21 -5.11
CA GLU C 18 15.56 -2.11 -6.44
C GLU C 18 14.49 -2.31 -7.51
N THR C 19 13.90 -1.22 -7.98
CA THR C 19 12.75 -1.29 -8.86
C THR C 19 12.86 -0.34 -10.06
N HIS C 20 14.04 -0.30 -10.68
CA HIS C 20 14.23 0.47 -11.90
C HIS C 20 13.23 0.01 -12.94
N PRO C 21 12.35 0.89 -13.42
CA PRO C 21 11.25 0.45 -14.30
C PRO C 21 11.71 0.07 -15.69
N ASN C 22 12.71 -0.80 -15.79
CA ASN C 22 13.14 -1.31 -17.08
C ASN C 22 13.39 -2.82 -17.00
N ILE C 23 13.63 -3.32 -15.79
CA ILE C 23 13.94 -4.73 -15.57
C ILE C 23 12.75 -5.39 -14.90
N ASP C 24 12.56 -6.68 -15.20
CA ASP C 24 11.48 -7.46 -14.61
C ASP C 24 11.94 -8.03 -13.27
N THR C 25 11.11 -7.86 -12.24
CA THR C 25 11.47 -8.30 -10.91
C THR C 25 11.63 -9.81 -10.83
N ALA C 26 10.75 -10.56 -11.51
CA ALA C 26 10.78 -12.01 -11.43
C ALA C 26 12.09 -12.57 -11.97
N SER C 27 12.72 -11.88 -12.91
CA SER C 27 14.01 -12.32 -13.43
C SER C 27 15.17 -11.80 -12.60
N LEU C 28 15.09 -10.55 -12.12
CA LEU C 28 16.15 -9.98 -11.31
C LEU C 28 16.34 -10.77 -10.02
N PHE C 29 15.22 -11.22 -9.42
CA PHE C 29 15.30 -11.96 -8.16
C PHE C 29 16.10 -13.25 -8.34
N ARG C 30 15.76 -14.01 -9.38
CA ARG C 30 16.46 -15.27 -9.64
C ARG C 30 17.91 -15.02 -10.01
N TRP C 31 18.17 -13.97 -10.79
CA TRP C 31 19.55 -13.65 -11.14
C TRP C 31 20.38 -13.38 -9.90
N ARG C 32 19.85 -12.57 -8.97
CA ARG C 32 20.59 -12.25 -7.77
C ARG C 32 20.82 -13.49 -6.90
N HIS C 33 19.78 -14.31 -6.74
CA HIS C 33 19.93 -15.51 -5.91
C HIS C 33 20.98 -16.46 -6.51
N GLN C 34 20.92 -16.68 -7.82
CA GLN C 34 21.89 -17.55 -8.46
C GLN C 34 23.30 -16.99 -8.35
N ALA C 35 23.45 -15.67 -8.51
CA ALA C 35 24.76 -15.06 -8.35
C ALA C 35 25.32 -15.29 -6.95
N ARG C 36 24.47 -15.11 -5.93
CA ARG C 36 24.94 -15.34 -4.57
C ARG C 36 25.37 -16.79 -4.37
N VAL C 37 24.58 -17.74 -4.88
CA VAL C 37 24.91 -19.14 -4.62
C VAL C 37 26.18 -19.54 -5.36
N GLU C 38 26.40 -19.04 -6.57
CA GLU C 38 27.63 -19.40 -7.27
C GLU C 38 28.84 -18.73 -6.65
N ARG C 39 28.67 -17.51 -6.12
CA ARG C 39 29.76 -16.88 -5.37
C ARG C 39 30.10 -17.70 -4.13
N MET C 40 29.08 -18.20 -3.43
CA MET C 40 29.31 -19.05 -2.28
C MET C 40 30.11 -20.27 -2.69
N GLU C 41 29.71 -20.93 -3.78
CA GLU C 41 30.37 -22.15 -4.21
C GLU C 41 31.82 -21.89 -4.65
N GLN C 42 32.08 -20.78 -5.34
CA GLN C 42 33.45 -20.50 -5.77
C GLN C 42 34.34 -20.18 -4.59
N PHE C 43 33.84 -19.42 -3.61
CA PHE C 43 34.63 -19.19 -2.40
C PHE C 43 34.87 -20.51 -1.66
N GLN C 44 33.89 -21.41 -1.71
CA GLN C 44 34.00 -22.72 -1.08
C GLN C 44 35.14 -23.52 -1.69
N LYS C 45 35.17 -23.62 -3.02
CA LYS C 45 36.28 -24.29 -3.68
C LYS C 45 37.60 -23.56 -3.41
N GLU C 46 37.57 -22.23 -3.24
CA GLU C 46 38.80 -21.50 -2.94
C GLU C 46 39.37 -21.91 -1.58
N LYS C 47 38.51 -22.06 -0.57
CA LYS C 47 39.01 -22.52 0.71
C LYS C 47 39.57 -23.94 0.62
N GLU C 48 38.91 -24.82 -0.13
CA GLU C 48 39.51 -26.16 -0.31
C GLU C 48 40.88 -26.10 -0.98
N GLU C 49 41.03 -25.30 -2.03
CA GLU C 49 42.33 -25.18 -2.68
C GLU C 49 43.38 -24.62 -1.72
N LEU C 50 43.03 -23.56 -0.98
CA LEU C 50 43.98 -22.96 -0.06
C LEU C 50 44.40 -23.95 1.03
N ASP C 51 43.44 -24.73 1.53
CA ASP C 51 43.75 -25.75 2.54
C ASP C 51 44.68 -26.79 1.96
N ARG C 52 44.34 -27.34 0.79
CA ARG C 52 45.12 -28.42 0.21
C ARG C 52 46.54 -27.97 -0.08
N GLY C 53 46.72 -26.69 -0.42
CA GLY C 53 48.05 -26.17 -0.65
C GLY C 53 49.00 -26.47 0.48
N CYS C 54 48.73 -25.88 1.65
CA CYS C 54 49.57 -26.11 2.82
C CYS C 54 49.53 -27.57 3.28
N ARG C 55 48.37 -28.24 3.17
CA ARG C 55 48.26 -29.59 3.67
C ARG C 55 49.19 -30.53 2.92
N GLU C 56 49.28 -30.38 1.60
CA GLU C 56 50.23 -31.18 0.83
C GLU C 56 51.64 -30.61 0.89
N CYS C 57 51.79 -29.32 1.21
CA CYS C 57 53.11 -28.76 1.44
C CYS C 57 53.78 -29.45 2.63
N LYS C 58 53.02 -29.67 3.69
CA LYS C 58 53.54 -30.39 4.84
C LYS C 58 52.45 -31.23 5.50
N ALA C 89 64.84 -28.37 2.57
CA ALA C 89 63.87 -28.24 3.66
C ALA C 89 63.51 -26.78 3.89
N GLN C 90 64.52 -25.90 3.80
CA GLN C 90 64.29 -24.47 4.03
C GLN C 90 63.30 -23.91 3.01
N GLN C 91 63.44 -24.31 1.74
CA GLN C 91 62.49 -23.86 0.73
C GLN C 91 61.08 -24.34 1.03
N LEU C 92 60.96 -25.60 1.48
CA LEU C 92 59.63 -26.11 1.85
C LEU C 92 59.06 -25.35 3.04
N ARG C 93 59.90 -25.00 4.01
CA ARG C 93 59.45 -24.19 5.13
C ARG C 93 58.96 -22.82 4.66
N LYS C 94 59.69 -22.21 3.72
CA LYS C 94 59.26 -20.92 3.18
C LYS C 94 57.93 -21.03 2.46
N GLU C 95 57.74 -22.10 1.68
CA GLU C 95 56.46 -22.32 1.02
C GLU C 95 55.34 -22.49 2.04
N GLU C 96 55.59 -23.25 3.10
CA GLU C 96 54.57 -23.45 4.13
C GLU C 96 54.21 -22.13 4.80
N ARG C 97 55.21 -21.29 5.08
CA ARG C 97 54.93 -19.98 5.66
C ARG C 97 54.12 -19.12 4.69
N SER C 98 54.44 -19.18 3.40
CA SER C 98 53.69 -18.37 2.43
C SER C 98 52.23 -18.79 2.37
N TRP C 99 51.96 -20.11 2.32
CA TRP C 99 50.56 -20.54 2.38
C TRP C 99 49.92 -20.23 3.73
N GLU C 100 50.71 -20.18 4.81
CA GLU C 100 50.15 -19.78 6.10
C GLU C 100 49.66 -18.34 6.06
N GLN C 101 50.48 -17.45 5.49
CA GLN C 101 50.02 -16.07 5.26
C GLN C 101 48.83 -16.02 4.29
N LYS C 102 48.77 -16.94 3.33
CA LYS C 102 47.61 -16.99 2.45
C LYS C 102 46.35 -17.33 3.23
N LEU C 103 46.42 -18.27 4.17
CA LEU C 103 45.27 -18.55 5.03
C LEU C 103 44.93 -17.34 5.89
N GLU C 104 45.94 -16.63 6.39
CA GLU C 104 45.67 -15.38 7.10
C GLU C 104 44.87 -14.41 6.24
N ASP C 105 45.28 -14.24 4.98
CA ASP C 105 44.53 -13.40 4.06
C ASP C 105 43.12 -13.95 3.84
N MET C 106 42.97 -15.26 3.80
CA MET C 106 41.65 -15.83 3.57
C MET C 106 40.71 -15.51 4.72
N ARG C 107 41.17 -15.63 5.96
CA ARG C 107 40.35 -15.21 7.09
C ARG C 107 40.08 -13.71 7.04
N LYS C 108 41.06 -12.92 6.57
CA LYS C 108 40.82 -11.48 6.44
C LYS C 108 39.66 -11.18 5.49
N LYS C 109 39.69 -11.79 4.30
CA LYS C 109 38.60 -11.57 3.35
C LYS C 109 37.28 -12.14 3.88
N GLU C 110 37.33 -13.27 4.59
CA GLU C 110 36.12 -13.83 5.17
C GLU C 110 35.50 -12.86 6.16
N LYS C 111 36.32 -12.26 7.02
CA LYS C 111 35.83 -11.21 7.91
C LYS C 111 35.36 -9.99 7.15
N SER C 112 35.90 -9.74 5.96
CA SER C 112 35.44 -8.65 5.12
C SER C 112 34.19 -9.00 4.31
N MET C 113 33.75 -10.25 4.33
CA MET C 113 32.57 -10.62 3.54
C MET C 113 31.28 -10.28 4.30
N PRO C 114 30.28 -9.77 3.60
CA PRO C 114 29.04 -9.36 4.28
C PRO C 114 28.22 -10.57 4.75
N TRP C 115 27.25 -10.28 5.61
CA TRP C 115 26.36 -11.29 6.14
C TRP C 115 25.24 -11.62 5.16
N ASN C 116 24.96 -12.90 5.00
CA ASN C 116 23.86 -13.36 4.18
C ASN C 116 22.61 -13.56 5.03
N VAL C 117 21.61 -14.23 4.47
CA VAL C 117 20.43 -14.64 5.22
C VAL C 117 20.52 -16.11 5.64
N ASP C 118 21.67 -16.75 5.42
CA ASP C 118 21.80 -18.19 5.61
C ASP C 118 23.00 -18.53 6.50
N THR C 119 23.44 -17.59 7.33
CA THR C 119 24.51 -17.88 8.29
C THR C 119 24.23 -17.32 9.68
N LEU C 120 23.07 -16.70 9.92
CA LEU C 120 22.81 -16.03 11.18
C LEU C 120 21.99 -16.86 12.16
N SER C 121 21.48 -18.02 11.75
CA SER C 121 20.59 -18.75 12.65
C SER C 121 20.55 -20.22 12.28
N LYS C 122 20.25 -21.04 13.30
CA LYS C 122 19.94 -22.45 13.15
C LYS C 122 18.69 -22.77 13.97
N ASP C 123 18.14 -23.96 13.76
CA ASP C 123 16.92 -24.36 14.45
C ASP C 123 17.27 -24.96 15.81
N GLY C 124 16.37 -24.82 16.78
CA GLY C 124 16.57 -25.45 18.07
C GLY C 124 15.54 -26.49 18.46
N PHE C 125 14.27 -26.26 18.07
CA PHE C 125 13.19 -27.20 18.30
C PHE C 125 11.91 -26.64 17.68
N SER C 126 10.99 -27.54 17.34
CA SER C 126 9.71 -27.16 16.74
C SER C 126 8.65 -28.20 17.10
N LYS C 127 7.39 -27.78 17.00
CA LYS C 127 6.25 -28.65 17.30
C LYS C 127 4.94 -27.98 16.86
N SER C 128 3.88 -28.77 16.72
CA SER C 128 2.58 -28.24 16.32
C SER C 128 1.48 -29.14 16.86
N ILE C 129 0.28 -28.57 16.97
CA ILE C 129 -0.89 -29.27 17.46
C ILE C 129 -2.09 -28.92 16.58
N VAL C 130 -2.83 -29.95 16.16
CA VAL C 130 -3.97 -29.77 15.26
C VAL C 130 -5.11 -29.05 15.96
N ASN C 131 -5.33 -29.36 17.25
CA ASN C 131 -6.43 -28.83 18.04
C ASN C 131 -7.72 -29.40 17.46
N ILE C 132 -7.82 -30.72 17.40
CA ILE C 132 -9.08 -31.37 17.05
C ILE C 132 -10.00 -31.32 18.28
N LYS C 133 -11.28 -31.03 18.07
CA LYS C 133 -12.26 -31.02 19.13
C LYS C 133 -12.86 -32.42 19.31
N PRO C 134 -13.29 -32.77 20.54
CA PRO C 134 -13.90 -34.06 20.80
C PRO C 134 -15.30 -34.18 20.20
N GLU C 142 -34.14 -28.41 27.90
CA GLU C 142 -35.04 -27.99 28.97
C GLU C 142 -34.26 -27.67 30.25
N GLU C 143 -33.37 -28.59 30.63
CA GLU C 143 -32.55 -28.37 31.82
C GLU C 143 -31.63 -27.17 31.65
N ALA C 144 -30.96 -27.07 30.50
CA ALA C 144 -30.10 -25.93 30.24
C ALA C 144 -30.90 -24.64 30.20
N ARG C 145 -32.09 -24.68 29.61
CA ARG C 145 -32.95 -23.49 29.59
C ARG C 145 -33.33 -23.07 31.01
N GLU C 146 -33.67 -24.04 31.86
CA GLU C 146 -34.05 -23.71 33.24
C GLU C 146 -32.87 -23.11 34.01
N GLN C 147 -31.68 -23.69 33.85
CA GLN C 147 -30.50 -23.15 34.52
C GLN C 147 -30.20 -21.73 34.04
N LYS C 148 -30.11 -21.55 32.72
CA LYS C 148 -29.78 -20.24 32.18
C LYS C 148 -30.86 -19.21 32.51
N HIS C 149 -32.10 -19.65 32.68
CA HIS C 149 -33.12 -18.75 33.18
C HIS C 149 -32.81 -18.35 34.62
N LYS C 150 -32.88 -19.30 35.55
CA LYS C 150 -32.91 -18.91 36.96
C LYS C 150 -31.58 -18.30 37.39
N THR C 151 -30.45 -18.97 37.13
CA THR C 151 -29.18 -18.51 37.67
C THR C 151 -28.77 -17.19 37.03
N PHE C 152 -28.80 -17.12 35.70
CA PHE C 152 -28.38 -15.90 35.01
C PHE C 152 -29.30 -14.73 35.32
N VAL C 153 -30.62 -14.95 35.32
CA VAL C 153 -31.54 -13.87 35.64
C VAL C 153 -31.30 -13.36 37.05
N GLU C 154 -31.14 -14.26 38.03
CA GLU C 154 -30.93 -13.81 39.39
C GLU C 154 -29.63 -13.01 39.52
N LYS C 155 -28.53 -13.56 39.00
CA LYS C 155 -27.24 -12.88 39.16
C LYS C 155 -27.21 -11.55 38.43
N TYR C 156 -27.77 -11.48 37.22
CA TYR C 156 -27.75 -10.22 36.48
C TYR C 156 -28.77 -9.22 36.98
N GLU C 157 -29.85 -9.67 37.64
CA GLU C 157 -30.73 -8.74 38.32
C GLU C 157 -30.03 -8.14 39.54
N LYS C 158 -29.26 -8.94 40.26
CA LYS C 158 -28.46 -8.41 41.35
C LYS C 158 -27.42 -7.43 40.84
N GLN C 159 -26.76 -7.76 39.73
CA GLN C 159 -25.74 -6.88 39.18
C GLN C 159 -26.33 -5.58 38.64
N ILE C 160 -27.47 -5.66 37.97
CA ILE C 160 -28.09 -4.48 37.37
C ILE C 160 -28.78 -3.63 38.44
N ASP C 178 -19.59 -7.01 28.07
CA ASP C 178 -19.66 -8.25 28.83
C ASP C 178 -21.09 -8.78 28.90
N ASN C 179 -22.06 -7.87 28.83
CA ASN C 179 -23.46 -8.26 28.90
C ASN C 179 -23.84 -9.16 27.72
N VAL C 180 -23.72 -8.62 26.50
CA VAL C 180 -24.03 -9.41 25.31
C VAL C 180 -23.13 -10.64 25.25
N HIS C 181 -21.94 -10.55 25.83
CA HIS C 181 -21.06 -11.72 25.92
C HIS C 181 -21.66 -12.80 26.79
N LEU C 182 -22.41 -12.42 27.83
CA LEU C 182 -22.90 -13.40 28.80
C LEU C 182 -24.42 -13.44 28.92
N VAL C 183 -25.11 -12.29 28.89
CA VAL C 183 -26.55 -12.31 29.13
C VAL C 183 -27.28 -13.02 27.98
N CYS C 184 -28.51 -13.43 28.27
CA CYS C 184 -29.29 -14.22 27.32
C CYS C 184 -30.68 -13.62 27.11
N GLU C 185 -31.57 -14.37 26.45
CA GLU C 185 -32.91 -13.87 26.17
C GLU C 185 -33.71 -13.67 27.45
N GLU C 186 -33.55 -14.55 28.43
CA GLU C 186 -34.25 -14.39 29.70
C GLU C 186 -33.80 -13.12 30.42
N THR C 187 -32.51 -12.77 30.30
CA THR C 187 -32.02 -11.53 30.88
C THR C 187 -32.70 -10.32 30.22
N ALA C 188 -32.85 -10.36 28.90
CA ALA C 188 -33.56 -9.28 28.21
C ALA C 188 -35.02 -9.21 28.66
N ASN C 189 -35.66 -10.37 28.83
CA ASN C 189 -37.04 -10.40 29.30
C ASN C 189 -37.15 -9.77 30.69
N TYR C 190 -36.20 -10.07 31.58
CA TYR C 190 -36.27 -9.49 32.92
C TYR C 190 -35.90 -8.01 32.91
N LEU C 191 -35.05 -7.57 31.98
CA LEU C 191 -34.81 -6.14 31.84
C LEU C 191 -36.08 -5.42 31.40
N VAL C 192 -36.81 -6.02 30.46
CA VAL C 192 -38.11 -5.46 30.06
C VAL C 192 -39.08 -5.47 31.23
N ILE C 193 -39.02 -6.51 32.07
CA ILE C 193 -39.86 -6.59 33.26
C ILE C 193 -39.53 -5.45 34.21
N TRP C 194 -38.24 -5.18 34.40
CA TRP C 194 -37.83 -4.06 35.25
C TRP C 194 -38.32 -2.74 34.68
N CYS C 195 -38.25 -2.57 33.35
CA CYS C 195 -38.75 -1.34 32.74
C CYS C 195 -40.26 -1.20 32.94
N ILE C 196 -41.01 -2.29 32.79
CA ILE C 196 -42.47 -2.21 32.95
C ILE C 196 -42.82 -2.00 34.41
N ASP C 197 -41.95 -2.40 35.34
CA ASP C 197 -42.15 -2.05 36.74
C ASP C 197 -41.86 -0.57 36.96
N LEU C 198 -40.86 -0.03 36.27
CA LEU C 198 -40.53 1.38 36.40
C LEU C 198 -41.66 2.27 35.92
N GLU C 199 -42.15 2.04 34.70
CA GLU C 199 -43.13 2.94 34.12
C GLU C 199 -44.54 2.64 34.62
N LEU C 206 -33.58 8.27 34.52
CA LEU C 206 -33.51 6.81 34.63
C LEU C 206 -34.29 6.15 33.52
N MET C 207 -35.51 6.64 33.30
CA MET C 207 -36.41 6.03 32.32
C MET C 207 -35.78 6.00 30.93
N GLU C 208 -35.32 7.15 30.45
CA GLU C 208 -34.82 7.24 29.09
C GLU C 208 -33.55 6.43 28.91
N GLN C 209 -32.65 6.46 29.89
CA GLN C 209 -31.39 5.73 29.75
C GLN C 209 -31.61 4.22 29.78
N VAL C 210 -32.47 3.73 30.69
CA VAL C 210 -32.70 2.29 30.70
C VAL C 210 -33.44 1.86 29.42
N ALA C 211 -34.37 2.68 28.93
CA ALA C 211 -35.03 2.36 27.67
C ALA C 211 -34.00 2.31 26.54
N HIS C 212 -33.06 3.26 26.54
CA HIS C 212 -32.06 3.31 25.47
C HIS C 212 -31.19 2.06 25.48
N GLN C 213 -30.73 1.64 26.66
CA GLN C 213 -29.93 0.41 26.72
C GLN C 213 -30.75 -0.80 26.30
N THR C 214 -32.04 -0.84 26.67
CA THR C 214 -32.87 -1.95 26.25
C THR C 214 -32.98 -2.03 24.73
N MET C 215 -33.27 -0.90 24.07
CA MET C 215 -33.32 -0.93 22.61
C MET C 215 -31.96 -1.27 22.01
N VAL C 216 -30.87 -0.80 22.61
CA VAL C 216 -29.54 -1.07 22.04
C VAL C 216 -29.26 -2.57 22.04
N MET C 217 -29.39 -3.22 23.21
CA MET C 217 -28.99 -4.62 23.21
C MET C 217 -30.06 -5.50 22.55
N GLN C 218 -31.32 -5.07 22.55
CA GLN C 218 -32.34 -5.81 21.82
C GLN C 218 -32.08 -5.73 20.32
N PHE C 219 -31.66 -4.57 19.83
CA PHE C 219 -31.25 -4.44 18.43
C PHE C 219 -30.04 -5.31 18.13
N ILE C 220 -29.13 -5.45 19.11
CA ILE C 220 -28.01 -6.38 18.93
C ILE C 220 -28.52 -7.80 18.75
N LEU C 221 -29.49 -8.22 19.56
CA LEU C 221 -30.06 -9.56 19.40
C LEU C 221 -30.74 -9.72 18.05
N GLU C 222 -31.50 -8.71 17.59
CA GLU C 222 -32.11 -8.79 16.27
C GLU C 222 -31.08 -8.87 15.16
N LEU C 223 -29.98 -8.11 15.29
CA LEU C 223 -28.92 -8.21 14.30
C LEU C 223 -28.32 -9.61 14.28
N ALA C 224 -28.11 -10.20 15.45
CA ALA C 224 -27.61 -11.56 15.51
C ALA C 224 -28.58 -12.55 14.86
N LYS C 225 -29.88 -12.37 15.10
CA LYS C 225 -30.87 -13.23 14.47
C LYS C 225 -30.85 -13.09 12.96
N SER C 226 -30.71 -11.85 12.47
CA SER C 226 -30.64 -11.63 11.03
C SER C 226 -29.41 -12.28 10.42
N LEU C 227 -28.27 -12.20 11.11
CA LEU C 227 -27.05 -12.84 10.63
C LEU C 227 -27.00 -14.33 10.96
N LYS C 228 -27.96 -14.85 11.72
CA LYS C 228 -28.01 -16.27 12.09
C LYS C 228 -26.72 -16.70 12.80
N VAL C 229 -26.20 -15.83 13.66
CA VAL C 229 -24.96 -16.10 14.39
C VAL C 229 -25.18 -15.79 15.86
N ASP C 230 -24.29 -16.35 16.68
CA ASP C 230 -24.34 -16.12 18.12
C ASP C 230 -23.95 -14.68 18.43
N PRO C 231 -24.79 -13.91 19.14
CA PRO C 231 -24.41 -12.53 19.49
C PRO C 231 -23.26 -12.43 20.47
N ARG C 232 -22.74 -13.56 20.97
CA ARG C 232 -21.68 -13.51 21.96
C ARG C 232 -20.41 -12.90 21.40
N ALA C 233 -20.19 -13.01 20.10
CA ALA C 233 -19.05 -12.40 19.42
C ALA C 233 -19.49 -11.54 18.25
N CYS C 234 -20.70 -10.98 18.32
CA CYS C 234 -21.28 -10.18 17.25
C CYS C 234 -21.81 -8.87 17.81
N PHE C 235 -21.01 -8.20 18.64
CA PHE C 235 -21.40 -6.94 19.24
C PHE C 235 -20.59 -5.75 18.77
N ARG C 236 -19.37 -5.96 18.27
CA ARG C 236 -18.53 -4.85 17.86
C ARG C 236 -18.98 -4.23 16.55
N GLN C 237 -19.63 -5.02 15.68
CA GLN C 237 -20.02 -4.52 14.37
C GLN C 237 -21.09 -3.43 14.48
N PHE C 238 -22.06 -3.61 15.38
CA PHE C 238 -23.10 -2.60 15.55
C PHE C 238 -22.51 -1.28 16.02
N PHE C 239 -21.58 -1.33 16.98
CA PHE C 239 -20.94 -0.12 17.46
C PHE C 239 -20.08 0.53 16.37
N THR C 240 -19.30 -0.28 15.65
CA THR C 240 -18.45 0.29 14.61
C THR C 240 -19.25 0.83 13.44
N LYS C 241 -20.51 0.39 13.27
CA LYS C 241 -21.38 0.99 12.27
C LYS C 241 -22.11 2.21 12.79
N ILE C 242 -22.37 2.27 14.11
CA ILE C 242 -23.06 3.43 14.67
C ILE C 242 -22.11 4.59 14.93
N LYS C 243 -20.81 4.34 15.05
CA LYS C 243 -19.85 5.43 15.24
C LYS C 243 -19.70 6.24 13.96
N TYR C 249 -29.62 6.17 8.69
CA TYR C 249 -29.61 5.14 9.71
C TYR C 249 -29.98 5.72 11.08
N MET C 250 -29.50 6.93 11.35
CA MET C 250 -29.84 7.61 12.60
C MET C 250 -31.32 7.93 12.67
N GLU C 251 -31.91 8.37 11.55
CA GLU C 251 -33.34 8.63 11.52
C GLU C 251 -34.14 7.36 11.74
N GLY C 252 -33.73 6.26 11.13
CA GLY C 252 -34.39 4.98 11.38
C GLY C 252 -34.24 4.53 12.81
N PHE C 253 -33.06 4.76 13.41
CA PHE C 253 -32.86 4.42 14.80
C PHE C 253 -33.79 5.23 15.71
N LYS C 254 -33.94 6.52 15.43
CA LYS C 254 -34.85 7.35 16.22
C LYS C 254 -36.30 6.91 16.04
N TYR C 255 -36.68 6.55 14.80
CA TYR C 255 -38.03 6.09 14.55
C TYR C 255 -38.32 4.80 15.31
N GLU C 256 -37.39 3.85 15.29
CA GLU C 256 -37.57 2.63 16.08
C GLU C 256 -37.58 2.93 17.57
N LEU C 257 -36.77 3.91 18.01
CA LEU C 257 -36.77 4.31 19.40
C LEU C 257 -38.14 4.80 19.85
N GLU C 258 -38.73 5.73 19.10
CA GLU C 258 -40.04 6.24 19.47
C GLU C 258 -41.13 5.19 19.31
N ALA C 259 -41.01 4.30 18.32
CA ALA C 259 -41.98 3.22 18.18
C ALA C 259 -41.96 2.30 19.39
N PHE C 260 -40.77 1.90 19.83
CA PHE C 260 -40.66 1.06 21.02
C PHE C 260 -41.12 1.80 22.27
N LYS C 261 -40.85 3.11 22.35
CA LYS C 261 -41.30 3.88 23.50
C LYS C 261 -42.82 3.92 23.58
N GLU C 262 -43.49 4.19 22.46
CA GLU C 262 -44.95 4.20 22.48
C GLU C 262 -45.53 2.80 22.63
N ARG C 263 -44.80 1.77 22.23
CA ARG C 263 -45.26 0.40 22.48
C ARG C 263 -45.22 0.06 23.97
N VAL C 264 -44.09 0.36 24.63
CA VAL C 264 -43.96 0.00 26.04
C VAL C 264 -44.87 0.88 26.90
N ARG C 265 -44.98 2.17 26.57
CA ARG C 265 -45.84 3.06 27.35
C ARG C 265 -47.31 2.71 27.18
N GLY C 266 -47.71 2.27 25.99
CA GLY C 266 -49.09 1.90 25.73
C GLY C 266 -49.47 0.56 26.33
N THR D 184 -25.20 3.30 6.49
CA THR D 184 -25.88 2.65 5.37
C THR D 184 -25.10 2.86 4.07
N VAL D 185 -23.82 3.20 4.22
CA VAL D 185 -22.91 3.40 3.09
C VAL D 185 -21.79 2.38 3.23
N LYS D 186 -21.41 1.75 2.12
CA LYS D 186 -20.36 0.73 2.14
C LYS D 186 -19.01 1.33 2.45
N LEU D 187 -18.92 2.66 2.44
CA LEU D 187 -17.71 3.40 2.80
C LEU D 187 -16.56 3.10 1.84
N ASP D 188 -16.88 2.95 0.55
CA ASP D 188 -15.97 2.76 -0.58
C ASP D 188 -14.63 2.12 -0.20
N THR D 189 -13.53 2.67 -0.71
CA THR D 189 -12.15 2.27 -0.39
C THR D 189 -11.80 0.88 -0.90
N MET D 190 -10.58 0.43 -0.56
CA MET D 190 -9.93 -0.78 -1.05
C MET D 190 -9.92 -0.87 -2.57
N ILE D 191 -9.20 0.07 -3.20
CA ILE D 191 -8.87 -0.02 -4.61
C ILE D 191 -7.59 -0.83 -4.73
N PHE D 192 -7.66 -1.92 -5.51
CA PHE D 192 -6.55 -2.84 -5.68
C PHE D 192 -5.72 -2.49 -6.92
N GLY D 193 -6.12 -1.43 -7.61
CA GLY D 193 -5.49 -1.06 -8.86
C GLY D 193 -5.62 -2.19 -9.87
N VAL D 194 -4.58 -2.34 -10.69
CA VAL D 194 -4.51 -3.43 -11.65
C VAL D 194 -3.08 -3.57 -12.14
N ILE D 195 -2.68 -4.80 -12.48
CA ILE D 195 -1.43 -5.00 -13.20
C ILE D 195 -1.68 -4.54 -14.63
N GLU D 196 -0.62 -4.11 -15.31
CA GLU D 196 -0.78 -3.72 -16.71
C GLU D 196 -1.00 -4.98 -17.54
N TYR D 197 -2.04 -4.96 -18.39
CA TYR D 197 -2.45 -6.16 -19.10
C TYR D 197 -1.31 -6.70 -19.98
N CYS D 198 -0.96 -7.96 -19.78
CA CYS D 198 0.05 -8.61 -20.61
C CYS D 198 -0.48 -8.73 -22.04
N GLU D 199 0.39 -8.56 -23.03
CA GLU D 199 -0.04 -8.53 -24.41
C GLU D 199 1.08 -8.96 -25.36
N ARG D 200 1.87 -8.02 -25.87
CA ARG D 200 3.01 -8.35 -26.72
C ARG D 200 3.99 -9.22 -25.95
N GLY D 201 4.48 -10.28 -26.58
CA GLY D 201 5.31 -11.25 -25.88
C GLY D 201 6.66 -11.53 -26.49
N SER D 202 6.94 -10.95 -27.66
CA SER D 202 8.19 -11.27 -28.34
C SER D 202 8.94 -10.07 -28.89
N LEU D 203 8.33 -8.89 -29.00
CA LEU D 203 8.93 -7.71 -29.64
C LEU D 203 9.22 -8.00 -31.10
N ARG D 204 8.85 -9.20 -31.56
CA ARG D 204 8.94 -9.59 -32.96
C ARG D 204 7.59 -9.74 -33.63
N GLU D 205 6.60 -10.29 -32.92
CA GLU D 205 5.24 -10.38 -33.46
C GLU D 205 4.61 -9.02 -33.64
N VAL D 206 5.09 -8.00 -32.93
CA VAL D 206 4.60 -6.64 -33.15
C VAL D 206 4.98 -6.16 -34.55
N LEU D 207 6.14 -6.57 -35.04
CA LEU D 207 6.64 -6.14 -36.34
C LEU D 207 5.99 -6.89 -37.51
N ASN D 208 4.89 -7.59 -37.27
CA ASN D 208 4.27 -8.42 -38.31
C ASN D 208 2.87 -7.94 -38.69
N ASP D 209 2.00 -7.66 -37.72
CA ASP D 209 0.58 -7.46 -37.97
C ASP D 209 0.22 -5.99 -37.84
N THR D 210 -0.57 -5.49 -38.80
CA THR D 210 -1.11 -4.14 -38.71
C THR D 210 -2.32 -4.06 -37.79
N ILE D 211 -2.97 -5.19 -37.50
CA ILE D 211 -4.13 -5.18 -36.63
C ILE D 211 -3.73 -4.77 -35.21
N SER D 212 -2.65 -5.35 -34.70
CA SER D 212 -2.16 -4.96 -33.38
C SER D 212 -1.52 -3.58 -33.42
N TYR D 213 -0.71 -3.31 -34.43
CA TYR D 213 -0.07 -2.00 -34.58
C TYR D 213 0.12 -1.70 -36.07
N PRO D 214 -0.50 -0.63 -36.58
CA PRO D 214 -0.42 -0.34 -38.01
C PRO D 214 1.02 -0.14 -38.48
N ASP D 215 1.28 -0.61 -39.70
CA ASP D 215 2.61 -0.54 -40.30
C ASP D 215 2.78 0.63 -41.25
N GLY D 216 1.76 1.49 -41.38
CA GLY D 216 1.81 2.56 -42.36
C GLY D 216 2.37 3.87 -41.82
N THR D 217 1.53 4.91 -41.83
CA THR D 217 1.95 6.22 -41.35
C THR D 217 2.28 6.24 -39.86
N PHE D 218 1.87 5.20 -39.12
CA PHE D 218 2.16 5.13 -37.69
C PHE D 218 3.66 4.96 -37.45
N MET D 219 4.40 4.55 -38.49
CA MET D 219 5.84 4.38 -38.40
C MET D 219 6.53 5.75 -38.39
N ASP D 220 7.32 6.00 -37.36
CA ASP D 220 8.00 7.29 -37.18
C ASP D 220 9.41 7.02 -36.67
N TRP D 221 10.08 8.06 -36.16
CA TRP D 221 11.39 7.92 -35.57
C TRP D 221 11.40 8.09 -34.05
N GLU D 222 10.43 8.81 -33.49
CA GLU D 222 10.42 9.04 -32.05
C GLU D 222 10.17 7.74 -31.30
N PHE D 223 9.33 6.85 -31.86
CA PHE D 223 9.15 5.54 -31.24
C PHE D 223 10.45 4.75 -31.20
N LYS D 224 11.20 4.73 -32.31
CA LYS D 224 12.43 3.96 -32.33
C LYS D 224 13.48 4.53 -31.38
N ILE D 225 13.65 5.85 -31.37
CA ILE D 225 14.63 6.41 -30.44
C ILE D 225 14.18 6.17 -29.00
N SER D 226 12.87 6.23 -28.74
CA SER D 226 12.38 5.98 -27.39
C SER D 226 12.67 4.55 -26.94
N VAL D 227 12.33 3.57 -27.77
CA VAL D 227 12.50 2.18 -27.37
C VAL D 227 13.98 1.85 -27.23
N LEU D 228 14.82 2.34 -28.15
CA LEU D 228 16.25 2.13 -28.00
C LEU D 228 16.77 2.80 -26.74
N TYR D 229 16.20 3.95 -26.36
CA TYR D 229 16.61 4.63 -25.15
C TYR D 229 16.26 3.81 -23.92
N ASP D 230 15.05 3.23 -23.88
CA ASP D 230 14.69 2.40 -22.72
C ASP D 230 15.59 1.17 -22.64
N ILE D 231 15.86 0.52 -23.78
CA ILE D 231 16.78 -0.62 -23.75
C ILE D 231 18.16 -0.19 -23.26
N ALA D 232 18.61 0.99 -23.70
CA ALA D 232 19.93 1.46 -23.30
C ALA D 232 20.01 1.69 -21.79
N LYS D 233 19.02 2.38 -21.23
CA LYS D 233 19.06 2.64 -19.78
C LYS D 233 18.90 1.35 -18.98
N GLY D 234 18.06 0.44 -19.45
CA GLY D 234 17.92 -0.84 -18.76
C GLY D 234 19.22 -1.63 -18.75
N MET D 235 19.90 -1.70 -19.90
CA MET D 235 21.18 -2.39 -19.96
C MET D 235 22.22 -1.70 -19.11
N SER D 236 22.23 -0.37 -19.10
CA SER D 236 23.18 0.38 -18.29
C SER D 236 23.00 0.08 -16.81
N TYR D 237 21.75 0.05 -16.34
CA TYR D 237 21.51 -0.30 -14.95
C TYR D 237 21.89 -1.74 -14.67
N LEU D 238 21.55 -2.66 -15.58
CA LEU D 238 21.82 -4.08 -15.35
C LEU D 238 23.31 -4.34 -15.25
N HIS D 239 24.11 -3.66 -16.08
CA HIS D 239 25.54 -3.94 -16.15
C HIS D 239 26.32 -3.34 -14.99
N SER D 240 25.69 -2.54 -14.12
CA SER D 240 26.40 -1.98 -12.98
C SER D 240 26.65 -3.01 -11.90
N SER D 241 25.67 -3.87 -11.63
CA SER D 241 25.70 -4.75 -10.47
C SER D 241 26.48 -6.02 -10.76
N LYS D 242 26.42 -6.98 -9.83
CA LYS D 242 27.19 -8.22 -9.95
C LYS D 242 26.64 -9.14 -11.04
N THR D 243 25.43 -8.92 -11.52
CA THR D 243 24.84 -9.71 -12.58
C THR D 243 24.99 -9.02 -13.93
N GLU D 244 26.14 -8.36 -14.13
CA GLU D 244 26.36 -7.54 -15.31
C GLU D 244 26.41 -8.37 -16.59
N VAL D 245 26.63 -9.67 -16.47
CA VAL D 245 26.67 -10.56 -17.63
C VAL D 245 25.29 -11.16 -17.85
N HIS D 246 24.74 -10.97 -19.04
CA HIS D 246 23.40 -11.46 -19.36
C HIS D 246 23.45 -12.82 -20.04
N GLY D 247 24.08 -12.91 -21.21
CA GLY D 247 24.33 -14.16 -21.88
C GLY D 247 23.34 -14.53 -22.97
N ARG D 248 22.15 -13.93 -22.97
CA ARG D 248 21.10 -14.31 -23.89
C ARG D 248 20.39 -13.09 -24.48
N LEU D 249 21.17 -12.10 -24.93
CA LEU D 249 20.57 -10.91 -25.51
C LEU D 249 19.81 -11.28 -26.78
N LYS D 250 18.49 -11.24 -26.71
CA LYS D 250 17.61 -11.78 -27.74
C LYS D 250 16.31 -11.00 -27.73
N SER D 251 15.82 -10.64 -28.92
CA SER D 251 14.65 -9.76 -28.99
C SER D 251 13.40 -10.46 -28.47
N THR D 252 13.23 -11.74 -28.78
CA THR D 252 12.08 -12.47 -28.27
C THR D 252 12.12 -12.60 -26.75
N ASN D 253 13.28 -12.37 -26.14
CA ASN D 253 13.34 -12.19 -24.69
C ASN D 253 12.74 -10.87 -24.27
N CYS D 254 12.99 -9.81 -25.04
CA CYS D 254 12.46 -8.50 -24.70
C CYS D 254 10.94 -8.49 -24.80
N VAL D 255 10.29 -7.79 -23.87
CA VAL D 255 8.83 -7.75 -23.78
C VAL D 255 8.40 -6.29 -23.69
N VAL D 256 7.27 -5.97 -24.32
CA VAL D 256 6.66 -4.65 -24.18
C VAL D 256 5.24 -4.82 -23.65
N ASP D 257 4.91 -4.05 -22.62
CA ASP D 257 3.59 -4.08 -22.01
C ASP D 257 2.71 -2.99 -22.62
N SER D 258 1.56 -2.75 -22.01
CA SER D 258 0.62 -1.77 -22.52
C SER D 258 0.70 -0.43 -21.81
N ARG D 259 1.75 -0.19 -21.02
CA ARG D 259 2.09 1.14 -20.54
C ARG D 259 3.15 1.82 -21.41
N MET D 260 3.43 1.26 -22.59
CA MET D 260 4.52 1.73 -23.45
C MET D 260 5.86 1.68 -22.71
N VAL D 261 6.11 0.55 -22.04
CA VAL D 261 7.35 0.31 -21.34
C VAL D 261 7.93 -1.01 -21.85
N VAL D 262 9.25 -1.14 -21.75
CA VAL D 262 9.95 -2.33 -22.23
C VAL D 262 10.67 -2.99 -21.06
N LYS D 263 10.65 -4.31 -21.04
CA LYS D 263 11.30 -5.12 -20.03
C LYS D 263 12.28 -6.06 -20.70
N ILE D 264 13.44 -6.24 -20.06
CA ILE D 264 14.40 -7.24 -20.48
C ILE D 264 14.40 -8.38 -19.46
N THR D 265 13.68 -9.45 -19.79
CA THR D 265 13.43 -10.54 -18.86
C THR D 265 14.34 -11.74 -19.18
N ASP D 266 14.05 -12.87 -18.51
CA ASP D 266 14.75 -14.11 -18.83
C ASP D 266 14.01 -14.89 -19.90
N PHE D 267 12.73 -15.17 -19.67
CA PHE D 267 11.83 -15.78 -20.65
C PHE D 267 12.34 -17.15 -21.11
N GLY D 268 13.49 -17.19 -21.77
CA GLY D 268 14.02 -18.42 -22.32
C GLY D 268 14.26 -19.51 -21.30
N CYS D 269 14.71 -19.12 -20.10
CA CYS D 269 14.96 -20.05 -19.01
C CYS D 269 15.97 -21.12 -19.39
N LEU D 273 25.99 -25.79 -22.56
CA LEU D 273 25.45 -26.89 -23.38
C LEU D 273 24.61 -26.44 -24.60
N PRO D 274 23.70 -25.47 -24.44
CA PRO D 274 22.80 -25.11 -25.55
C PRO D 274 23.56 -24.86 -26.84
N PRO D 275 23.36 -25.72 -27.85
CA PRO D 275 24.02 -25.52 -29.14
C PRO D 275 23.19 -24.66 -30.09
N LYS D 276 22.24 -23.90 -29.54
CA LYS D 276 21.20 -23.30 -30.35
C LYS D 276 21.77 -22.21 -31.25
N LYS D 277 22.28 -22.62 -32.41
CA LYS D 277 22.85 -21.68 -33.36
C LYS D 277 21.79 -20.73 -33.90
N ASP D 278 22.16 -19.46 -34.02
CA ASP D 278 21.29 -18.45 -34.59
C ASP D 278 22.17 -17.32 -35.12
N LEU D 279 21.56 -16.46 -35.93
CA LEU D 279 22.27 -15.30 -36.45
C LEU D 279 22.66 -14.33 -35.33
N TRP D 280 22.01 -14.47 -34.18
CA TRP D 280 22.08 -13.48 -33.12
C TRP D 280 23.28 -13.70 -32.21
N THR D 281 23.89 -14.87 -32.25
CA THR D 281 25.08 -15.14 -31.46
C THR D 281 26.31 -14.50 -32.12
N ALA D 282 27.29 -14.20 -31.31
CA ALA D 282 28.49 -13.63 -31.91
C ALA D 282 29.44 -14.74 -32.34
N PRO D 283 30.29 -14.47 -33.33
CA PRO D 283 31.28 -15.48 -33.75
C PRO D 283 32.25 -15.85 -32.64
N GLU D 284 32.36 -15.04 -31.59
CA GLU D 284 33.21 -15.40 -30.46
C GLU D 284 32.70 -16.65 -29.75
N HIS D 285 31.40 -16.93 -29.85
CA HIS D 285 30.87 -18.19 -29.33
C HIS D 285 31.10 -19.32 -30.32
N LEU D 286 30.84 -19.06 -31.61
CA LEU D 286 30.98 -20.09 -32.63
C LEU D 286 32.42 -20.57 -32.77
N ARG D 287 33.40 -19.75 -32.41
CA ARG D 287 34.79 -20.20 -32.55
C ARG D 287 35.17 -21.17 -31.44
N GLN D 288 35.23 -20.70 -30.18
CA GLN D 288 35.54 -21.59 -29.07
C GLN D 288 34.45 -21.67 -28.02
N ALA D 289 34.15 -20.58 -27.31
CA ALA D 289 33.34 -20.67 -26.09
C ALA D 289 33.05 -19.31 -25.46
N ASN D 290 32.52 -19.35 -24.24
CA ASN D 290 32.58 -18.23 -23.29
C ASN D 290 31.85 -16.96 -23.73
N ILE D 291 30.52 -17.03 -23.77
CA ILE D 291 29.69 -15.82 -23.84
C ILE D 291 30.18 -14.80 -22.82
N SER D 292 30.44 -13.59 -23.28
CA SER D 292 30.99 -12.53 -22.45
C SER D 292 30.50 -11.19 -22.99
N GLN D 293 31.19 -10.11 -22.60
CA GLN D 293 30.80 -8.76 -23.01
C GLN D 293 30.63 -8.64 -24.52
N LYS D 294 31.59 -9.15 -25.28
CA LYS D 294 31.60 -8.94 -26.73
C LYS D 294 30.35 -9.52 -27.38
N GLY D 295 29.91 -10.68 -26.91
CA GLY D 295 28.66 -11.23 -27.41
C GLY D 295 27.48 -10.31 -27.13
N ASP D 296 27.46 -9.69 -25.95
CA ASP D 296 26.38 -8.76 -25.64
C ASP D 296 26.40 -7.55 -26.57
N VAL D 297 27.58 -7.00 -26.85
CA VAL D 297 27.66 -5.86 -27.76
C VAL D 297 27.21 -6.26 -29.16
N TYR D 298 27.66 -7.42 -29.63
CA TYR D 298 27.28 -7.89 -30.97
C TYR D 298 25.77 -8.11 -31.06
N SER D 299 25.18 -8.71 -30.03
CA SER D 299 23.73 -8.93 -30.02
C SER D 299 22.97 -7.61 -29.99
N TYR D 300 23.45 -6.64 -29.21
CA TYR D 300 22.84 -5.32 -29.22
C TYR D 300 22.89 -4.72 -30.62
N GLY D 301 24.02 -4.85 -31.30
CA GLY D 301 24.12 -4.32 -32.65
C GLY D 301 23.12 -4.95 -33.60
N ILE D 302 23.00 -6.29 -33.56
CA ILE D 302 22.12 -6.95 -34.52
C ILE D 302 20.65 -6.65 -34.21
N ILE D 303 20.28 -6.58 -32.93
CA ILE D 303 18.88 -6.26 -32.62
C ILE D 303 18.57 -4.82 -33.01
N ALA D 304 19.54 -3.91 -32.80
CA ALA D 304 19.32 -2.52 -33.23
C ALA D 304 19.11 -2.47 -34.74
N GLN D 305 19.92 -3.23 -35.50
CA GLN D 305 19.73 -3.32 -36.94
C GLN D 305 18.32 -3.80 -37.29
N GLU D 306 17.90 -4.90 -36.67
CA GLU D 306 16.61 -5.48 -37.02
C GLU D 306 15.46 -4.53 -36.67
N ILE D 307 15.62 -3.77 -35.58
CA ILE D 307 14.55 -2.87 -35.18
C ILE D 307 14.54 -1.57 -35.98
N ILE D 308 15.66 -1.16 -36.57
CA ILE D 308 15.62 0.05 -37.38
C ILE D 308 15.14 -0.27 -38.79
N LEU D 309 15.66 -1.33 -39.41
CA LEU D 309 15.33 -1.57 -40.81
C LEU D 309 13.92 -2.12 -40.98
N ARG D 310 13.40 -2.87 -40.01
CA ARG D 310 12.08 -3.50 -40.08
C ARG D 310 12.04 -4.46 -41.28
N LYS D 311 12.81 -5.53 -41.16
CA LYS D 311 12.87 -6.56 -42.19
C LYS D 311 13.14 -7.89 -41.49
N GLU D 312 13.49 -8.90 -42.28
CA GLU D 312 13.74 -10.23 -41.73
C GLU D 312 15.05 -10.27 -40.96
N THR D 313 15.20 -11.32 -40.16
CA THR D 313 16.41 -11.50 -39.35
C THR D 313 17.63 -11.70 -40.24
N PHE D 314 18.58 -10.77 -40.14
CA PHE D 314 19.80 -10.78 -40.95
C PHE D 314 19.47 -10.89 -42.44
N TYR D 315 18.47 -10.12 -42.87
CA TYR D 315 18.05 -10.14 -44.26
C TYR D 315 19.19 -9.68 -45.15
N THR D 316 19.44 -10.43 -46.21
CA THR D 316 20.37 -10.04 -47.28
C THR D 316 19.68 -10.26 -48.61
N LEU D 317 19.81 -9.28 -49.52
CA LEU D 317 19.21 -9.41 -50.83
C LEU D 317 19.88 -10.48 -51.68
N SER D 318 21.07 -10.94 -51.29
CA SER D 318 21.80 -11.91 -52.09
C SER D 318 21.29 -13.35 -51.93
N CYS D 319 20.68 -13.67 -50.80
CA CYS D 319 20.26 -15.05 -50.54
C CYS D 319 19.16 -15.06 -49.49
N ARG D 320 18.36 -16.13 -49.51
CA ARG D 320 17.19 -16.23 -48.65
C ARG D 320 17.02 -17.63 -48.05
N ASP D 321 18.09 -18.40 -47.92
CA ASP D 321 18.03 -19.72 -47.31
C ASP D 321 18.86 -19.76 -46.02
N ARG D 322 18.34 -20.48 -45.02
CA ARG D 322 18.87 -20.37 -43.66
C ARG D 322 20.19 -21.09 -43.50
N ASN D 323 20.31 -22.29 -44.10
CA ASN D 323 21.52 -23.09 -43.90
C ASN D 323 22.76 -22.38 -44.42
N GLU D 324 22.65 -21.72 -45.57
CA GLU D 324 23.81 -20.98 -46.07
C GLU D 324 24.04 -19.70 -45.26
N LYS D 325 23.00 -19.16 -44.62
CA LYS D 325 23.24 -18.10 -43.63
C LYS D 325 24.17 -18.61 -42.54
N ILE D 326 23.85 -19.76 -41.96
CA ILE D 326 24.69 -20.33 -40.90
C ILE D 326 26.08 -20.64 -41.45
N PHE D 327 26.16 -21.13 -42.68
CA PHE D 327 27.45 -21.49 -43.27
C PHE D 327 28.32 -20.26 -43.49
N ARG D 328 27.72 -19.16 -43.96
CA ARG D 328 28.46 -17.91 -44.09
C ARG D 328 28.90 -17.38 -42.74
N VAL D 329 28.05 -17.54 -41.72
CA VAL D 329 28.45 -17.15 -40.37
C VAL D 329 29.65 -17.98 -39.91
N GLU D 330 29.68 -19.26 -40.30
CA GLU D 330 30.83 -20.11 -40.00
C GLU D 330 32.10 -19.56 -40.64
N ASN D 331 31.98 -18.72 -41.67
CA ASN D 331 33.11 -18.08 -42.31
C ASN D 331 33.33 -16.65 -41.83
N SER D 332 32.64 -16.23 -40.77
CA SER D 332 32.78 -14.86 -40.27
C SER D 332 34.18 -14.59 -39.71
N ASN D 333 34.95 -15.62 -39.39
CA ASN D 333 36.31 -15.48 -38.94
C ASN D 333 37.31 -15.53 -40.10
N GLY D 334 36.83 -15.38 -41.33
CA GLY D 334 37.70 -15.40 -42.49
C GLY D 334 38.41 -14.08 -42.70
N MET D 335 38.56 -13.68 -43.97
CA MET D 335 39.30 -12.48 -44.30
C MET D 335 38.42 -11.29 -44.66
N LYS D 336 37.13 -11.50 -44.90
CA LYS D 336 36.22 -10.40 -45.17
C LYS D 336 34.98 -10.50 -44.29
N PRO D 337 34.55 -9.40 -43.69
CA PRO D 337 33.33 -9.43 -42.89
C PRO D 337 32.08 -9.57 -43.76
N PHE D 338 31.02 -10.08 -43.15
CA PHE D 338 29.73 -10.28 -43.83
C PHE D 338 28.67 -9.82 -42.83
N ARG D 339 28.19 -8.61 -43.02
CA ARG D 339 27.36 -7.89 -42.05
C ARG D 339 25.97 -7.62 -42.61
N PRO D 340 25.02 -7.21 -41.76
CA PRO D 340 23.69 -6.85 -42.26
C PRO D 340 23.77 -5.67 -43.23
N ASP D 341 22.82 -5.64 -44.16
CA ASP D 341 22.87 -4.68 -45.26
C ASP D 341 22.48 -3.28 -44.80
N LEU D 342 23.49 -2.47 -44.48
CA LEU D 342 23.32 -1.04 -44.23
C LEU D 342 24.36 -0.24 -45.01
N PHE D 343 24.48 -0.51 -46.31
CA PHE D 343 25.52 0.13 -47.11
C PHE D 343 25.38 1.65 -47.13
N LEU D 344 24.30 2.15 -47.72
CA LEU D 344 24.20 3.59 -47.94
C LEU D 344 22.76 4.07 -48.11
N GLU D 345 22.63 5.33 -48.53
CA GLU D 345 21.37 6.07 -48.68
C GLU D 345 20.80 6.31 -47.29
N THR D 346 20.46 7.56 -47.00
CA THR D 346 19.95 7.90 -45.67
C THR D 346 18.55 8.51 -45.70
N ALA D 347 18.37 9.57 -46.47
CA ALA D 347 17.15 10.37 -46.54
C ALA D 347 16.77 10.97 -45.21
N GLU D 348 17.59 10.79 -44.16
CA GLU D 348 17.19 11.14 -42.80
C GLU D 348 18.27 11.94 -42.08
N GLU D 349 19.54 11.71 -42.43
CA GLU D 349 20.68 12.21 -41.66
C GLU D 349 20.52 11.89 -40.18
N LYS D 350 20.22 12.92 -39.39
CA LYS D 350 19.84 12.79 -37.99
C LYS D 350 20.72 11.80 -37.21
N GLU D 351 20.34 10.52 -37.25
CA GLU D 351 20.95 9.48 -36.43
C GLU D 351 22.27 8.99 -37.02
N LEU D 352 22.91 9.81 -37.86
CA LEU D 352 24.24 9.48 -38.38
C LEU D 352 25.15 8.94 -37.27
N GLU D 353 25.04 9.50 -36.06
CA GLU D 353 25.77 8.95 -34.93
C GLU D 353 25.37 7.50 -34.68
N VAL D 354 24.07 7.24 -34.62
CA VAL D 354 23.58 5.87 -34.34
C VAL D 354 24.05 4.92 -35.42
N TYR D 355 24.10 5.38 -36.68
CA TYR D 355 24.68 4.55 -37.73
C TYR D 355 26.17 4.33 -37.50
N LEU D 356 26.88 5.31 -36.94
CA LEU D 356 28.27 5.07 -36.57
C LEU D 356 28.38 3.96 -35.52
N LEU D 357 27.51 3.98 -34.52
CA LEU D 357 27.47 2.88 -33.55
C LEU D 357 27.20 1.54 -34.23
N VAL D 358 26.19 1.47 -35.11
CA VAL D 358 25.84 0.17 -35.68
C VAL D 358 26.95 -0.31 -36.61
N LYS D 359 27.69 0.60 -37.24
CA LYS D 359 28.88 0.19 -37.98
C LYS D 359 29.97 -0.31 -37.03
N ASN D 360 30.09 0.34 -35.86
CA ASN D 360 31.08 -0.08 -34.87
C ASN D 360 30.82 -1.49 -34.37
N CYS D 361 29.54 -1.87 -34.23
CA CYS D 361 29.20 -3.18 -33.69
C CYS D 361 29.47 -4.33 -34.65
N TRP D 362 29.91 -4.05 -35.88
CA TRP D 362 30.02 -5.06 -36.93
C TRP D 362 31.45 -5.30 -37.39
N GLU D 363 32.39 -5.45 -36.46
CA GLU D 363 33.78 -5.67 -36.81
C GLU D 363 34.28 -6.99 -36.23
N GLU D 364 35.16 -7.66 -36.99
CA GLU D 364 35.66 -8.98 -36.58
C GLU D 364 36.44 -8.88 -35.27
N ASP D 365 37.27 -7.85 -35.11
CA ASP D 365 38.05 -7.71 -33.89
C ASP D 365 37.13 -7.35 -32.73
N PRO D 366 37.10 -8.16 -31.66
CA PRO D 366 36.24 -7.82 -30.52
C PRO D 366 36.87 -6.81 -29.55
N GLU D 367 38.10 -6.40 -29.79
CA GLU D 367 38.81 -5.57 -28.82
C GLU D 367 38.29 -4.14 -28.75
N LYS D 368 38.05 -3.50 -29.90
CA LYS D 368 37.80 -2.06 -29.88
C LYS D 368 36.37 -1.72 -29.50
N ARG D 369 35.47 -2.70 -29.47
CA ARG D 369 34.04 -2.44 -29.33
C ARG D 369 33.76 -1.53 -28.14
N PRO D 370 32.93 -0.50 -28.30
CA PRO D 370 32.78 0.52 -27.26
C PRO D 370 31.96 0.01 -26.08
N ASP D 371 32.07 0.74 -24.97
CA ASP D 371 31.27 0.49 -23.79
C ASP D 371 29.93 1.19 -23.94
N PHE D 372 29.04 0.96 -22.97
CA PHE D 372 27.67 1.47 -23.06
C PHE D 372 27.59 2.98 -22.96
N LYS D 373 28.66 3.64 -22.50
CA LYS D 373 28.57 5.04 -22.12
C LYS D 373 28.28 5.94 -23.32
N LYS D 374 29.03 5.77 -24.41
CA LYS D 374 28.79 6.60 -25.59
C LYS D 374 27.39 6.38 -26.14
N ILE D 375 26.95 5.12 -26.18
CA ILE D 375 25.62 4.81 -26.69
C ILE D 375 24.56 5.53 -25.87
N GLU D 376 24.62 5.41 -24.55
CA GLU D 376 23.55 6.00 -23.73
C GLU D 376 23.63 7.51 -23.74
N THR D 377 24.83 8.09 -23.80
CA THR D 377 24.94 9.55 -23.89
C THR D 377 24.33 10.07 -25.18
N THR D 378 24.67 9.47 -26.31
CA THR D 378 24.12 9.95 -27.57
C THR D 378 22.61 9.73 -27.64
N LEU D 379 22.12 8.61 -27.10
CA LEU D 379 20.68 8.36 -27.11
C LEU D 379 19.96 9.37 -26.22
N ALA D 380 20.52 9.67 -25.04
CA ALA D 380 19.92 10.66 -24.16
C ALA D 380 19.90 12.04 -24.80
N LYS D 381 20.98 12.42 -25.48
CA LYS D 381 21.01 13.75 -26.09
C LYS D 381 20.00 13.83 -27.23
N ILE D 382 19.87 12.78 -28.03
CA ILE D 382 18.89 12.81 -29.11
C ILE D 382 17.46 12.83 -28.55
N PHE D 383 17.20 12.06 -27.50
CA PHE D 383 15.88 12.08 -26.87
C PHE D 383 15.56 13.44 -26.28
N GLY D 384 16.56 14.09 -25.68
CA GLY D 384 16.35 15.43 -25.17
C GLY D 384 16.07 16.44 -26.28
N LEU D 385 16.80 16.32 -27.39
CA LEU D 385 16.53 17.18 -28.54
C LEU D 385 15.13 16.95 -29.09
N PHE D 386 14.62 15.73 -28.99
CA PHE D 386 13.26 15.44 -29.42
C PHE D 386 12.22 15.66 -28.33
N HIS D 387 12.64 16.03 -27.12
CA HIS D 387 11.72 16.20 -26.00
C HIS D 387 11.50 17.65 -25.61
N ASP D 388 12.50 18.52 -25.78
CA ASP D 388 12.35 19.92 -25.40
C ASP D 388 11.35 20.66 -26.30
N GLN D 389 11.05 20.12 -27.47
CA GLN D 389 10.07 20.73 -28.36
C GLN D 389 8.68 20.69 -27.75
#